data_7D5D
# 
_entry.id   7D5D 
# 
_audit_conform.dict_name       mmcif_pdbx.dic 
_audit_conform.dict_version    5.380 
_audit_conform.dict_location   http://mmcif.pdb.org/dictionaries/ascii/mmcif_pdbx.dic 
# 
loop_
_database_2.database_id 
_database_2.database_code 
_database_2.pdbx_database_accession 
_database_2.pdbx_DOI 
PDB   7D5D         pdb_00007d5d 10.2210/pdb7d5d/pdb 
WWPDB D_1300017850 ?            ?                   
# 
_pdbx_database_status.status_code                     REL 
_pdbx_database_status.status_code_sf                  REL 
_pdbx_database_status.status_code_mr                  ? 
_pdbx_database_status.entry_id                        7D5D 
_pdbx_database_status.recvd_initial_deposition_date   2020-09-25 
_pdbx_database_status.SG_entry                        N 
_pdbx_database_status.deposit_site                    PDBJ 
_pdbx_database_status.process_site                    PDBJ 
_pdbx_database_status.status_code_cs                  ? 
_pdbx_database_status.status_code_nmr_data            ? 
_pdbx_database_status.methods_development_category    ? 
_pdbx_database_status.pdb_format_compatible           Y 
# 
loop_
_audit_author.name 
_audit_author.pdbx_ordinal 
_audit_author.identifier_ORCID 
'Das, P.'        1 ? 
'Ngo, K.H.'      2 ? 
'Winnerdy, F.R.' 3 ? 
'Maity, A.'      4 ? 
'Bakalar, B.'    5 ? 
'Mechulam, Y.'   6 ? 
'Schmitt, E.'    7 ? 
'Phan, A.T.'     8 ? 
# 
_citation.abstract                  ? 
_citation.abstract_id_CAS           ? 
_citation.book_id_ISBN              ? 
_citation.book_publisher            ? 
_citation.book_publisher_city       ? 
_citation.book_title                ? 
_citation.coordinate_linkage        ? 
_citation.country                   UK 
_citation.database_id_Medline       ? 
_citation.details                   ? 
_citation.id                        primary 
_citation.journal_abbrev            'Nucleic Acids Res.' 
_citation.journal_id_ASTM           NARHAD 
_citation.journal_id_CSD            0389 
_citation.journal_id_ISSN           1362-4962 
_citation.journal_full              ? 
_citation.journal_issue             ? 
_citation.journal_volume            49 
_citation.language                  ? 
_citation.page_first                1724 
_citation.page_last                 1736 
_citation.title                     'Bulges in left-handed G-quadruplexes.' 
_citation.year                      2021 
_citation.database_id_CSD           ? 
_citation.pdbx_database_id_DOI      10.1093/nar/gkaa1259 
_citation.pdbx_database_id_PubMed   33503265 
_citation.unpublished_flag          ? 
# 
loop_
_citation_author.citation_id 
_citation_author.name 
_citation_author.ordinal 
_citation_author.identifier_ORCID 
primary 'Das, P.'        1 ? 
primary 'Ngo, K.H.'      2 ? 
primary 'Winnerdy, F.R.' 3 ? 
primary 'Maity, A.'      4 ? 
primary 'Bakalar, B.'    5 ? 
primary 'Mechulam, Y.'   6 ? 
primary 'Schmitt, E.'    7 ? 
primary 'Phan, A.T.'     8 ? 
# 
_cell.angle_alpha                  90.000 
_cell.angle_alpha_esd              ? 
_cell.angle_beta                   115.870 
_cell.angle_beta_esd               ? 
_cell.angle_gamma                  90.000 
_cell.angle_gamma_esd              ? 
_cell.entry_id                     7D5D 
_cell.details                      ? 
_cell.formula_units_Z              ? 
_cell.length_a                     29.215 
_cell.length_a_esd                 ? 
_cell.length_b                     40.037 
_cell.length_b_esd                 ? 
_cell.length_c                     30.376 
_cell.length_c_esd                 ? 
_cell.volume                       ? 
_cell.volume_esd                   ? 
_cell.Z_PDB                        2 
_cell.reciprocal_angle_alpha       ? 
_cell.reciprocal_angle_beta        ? 
_cell.reciprocal_angle_gamma       ? 
_cell.reciprocal_angle_alpha_esd   ? 
_cell.reciprocal_angle_beta_esd    ? 
_cell.reciprocal_angle_gamma_esd   ? 
_cell.reciprocal_length_a          ? 
_cell.reciprocal_length_b          ? 
_cell.reciprocal_length_c          ? 
_cell.reciprocal_length_a_esd      ? 
_cell.reciprocal_length_b_esd      ? 
_cell.reciprocal_length_c_esd      ? 
_cell.pdbx_unique_axis             ? 
# 
_symmetry.entry_id                         7D5D 
_symmetry.cell_setting                     ? 
_symmetry.Int_Tables_number                4 
_symmetry.space_group_name_Hall            ? 
_symmetry.space_group_name_H-M             'P 1 21 1' 
_symmetry.pdbx_full_space_group_name_H-M   ? 
# 
loop_
_entity.id 
_entity.type 
_entity.src_method 
_entity.pdbx_description 
_entity.formula_weight 
_entity.pdbx_number_of_molecules 
_entity.pdbx_ec 
_entity.pdbx_mutation 
_entity.pdbx_fragment 
_entity.details 
1 polymer     syn 1xBulge-LHG4motif 8568.457 1   ? ? ? ? 
2 non-polymer syn SPERMINE          202.340  2   ? ? ? ? 
3 non-polymer syn 'POTASSIUM ION'   39.098   3   ? ? ? ? 
4 water       nat water             18.015   158 ? ? ? ? 
# 
_entity_poly.entity_id                      1 
_entity_poly.type                           polydeoxyribonucleotide 
_entity_poly.nstd_linkage                   no 
_entity_poly.nstd_monomer                   no 
_entity_poly.pdbx_seq_one_letter_code       
;(DG)(DG)(DT)(DG)(DT)(DG)(DT)(DG)(DG)(DT)(DG)(DG)(DT)(DG)(DT)(DG)(DG)(DT)(DG)(DG)
(DT)(DG)(DG)(DT)(DG)(DT)(DT)
;
_entity_poly.pdbx_seq_one_letter_code_can   GGTGTGTGGTGGTGTGGTGGTGGTGTT 
_entity_poly.pdbx_strand_id                 A 
_entity_poly.pdbx_target_identifier         ? 
# 
loop_
_entity_poly_seq.entity_id 
_entity_poly_seq.num 
_entity_poly_seq.mon_id 
_entity_poly_seq.hetero 
1 1  DG n 
1 2  DG n 
1 3  DT n 
1 4  DG n 
1 5  DT n 
1 6  DG n 
1 7  DT n 
1 8  DG n 
1 9  DG n 
1 10 DT n 
1 11 DG n 
1 12 DG n 
1 13 DT n 
1 14 DG n 
1 15 DT n 
1 16 DG n 
1 17 DG n 
1 18 DT n 
1 19 DG n 
1 20 DG n 
1 21 DT n 
1 22 DG n 
1 23 DG n 
1 24 DT n 
1 25 DG n 
1 26 DT n 
1 27 DT n 
# 
_pdbx_entity_src_syn.entity_id              1 
_pdbx_entity_src_syn.pdbx_src_id            1 
_pdbx_entity_src_syn.pdbx_alt_source_flag   sample 
_pdbx_entity_src_syn.pdbx_beg_seq_num       1 
_pdbx_entity_src_syn.pdbx_end_seq_num       27 
_pdbx_entity_src_syn.organism_scientific    'synthetic construct' 
_pdbx_entity_src_syn.organism_common_name   ? 
_pdbx_entity_src_syn.ncbi_taxonomy_id       32630 
_pdbx_entity_src_syn.details                ? 
# 
_struct_ref.id                         1 
_struct_ref.db_name                    PDB 
_struct_ref.db_code                    7D5D 
_struct_ref.pdbx_db_accession          7D5D 
_struct_ref.pdbx_db_isoform            ? 
_struct_ref.entity_id                  1 
_struct_ref.pdbx_seq_one_letter_code   ? 
_struct_ref.pdbx_align_begin           1 
# 
_struct_ref_seq.align_id                      1 
_struct_ref_seq.ref_id                        1 
_struct_ref_seq.pdbx_PDB_id_code              7D5D 
_struct_ref_seq.pdbx_strand_id                A 
_struct_ref_seq.seq_align_beg                 1 
_struct_ref_seq.pdbx_seq_align_beg_ins_code   ? 
_struct_ref_seq.seq_align_end                 27 
_struct_ref_seq.pdbx_seq_align_end_ins_code   ? 
_struct_ref_seq.pdbx_db_accession             7D5D 
_struct_ref_seq.db_align_beg                  1 
_struct_ref_seq.pdbx_db_align_beg_ins_code    ? 
_struct_ref_seq.db_align_end                  27 
_struct_ref_seq.pdbx_db_align_end_ins_code    ? 
_struct_ref_seq.pdbx_auth_seq_align_beg       1 
_struct_ref_seq.pdbx_auth_seq_align_end       27 
# 
loop_
_chem_comp.id 
_chem_comp.type 
_chem_comp.mon_nstd_flag 
_chem_comp.name 
_chem_comp.pdbx_synonyms 
_chem_comp.formula 
_chem_comp.formula_weight 
DG  'DNA linking' y "2'-DEOXYGUANOSINE-5'-MONOPHOSPHATE" ? 'C10 H14 N5 O7 P' 347.221 
DT  'DNA linking' y "THYMIDINE-5'-MONOPHOSPHATE"         ? 'C10 H15 N2 O8 P' 322.208 
HOH non-polymer   . WATER                                ? 'H2 O'            18.015  
K   non-polymer   . 'POTASSIUM ION'                      ? 'K 1'             39.098  
SPM non-polymer   . SPERMINE                             ? 'C10 H26 N4'      202.340 
# 
_exptl.absorpt_coefficient_mu     ? 
_exptl.absorpt_correction_T_max   ? 
_exptl.absorpt_correction_T_min   ? 
_exptl.absorpt_correction_type    ? 
_exptl.absorpt_process_details    ? 
_exptl.entry_id                   7D5D 
_exptl.crystals_number            1 
_exptl.details                    ? 
_exptl.method                     'X-RAY DIFFRACTION' 
_exptl.method_details             ? 
# 
_exptl_crystal.colour                      ? 
_exptl_crystal.density_diffrn              ? 
_exptl_crystal.density_Matthews            1.87 
_exptl_crystal.density_method              ? 
_exptl_crystal.density_percent_sol         34.07 
_exptl_crystal.description                 ? 
_exptl_crystal.F_000                       ? 
_exptl_crystal.id                          1 
_exptl_crystal.preparation                 ? 
_exptl_crystal.size_max                    ? 
_exptl_crystal.size_mid                    ? 
_exptl_crystal.size_min                    ? 
_exptl_crystal.size_rad                    ? 
_exptl_crystal.colour_lustre               ? 
_exptl_crystal.colour_modifier             ? 
_exptl_crystal.colour_primary              ? 
_exptl_crystal.density_meas                ? 
_exptl_crystal.density_meas_esd            ? 
_exptl_crystal.density_meas_gt             ? 
_exptl_crystal.density_meas_lt             ? 
_exptl_crystal.density_meas_temp           ? 
_exptl_crystal.density_meas_temp_esd       ? 
_exptl_crystal.density_meas_temp_gt        ? 
_exptl_crystal.density_meas_temp_lt        ? 
_exptl_crystal.pdbx_crystal_image_url      ? 
_exptl_crystal.pdbx_crystal_image_format   ? 
_exptl_crystal.pdbx_mosaicity              ? 
_exptl_crystal.pdbx_mosaicity_esd          ? 
# 
_exptl_crystal_grow.apparatus       ? 
_exptl_crystal_grow.atmosphere      ? 
_exptl_crystal_grow.crystal_id      1 
_exptl_crystal_grow.details         ? 
_exptl_crystal_grow.method          'VAPOR DIFFUSION, SITTING DROP' 
_exptl_crystal_grow.method_ref      ? 
_exptl_crystal_grow.pH              6.0 
_exptl_crystal_grow.pressure        ? 
_exptl_crystal_grow.pressure_esd    ? 
_exptl_crystal_grow.seeding         ? 
_exptl_crystal_grow.seeding_ref     ? 
_exptl_crystal_grow.temp            297 
_exptl_crystal_grow.temp_details    ? 
_exptl_crystal_grow.temp_esd        ? 
_exptl_crystal_grow.time            ? 
_exptl_crystal_grow.pdbx_details    
'0.04 M sodium cacodylate trihydrate pH 6.0, 55% v/v -2-methyl-2,4-pentanediol and 0.012 M spermine tetrahydrochloride' 
_exptl_crystal_grow.pdbx_pH_range   ? 
# 
_diffrn.ambient_environment              ? 
_diffrn.ambient_temp                     100 
_diffrn.ambient_temp_details             ? 
_diffrn.ambient_temp_esd                 ? 
_diffrn.crystal_id                       1 
_diffrn.crystal_support                  ? 
_diffrn.crystal_treatment                ? 
_diffrn.details                          ? 
_diffrn.id                               1 
_diffrn.ambient_pressure                 ? 
_diffrn.ambient_pressure_esd             ? 
_diffrn.ambient_pressure_gt              ? 
_diffrn.ambient_pressure_lt              ? 
_diffrn.ambient_temp_gt                  ? 
_diffrn.ambient_temp_lt                  ? 
_diffrn.pdbx_serial_crystal_experiment   N 
# 
_diffrn_detector.details                      ? 
_diffrn_detector.detector                     PIXEL 
_diffrn_detector.diffrn_id                    1 
_diffrn_detector.type                         'DECTRIS EIGER X 9M' 
_diffrn_detector.area_resol_mean              ? 
_diffrn_detector.dtime                        ? 
_diffrn_detector.pdbx_frames_total            ? 
_diffrn_detector.pdbx_collection_time_total   ? 
_diffrn_detector.pdbx_collection_date         2017-09-10 
_diffrn_detector.pdbx_frequency               ? 
# 
_diffrn_radiation.collimation                      ? 
_diffrn_radiation.diffrn_id                        1 
_diffrn_radiation.filter_edge                      ? 
_diffrn_radiation.inhomogeneity                    ? 
_diffrn_radiation.monochromator                    ? 
_diffrn_radiation.polarisn_norm                    ? 
_diffrn_radiation.polarisn_ratio                   ? 
_diffrn_radiation.probe                            ? 
_diffrn_radiation.type                             ? 
_diffrn_radiation.xray_symbol                      ? 
_diffrn_radiation.wavelength_id                    1 
_diffrn_radiation.pdbx_monochromatic_or_laue_m_l   M 
_diffrn_radiation.pdbx_wavelength_list             ? 
_diffrn_radiation.pdbx_wavelength                  ? 
_diffrn_radiation.pdbx_diffrn_protocol             'SINGLE WAVELENGTH' 
_diffrn_radiation.pdbx_analyzer                    ? 
_diffrn_radiation.pdbx_scattering_type             x-ray 
# 
_diffrn_radiation_wavelength.id           1 
_diffrn_radiation_wavelength.wavelength   0.9793 
_diffrn_radiation_wavelength.wt           1.0 
# 
_diffrn_source.current                     ? 
_diffrn_source.details                     ? 
_diffrn_source.diffrn_id                   1 
_diffrn_source.power                       ? 
_diffrn_source.size                        ? 
_diffrn_source.source                      SYNCHROTRON 
_diffrn_source.target                      ? 
_diffrn_source.type                        'SOLEIL BEAMLINE PROXIMA 2' 
_diffrn_source.voltage                     ? 
_diffrn_source.take-off_angle              ? 
_diffrn_source.pdbx_wavelength_list        0.9793 
_diffrn_source.pdbx_wavelength             ? 
_diffrn_source.pdbx_synchrotron_beamline   'PROXIMA 2' 
_diffrn_source.pdbx_synchrotron_site       SOLEIL 
# 
_reflns.B_iso_Wilson_estimate            8.52 
_reflns.entry_id                         7D5D 
_reflns.data_reduction_details           ? 
_reflns.data_reduction_method            ? 
_reflns.d_resolution_high                1.18 
_reflns.d_resolution_low                 27.33 
_reflns.details                          ? 
_reflns.limit_h_max                      ? 
_reflns.limit_h_min                      ? 
_reflns.limit_k_max                      ? 
_reflns.limit_k_min                      ? 
_reflns.limit_l_max                      ? 
_reflns.limit_l_min                      ? 
_reflns.number_all                       ? 
_reflns.number_obs                       20747 
_reflns.observed_criterion               ? 
_reflns.observed_criterion_F_max         ? 
_reflns.observed_criterion_F_min         ? 
_reflns.observed_criterion_I_max         ? 
_reflns.observed_criterion_I_min         ? 
_reflns.observed_criterion_sigma_F       ? 
_reflns.observed_criterion_sigma_I       ? 
_reflns.percent_possible_obs             99.70 
_reflns.R_free_details                   ? 
_reflns.Rmerge_F_all                     ? 
_reflns.Rmerge_F_obs                     ? 
_reflns.Friedel_coverage                 ? 
_reflns.number_gt                        ? 
_reflns.threshold_expression             ? 
_reflns.pdbx_redundancy                  6.7 
_reflns.pdbx_Rmerge_I_obs                0.125 
_reflns.pdbx_Rmerge_I_all                ? 
_reflns.pdbx_Rsym_value                  ? 
_reflns.pdbx_netI_over_av_sigmaI         ? 
_reflns.pdbx_netI_over_sigmaI            9.00 
_reflns.pdbx_res_netI_over_av_sigmaI_2   ? 
_reflns.pdbx_res_netI_over_sigmaI_2      ? 
_reflns.pdbx_chi_squared                 ? 
_reflns.pdbx_scaling_rejects             ? 
_reflns.pdbx_d_res_high_opt              ? 
_reflns.pdbx_d_res_low_opt               ? 
_reflns.pdbx_d_res_opt_method            ? 
_reflns.phase_calculation_details        ? 
_reflns.pdbx_Rrim_I_all                  0.135 
_reflns.pdbx_Rpim_I_all                  0.052 
_reflns.pdbx_d_opt                       ? 
_reflns.pdbx_number_measured_all         ? 
_reflns.pdbx_diffrn_id                   1 
_reflns.pdbx_ordinal                     1 
_reflns.pdbx_CC_half                     0.996 
_reflns.pdbx_CC_star                     ? 
_reflns.pdbx_R_split                     ? 
# 
_reflns_shell.d_res_high                  1.182 
_reflns_shell.d_res_low                   1.224 
_reflns_shell.meanI_over_sigI_all         ? 
_reflns_shell.meanI_over_sigI_obs         ? 
_reflns_shell.number_measured_all         ? 
_reflns_shell.number_measured_obs         ? 
_reflns_shell.number_possible             ? 
_reflns_shell.number_unique_all           ? 
_reflns_shell.number_unique_obs           2060 
_reflns_shell.percent_possible_all        ? 
_reflns_shell.percent_possible_obs        ? 
_reflns_shell.Rmerge_F_all                ? 
_reflns_shell.Rmerge_F_obs                ? 
_reflns_shell.Rmerge_I_all                ? 
_reflns_shell.Rmerge_I_obs                0.938 
_reflns_shell.meanI_over_sigI_gt          ? 
_reflns_shell.meanI_over_uI_all           ? 
_reflns_shell.meanI_over_uI_gt            ? 
_reflns_shell.number_measured_gt          ? 
_reflns_shell.number_unique_gt            ? 
_reflns_shell.percent_possible_gt         ? 
_reflns_shell.Rmerge_F_gt                 ? 
_reflns_shell.Rmerge_I_gt                 ? 
_reflns_shell.pdbx_redundancy             ? 
_reflns_shell.pdbx_Rsym_value             ? 
_reflns_shell.pdbx_chi_squared            ? 
_reflns_shell.pdbx_netI_over_sigmaI_all   ? 
_reflns_shell.pdbx_netI_over_sigmaI_obs   ? 
_reflns_shell.pdbx_Rrim_I_all             1.028 
_reflns_shell.pdbx_Rpim_I_all             0.415 
_reflns_shell.pdbx_rejects                ? 
_reflns_shell.pdbx_ordinal                1 
_reflns_shell.pdbx_diffrn_id              1 
_reflns_shell.pdbx_CC_half                0.5 
_reflns_shell.pdbx_CC_star                ? 
_reflns_shell.pdbx_R_split                ? 
# 
_refine.aniso_B[1][1]                            -0.2700 
_refine.aniso_B[1][2]                            0.0000 
_refine.aniso_B[1][3]                            0.3000 
_refine.aniso_B[2][2]                            -0.5800 
_refine.aniso_B[2][3]                            -0.0000 
_refine.aniso_B[3][3]                            0.3800 
_refine.B_iso_max                                102.280 
_refine.B_iso_mean                               14.7860 
_refine.B_iso_min                                5.130 
_refine.correlation_coeff_Fo_to_Fc               0.9850 
_refine.correlation_coeff_Fo_to_Fc_free          0.9710 
_refine.details                                  
'HYDROGENS HAVE BEEN ADDED IN THE RIDING POSITIONS U VALUES      : REFINED INDIVIDUALLY' 
_refine.diff_density_max                         ? 
_refine.diff_density_max_esd                     ? 
_refine.diff_density_min                         ? 
_refine.diff_density_min_esd                     ? 
_refine.diff_density_rms                         ? 
_refine.diff_density_rms_esd                     ? 
_refine.entry_id                                 7D5D 
_refine.pdbx_refine_id                           'X-RAY DIFFRACTION' 
_refine.ls_abs_structure_details                 ? 
_refine.ls_abs_structure_Flack                   ? 
_refine.ls_abs_structure_Flack_esd               ? 
_refine.ls_abs_structure_Rogers                  ? 
_refine.ls_abs_structure_Rogers_esd              ? 
_refine.ls_d_res_high                            1.1800 
_refine.ls_d_res_low                             27.3300 
_refine.ls_extinction_coef                       ? 
_refine.ls_extinction_coef_esd                   ? 
_refine.ls_extinction_expression                 ? 
_refine.ls_extinction_method                     ? 
_refine.ls_goodness_of_fit_all                   ? 
_refine.ls_goodness_of_fit_all_esd               ? 
_refine.ls_goodness_of_fit_obs                   ? 
_refine.ls_goodness_of_fit_obs_esd               ? 
_refine.ls_hydrogen_treatment                    ? 
_refine.ls_matrix_type                           ? 
_refine.ls_number_constraints                    ? 
_refine.ls_number_parameters                     ? 
_refine.ls_number_reflns_all                     ? 
_refine.ls_number_reflns_obs                     19779 
_refine.ls_number_reflns_R_free                  921 
_refine.ls_number_reflns_R_work                  ? 
_refine.ls_number_restraints                     ? 
_refine.ls_percent_reflns_obs                    99.7700 
_refine.ls_percent_reflns_R_free                 4.4000 
_refine.ls_R_factor_all                          ? 
_refine.ls_R_factor_obs                          0.1212 
_refine.ls_R_factor_R_free                       0.1679 
_refine.ls_R_factor_R_free_error                 ? 
_refine.ls_R_factor_R_free_error_details         ? 
_refine.ls_R_factor_R_work                       0.1191 
_refine.ls_R_Fsqd_factor_obs                     ? 
_refine.ls_R_I_factor_obs                        ? 
_refine.ls_redundancy_reflns_all                 ? 
_refine.ls_redundancy_reflns_obs                 ? 
_refine.ls_restrained_S_all                      ? 
_refine.ls_restrained_S_obs                      ? 
_refine.ls_shift_over_esd_max                    ? 
_refine.ls_shift_over_esd_mean                   ? 
_refine.ls_structure_factor_coef                 ? 
_refine.ls_weighting_details                     ? 
_refine.ls_weighting_scheme                      ? 
_refine.ls_wR_factor_all                         ? 
_refine.ls_wR_factor_obs                         ? 
_refine.ls_wR_factor_R_free                      ? 
_refine.ls_wR_factor_R_work                      ? 
_refine.occupancy_max                            ? 
_refine.occupancy_min                            ? 
_refine.solvent_model_details                    MASK 
_refine.solvent_model_param_bsol                 ? 
_refine.solvent_model_param_ksol                 ? 
_refine.pdbx_R_complete                          ? 
_refine.ls_R_factor_gt                           ? 
_refine.ls_goodness_of_fit_gt                    ? 
_refine.ls_goodness_of_fit_ref                   ? 
_refine.ls_shift_over_su_max                     ? 
_refine.ls_shift_over_su_max_lt                  ? 
_refine.ls_shift_over_su_mean                    ? 
_refine.ls_shift_over_su_mean_lt                 ? 
_refine.pdbx_ls_sigma_I                          ? 
_refine.pdbx_ls_sigma_F                          0.000 
_refine.pdbx_ls_sigma_Fsqd                       ? 
_refine.pdbx_data_cutoff_high_absF               ? 
_refine.pdbx_data_cutoff_high_rms_absF           ? 
_refine.pdbx_data_cutoff_low_absF                ? 
_refine.pdbx_isotropic_thermal_model             ? 
_refine.pdbx_ls_cross_valid_method               THROUGHOUT 
_refine.pdbx_method_to_determine_struct          'MOLECULAR REPLACEMENT' 
_refine.pdbx_starting_model                      4U5M 
_refine.pdbx_stereochemistry_target_values       'MAXIMUM LIKELIHOOD' 
_refine.pdbx_R_Free_selection_details            RANDOM 
_refine.pdbx_stereochem_target_val_spec_case     ? 
_refine.pdbx_overall_ESU_R                       0.0360 
_refine.pdbx_overall_ESU_R_Free                  0.0400 
_refine.pdbx_solvent_vdw_probe_radii             1.2000 
_refine.pdbx_solvent_ion_probe_radii             0.8000 
_refine.pdbx_solvent_shrinkage_radii             0.8000 
_refine.pdbx_real_space_R                        ? 
_refine.pdbx_density_correlation                 ? 
_refine.pdbx_pd_number_of_powder_patterns        ? 
_refine.pdbx_pd_number_of_points                 ? 
_refine.pdbx_pd_meas_number_of_points            ? 
_refine.pdbx_pd_proc_ls_prof_R_factor            ? 
_refine.pdbx_pd_proc_ls_prof_wR_factor           ? 
_refine.pdbx_pd_Marquardt_correlation_coeff      ? 
_refine.pdbx_pd_Fsqrd_R_factor                   ? 
_refine.pdbx_pd_ls_matrix_band_width             ? 
_refine.pdbx_overall_phase_error                 ? 
_refine.pdbx_overall_SU_R_free_Cruickshank_DPI   ? 
_refine.pdbx_overall_SU_R_free_Blow_DPI          ? 
_refine.pdbx_overall_SU_R_Blow_DPI               ? 
_refine.pdbx_TLS_residual_ADP_flag               ? 
_refine.pdbx_diffrn_id                           1 
_refine.overall_SU_B                             1.7240 
_refine.overall_SU_ML                            0.0340 
_refine.overall_SU_R_Cruickshank_DPI             ? 
_refine.overall_SU_R_free                        ? 
_refine.overall_FOM_free_R_set                   ? 
_refine.overall_FOM_work_R_set                   ? 
_refine.pdbx_average_fsc_overall                 ? 
_refine.pdbx_average_fsc_work                    ? 
_refine.pdbx_average_fsc_free                    ? 
# 
_refine_hist.pdbx_refine_id                   'X-RAY DIFFRACTION' 
_refine_hist.cycle_id                         final 
_refine_hist.details                          ? 
_refine_hist.d_res_high                       1.1800 
_refine_hist.d_res_low                        27.3300 
_refine_hist.number_atoms_solvent             158 
_refine_hist.number_atoms_total               786 
_refine_hist.number_reflns_all                ? 
_refine_hist.number_reflns_obs                ? 
_refine_hist.number_reflns_R_free             ? 
_refine_hist.number_reflns_R_work             ? 
_refine_hist.R_factor_all                     ? 
_refine_hist.R_factor_obs                     ? 
_refine_hist.R_factor_R_free                  ? 
_refine_hist.R_factor_R_work                  ? 
_refine_hist.pdbx_number_residues_total       27 
_refine_hist.pdbx_B_iso_mean_ligand           21.13 
_refine_hist.pdbx_B_iso_mean_solvent          33.27 
_refine_hist.pdbx_number_atoms_protein        0 
_refine_hist.pdbx_number_atoms_nucleic_acid   569 
_refine_hist.pdbx_number_atoms_ligand         59 
_refine_hist.pdbx_number_atoms_lipid          ? 
_refine_hist.pdbx_number_atoms_carb           ? 
_refine_hist.pdbx_pseudo_atom_details         ? 
# 
loop_
_refine_ls_restr.pdbx_refine_id 
_refine_ls_restr.criterion 
_refine_ls_restr.dev_ideal 
_refine_ls_restr.dev_ideal_target 
_refine_ls_restr.number 
_refine_ls_restr.rejects 
_refine_ls_restr.type 
_refine_ls_restr.weight 
_refine_ls_restr.pdbx_restraint_function 
'X-RAY DIFFRACTION' ? 0.015  0.011 690  ? r_bond_refined_d     ? ? 
'X-RAY DIFFRACTION' ? 0.008  0.020 413  ? r_bond_other_d       ? ? 
'X-RAY DIFFRACTION' ? 1.979  1.235 1038 ? r_angle_refined_deg  ? ? 
'X-RAY DIFFRACTION' ? 2.081  3.000 976  ? r_angle_other_deg    ? ? 
'X-RAY DIFFRACTION' ? 0.108  0.200 81   ? r_chiral_restr       ? ? 
'X-RAY DIFFRACTION' ? 0.041  0.020 332  ? r_gen_planes_refined ? ? 
'X-RAY DIFFRACTION' ? 0.008  0.020 116  ? r_gen_planes_other   ? ? 
'X-RAY DIFFRACTION' ? 5.181  3.000 1103 ? r_rigid_bond_restr   ? ? 
'X-RAY DIFFRACTION' ? 34.543 5.000 93   ? r_sphericity_free    ? ? 
'X-RAY DIFFRACTION' ? 12.325 5.000 1106 ? r_sphericity_bonded  ? ? 
# 
_refine_ls_shell.pdbx_refine_id                   'X-RAY DIFFRACTION' 
_refine_ls_shell.d_res_high                       1.1820 
_refine_ls_shell.d_res_low                        1.2120 
_refine_ls_shell.number_reflns_all                1540 
_refine_ls_shell.number_reflns_obs                ? 
_refine_ls_shell.number_reflns_R_free             72 
_refine_ls_shell.number_reflns_R_work             1468 
_refine_ls_shell.percent_reflns_obs               100.0000 
_refine_ls_shell.percent_reflns_R_free            ? 
_refine_ls_shell.R_factor_all                     ? 
_refine_ls_shell.R_factor_obs                     ? 
_refine_ls_shell.R_factor_R_free                  0.2000 
_refine_ls_shell.R_factor_R_free_error            0.0000 
_refine_ls_shell.R_factor_R_work                  0.1800 
_refine_ls_shell.redundancy_reflns_all            ? 
_refine_ls_shell.redundancy_reflns_obs            ? 
_refine_ls_shell.wR_factor_all                    ? 
_refine_ls_shell.wR_factor_obs                    ? 
_refine_ls_shell.wR_factor_R_free                 ? 
_refine_ls_shell.wR_factor_R_work                 ? 
_refine_ls_shell.pdbx_R_complete                  ? 
_refine_ls_shell.pdbx_total_number_of_bins_used   20 
_refine_ls_shell.pdbx_phase_error                 ? 
_refine_ls_shell.pdbx_fsc_work                    ? 
_refine_ls_shell.pdbx_fsc_free                    ? 
# 
_struct.entry_id                     7D5D 
_struct.title                        'Left-handed G-quadruplex containing one bulge' 
_struct.pdbx_model_details           ? 
_struct.pdbx_formula_weight          ? 
_struct.pdbx_formula_weight_method   ? 
_struct.pdbx_model_type_details      ? 
_struct.pdbx_CASP_flag               N 
# 
_struct_keywords.entry_id        7D5D 
_struct_keywords.text            'Left-handed, G-quadruplex, DNA, Bulge, Z-G4' 
_struct_keywords.pdbx_keywords   DNA 
# 
loop_
_struct_asym.id 
_struct_asym.pdbx_blank_PDB_chainid_flag 
_struct_asym.pdbx_modified 
_struct_asym.entity_id 
_struct_asym.details 
A N N 1 ? 
B N N 2 ? 
C N N 2 ? 
D N N 3 ? 
E N N 3 ? 
F N N 3 ? 
G N N 4 ? 
# 
loop_
_struct_conn.id 
_struct_conn.conn_type_id 
_struct_conn.pdbx_leaving_atom_flag 
_struct_conn.pdbx_PDB_id 
_struct_conn.ptnr1_label_asym_id 
_struct_conn.ptnr1_label_comp_id 
_struct_conn.ptnr1_label_seq_id 
_struct_conn.ptnr1_label_atom_id 
_struct_conn.pdbx_ptnr1_label_alt_id 
_struct_conn.pdbx_ptnr1_PDB_ins_code 
_struct_conn.pdbx_ptnr1_standard_comp_id 
_struct_conn.ptnr1_symmetry 
_struct_conn.ptnr2_label_asym_id 
_struct_conn.ptnr2_label_comp_id 
_struct_conn.ptnr2_label_seq_id 
_struct_conn.ptnr2_label_atom_id 
_struct_conn.pdbx_ptnr2_label_alt_id 
_struct_conn.pdbx_ptnr2_PDB_ins_code 
_struct_conn.ptnr1_auth_asym_id 
_struct_conn.ptnr1_auth_comp_id 
_struct_conn.ptnr1_auth_seq_id 
_struct_conn.ptnr2_auth_asym_id 
_struct_conn.ptnr2_auth_comp_id 
_struct_conn.ptnr2_auth_seq_id 
_struct_conn.ptnr2_symmetry 
_struct_conn.pdbx_ptnr3_label_atom_id 
_struct_conn.pdbx_ptnr3_label_seq_id 
_struct_conn.pdbx_ptnr3_label_comp_id 
_struct_conn.pdbx_ptnr3_label_asym_id 
_struct_conn.pdbx_ptnr3_label_alt_id 
_struct_conn.pdbx_ptnr3_PDB_ins_code 
_struct_conn.details 
_struct_conn.pdbx_dist_value 
_struct_conn.pdbx_value_order 
_struct_conn.pdbx_role 
metalc1  metalc ? ? A DG 1  O6 ? ? ? 1_555 F K  .  K  ? ? A DG 1  A K  105 1_555 ? ? ? ? ? ? ?           2.755 ? ? 
metalc2  metalc ? ? A DG 2  O6 ? ? ? 1_555 E K  .  K  ? ? A DG 2  A K  104 1_555 ? ? ? ? ? ? ?           2.830 ? ? 
metalc3  metalc ? ? A DG 2  O6 ? ? ? 1_555 F K  .  K  ? ? A DG 2  A K  105 1_555 ? ? ? ? ? ? ?           2.824 ? ? 
metalc4  metalc ? ? A DG 4  O6 ? ? ? 1_555 F K  .  K  ? ? A DG 4  A K  105 1_555 ? ? ? ? ? ? ?           2.714 ? ? 
metalc5  metalc ? ? A DG 6  O6 ? ? ? 1_555 E K  .  K  ? ? A DG 6  A K  104 1_555 ? ? ? ? ? ? ?           2.832 ? ? 
metalc6  metalc ? ? A DG 6  O6 ? ? ? 1_555 F K  .  K  ? ? A DG 6  A K  105 1_555 ? ? ? ? ? ? ?           2.902 ? ? 
metalc7  metalc ? ? A DG 8  O6 ? ? ? 1_555 F K  .  K  ? ? A DG 8  A K  105 1_555 ? ? ? ? ? ? ?           2.724 ? ? 
metalc8  metalc ? ? A DG 9  O6 ? ? ? 1_555 E K  .  K  ? ? A DG 9  A K  104 1_555 ? ? ? ? ? ? ?           2.804 ? ? 
metalc9  metalc ? ? A DG 9  O6 ? ? ? 1_555 F K  .  K  ? ? A DG 9  A K  105 1_555 ? ? ? ? ? ? ?           2.887 ? ? 
metalc10 metalc ? ? A DG 11 O6 ? ? ? 1_555 F K  .  K  ? ? A DG 11 A K  105 1_555 ? ? ? ? ? ? ?           2.727 ? ? 
metalc11 metalc ? ? A DG 12 O6 ? ? ? 1_555 E K  .  K  ? ? A DG 12 A K  104 1_555 ? ? ? ? ? ? ?           2.848 ? ? 
metalc12 metalc ? ? A DG 12 O6 ? ? ? 1_555 F K  .  K  ? ? A DG 12 A K  105 1_555 ? ? ? ? ? ? ?           2.867 ? ? 
metalc13 metalc ? ? A DG 14 O6 ? ? ? 1_555 D K  .  K  ? ? A DG 14 A K  103 1_555 ? ? ? ? ? ? ?           2.800 ? ? 
metalc14 metalc ? ? A DG 14 O6 ? ? ? 1_555 E K  .  K  ? ? A DG 14 A K  104 1_555 ? ? ? ? ? ? ?           2.784 ? ? 
metalc15 metalc ? ? A DG 16 O6 ? ? ? 1_555 D K  .  K  ? ? A DG 16 A K  103 1_555 ? ? ? ? ? ? ?           2.821 ? ? 
metalc16 metalc ? ? A DG 17 O6 ? ? ? 1_555 D K  .  K  ? ? A DG 17 A K  103 1_555 ? ? ? ? ? ? ?           2.818 ? ? 
metalc17 metalc ? ? A DG 17 O6 ? ? ? 1_555 E K  .  K  ? ? A DG 17 A K  104 1_555 ? ? ? ? ? ? ?           2.894 ? ? 
metalc18 metalc ? ? A DG 19 O6 ? ? ? 1_555 D K  .  K  ? ? A DG 19 A K  103 1_555 ? ? ? ? ? ? ?           2.775 ? ? 
metalc19 metalc ? ? A DG 20 O6 ? ? ? 1_555 D K  .  K  ? ? A DG 20 A K  103 1_555 ? ? ? ? ? ? ?           2.924 ? ? 
metalc20 metalc ? ? A DG 20 O6 ? ? ? 1_555 E K  .  K  ? ? A DG 20 A K  104 1_555 ? ? ? ? ? ? ?           2.794 ? ? 
metalc21 metalc ? ? A DG 22 O6 ? ? ? 1_555 D K  .  K  ? ? A DG 22 A K  103 1_555 ? ? ? ? ? ? ?           2.724 ? ? 
metalc22 metalc ? ? A DG 23 O6 ? ? ? 1_555 D K  .  K  ? ? A DG 23 A K  103 1_555 ? ? ? ? ? ? ?           2.921 ? ? 
metalc23 metalc ? ? A DG 23 O6 ? ? ? 1_555 E K  .  K  ? ? A DG 23 A K  104 1_555 ? ? ? ? ? ? ?           2.812 ? ? 
metalc24 metalc ? ? A DG 25 O6 ? ? ? 1_555 D K  .  K  ? ? A DG 25 A K  103 1_555 ? ? ? ? ? ? ?           2.780 ? ? 
hydrog1  hydrog ? ? A DG 1  N1 ? ? ? 1_555 A DG 4  O6 ? ? A DG 1  A DG 4   1_555 ? ? ? ? ? ? TYPE_6_PAIR ?     ? ? 
hydrog2  hydrog ? ? A DG 1  N2 ? ? ? 1_555 A DG 4  N7 ? ? A DG 1  A DG 4   1_555 ? ? ? ? ? ? TYPE_6_PAIR ?     ? ? 
hydrog3  hydrog ? ? A DG 1  N7 ? ? ? 1_555 A DG 11 N2 ? ? A DG 1  A DG 11  1_555 ? ? ? ? ? ? TYPE_6_PAIR ?     ? ? 
hydrog4  hydrog ? ? A DG 1  O6 ? ? ? 1_555 A DG 11 N1 ? ? A DG 1  A DG 11  1_555 ? ? ? ? ? ? TYPE_6_PAIR ?     ? ? 
hydrog5  hydrog ? ? A DG 2  N1 ? ? ? 1_555 A DG 6  O6 ? ? A DG 2  A DG 6   1_555 ? ? ? ? ? ? TYPE_6_PAIR ?     ? ? 
hydrog6  hydrog ? ? A DG 2  N2 ? ? ? 1_555 A DG 6  N7 ? ? A DG 2  A DG 6   1_555 ? ? ? ? ? ? TYPE_6_PAIR ?     ? ? 
hydrog7  hydrog ? ? A DG 2  N7 ? ? ? 1_555 A DG 12 N2 ? ? A DG 2  A DG 12  1_555 ? ? ? ? ? ? TYPE_6_PAIR ?     ? ? 
hydrog8  hydrog ? ? A DG 2  O6 ? ? ? 1_555 A DG 12 N1 ? ? A DG 2  A DG 12  1_555 ? ? ? ? ? ? TYPE_6_PAIR ?     ? ? 
hydrog9  hydrog ? ? A DG 4  N1 ? ? ? 1_555 A DG 8  O6 ? ? A DG 4  A DG 8   1_555 ? ? ? ? ? ? TYPE_6_PAIR ?     ? ? 
hydrog10 hydrog ? ? A DG 4  N2 ? ? ? 1_555 A DG 8  N7 ? ? A DG 4  A DG 8   1_555 ? ? ? ? ? ? TYPE_6_PAIR ?     ? ? 
hydrog11 hydrog ? ? A DG 6  N1 ? ? ? 1_555 A DG 9  O6 ? ? A DG 6  A DG 9   1_555 ? ? ? ? ? ? TYPE_6_PAIR ?     ? ? 
hydrog12 hydrog ? ? A DG 6  N2 ? ? ? 1_555 A DG 9  N7 ? ? A DG 6  A DG 9   1_555 ? ? ? ? ? ? TYPE_6_PAIR ?     ? ? 
hydrog13 hydrog ? ? A DG 8  N1 ? ? ? 1_555 A DG 11 O6 ? ? A DG 8  A DG 11  1_555 ? ? ? ? ? ? TYPE_6_PAIR ?     ? ? 
hydrog14 hydrog ? ? A DG 8  N2 ? ? ? 1_555 A DG 11 N7 ? ? A DG 8  A DG 11  1_555 ? ? ? ? ? ? TYPE_6_PAIR ?     ? ? 
hydrog15 hydrog ? ? A DG 9  N1 ? ? ? 1_555 A DG 12 O6 ? ? A DG 9  A DG 12  1_555 ? ? ? ? ? ? TYPE_6_PAIR ?     ? ? 
hydrog16 hydrog ? ? A DG 9  N2 ? ? ? 1_555 A DG 12 N7 ? ? A DG 9  A DG 12  1_555 ? ? ? ? ? ? TYPE_6_PAIR ?     ? ? 
hydrog17 hydrog ? ? A DG 14 N1 ? ? ? 1_555 A DG 17 O6 ? ? A DG 14 A DG 17  1_555 ? ? ? ? ? ? TYPE_6_PAIR ?     ? ? 
hydrog18 hydrog ? ? A DG 14 N2 ? ? ? 1_555 A DG 17 N7 ? ? A DG 14 A DG 17  1_555 ? ? ? ? ? ? TYPE_6_PAIR ?     ? ? 
hydrog19 hydrog ? ? A DG 14 N7 ? ? ? 1_555 A DG 23 N2 ? ? A DG 14 A DG 23  1_555 ? ? ? ? ? ? TYPE_6_PAIR ?     ? ? 
hydrog20 hydrog ? ? A DG 14 O6 ? ? ? 1_555 A DG 23 N1 ? ? A DG 14 A DG 23  1_555 ? ? ? ? ? ? TYPE_6_PAIR ?     ? ? 
hydrog21 hydrog ? ? A DG 16 N1 ? ? ? 1_555 A DG 19 O6 ? ? A DG 16 A DG 19  1_555 ? ? ? ? ? ? TYPE_6_PAIR ?     ? ? 
hydrog22 hydrog ? ? A DG 16 N2 ? ? ? 1_555 A DG 19 N7 ? ? A DG 16 A DG 19  1_555 ? ? ? ? ? ? TYPE_6_PAIR ?     ? ? 
hydrog23 hydrog ? ? A DG 16 N7 ? ? ? 1_555 A DG 25 N2 ? ? A DG 16 A DG 25  1_555 ? ? ? ? ? ? TYPE_6_PAIR ?     ? ? 
hydrog24 hydrog ? ? A DG 16 O6 ? ? ? 1_555 A DG 25 N1 ? ? A DG 16 A DG 25  1_555 ? ? ? ? ? ? TYPE_6_PAIR ?     ? ? 
hydrog25 hydrog ? ? A DG 17 N1 ? ? ? 1_555 A DG 20 O6 ? ? A DG 17 A DG 20  1_555 ? ? ? ? ? ? TYPE_6_PAIR ?     ? ? 
hydrog26 hydrog ? ? A DG 17 N2 ? ? ? 1_555 A DG 20 N7 ? ? A DG 17 A DG 20  1_555 ? ? ? ? ? ? TYPE_6_PAIR ?     ? ? 
hydrog27 hydrog ? ? A DG 19 N1 ? ? ? 1_555 A DG 22 O6 ? ? A DG 19 A DG 22  1_555 ? ? ? ? ? ? TYPE_6_PAIR ?     ? ? 
hydrog28 hydrog ? ? A DG 19 N2 ? ? ? 1_555 A DG 22 N7 ? ? A DG 19 A DG 22  1_555 ? ? ? ? ? ? TYPE_6_PAIR ?     ? ? 
hydrog29 hydrog ? ? A DG 20 N1 ? ? ? 1_555 A DG 23 O6 ? ? A DG 20 A DG 23  1_555 ? ? ? ? ? ? TYPE_6_PAIR ?     ? ? 
hydrog30 hydrog ? ? A DG 20 N2 ? ? ? 1_555 A DG 23 N7 ? ? A DG 20 A DG 23  1_555 ? ? ? ? ? ? TYPE_6_PAIR ?     ? ? 
hydrog31 hydrog ? ? A DG 22 N1 ? ? ? 1_555 A DG 25 O6 ? ? A DG 22 A DG 25  1_555 ? ? ? ? ? ? TYPE_6_PAIR ?     ? ? 
hydrog32 hydrog ? ? A DG 22 N2 ? ? ? 1_555 A DG 25 N7 ? ? A DG 22 A DG 25  1_555 ? ? ? ? ? ? TYPE_6_PAIR ?     ? ? 
# 
loop_
_struct_conn_type.id 
_struct_conn_type.criteria 
_struct_conn_type.reference 
metalc ? ? 
hydrog ? ? 
# 
_atom_sites.entry_id                    7D5D 
_atom_sites.Cartn_transf_matrix[1][1]   ? 
_atom_sites.Cartn_transf_matrix[1][2]   ? 
_atom_sites.Cartn_transf_matrix[1][3]   ? 
_atom_sites.Cartn_transf_matrix[2][1]   ? 
_atom_sites.Cartn_transf_matrix[2][2]   ? 
_atom_sites.Cartn_transf_matrix[2][3]   ? 
_atom_sites.Cartn_transf_matrix[3][1]   ? 
_atom_sites.Cartn_transf_matrix[3][2]   ? 
_atom_sites.Cartn_transf_matrix[3][3]   ? 
_atom_sites.Cartn_transf_vector[1]      ? 
_atom_sites.Cartn_transf_vector[2]      ? 
_atom_sites.Cartn_transf_vector[3]      ? 
_atom_sites.fract_transf_matrix[1][1]   -0.02499628 
_atom_sites.fract_transf_matrix[1][2]   -0.02595418 
_atom_sites.fract_transf_matrix[1][3]   -0.01219361 
_atom_sites.fract_transf_matrix[2][1]   0.01754273 
_atom_sites.fract_transf_matrix[2][2]   -0.00998356 
_atom_sites.fract_transf_matrix[2][3]   -0.01471162 
_atom_sites.fract_transf_matrix[3][1]   -0.00147783 
_atom_sites.fract_transf_matrix[3][2]   -0.03104423 
_atom_sites.fract_transf_matrix[3][3]   0.01930494 
_atom_sites.fract_transf_vector[1]      -0.272440 
_atom_sites.fract_transf_vector[2]      0.242553 
_atom_sites.fract_transf_vector[3]      0.008530 
_atom_sites.solution_primary            ? 
_atom_sites.solution_secondary          ? 
_atom_sites.solution_hydrogens          ? 
_atom_sites.special_details             ? 
# 
loop_
_atom_type.symbol 
C 
K 
N 
O 
P 
# 
loop_
_atom_site.group_PDB 
_atom_site.id 
_atom_site.type_symbol 
_atom_site.label_atom_id 
_atom_site.label_alt_id 
_atom_site.label_comp_id 
_atom_site.label_asym_id 
_atom_site.label_entity_id 
_atom_site.label_seq_id 
_atom_site.pdbx_PDB_ins_code 
_atom_site.Cartn_x 
_atom_site.Cartn_y 
_atom_site.Cartn_z 
_atom_site.occupancy 
_atom_site.B_iso_or_equiv 
_atom_site.pdbx_formal_charge 
_atom_site.auth_seq_id 
_atom_site.auth_comp_id 
_atom_site.auth_asym_id 
_atom_site.auth_atom_id 
_atom_site.pdbx_PDB_model_num 
ATOM   1   O "O5'" . DG  A 1 1  ? 3.967   0.184   7.501   1.00 15.63  ? 1   DG  A "O5'" 1 
ATOM   2   C "C5'" . DG  A 1 1  ? 5.144   -0.575  8.008   1.00 12.39  ? 1   DG  A "C5'" 1 
ATOM   3   C "C4'" . DG  A 1 1  ? 5.016   -2.027  7.591   1.00 10.52  ? 1   DG  A "C4'" 1 
ATOM   4   O "O4'" . DG  A 1 1  ? 4.952   -2.201  6.159   1.00 10.49  ? 1   DG  A "O4'" 1 
ATOM   5   C "C3'" . DG  A 1 1  ? 6.238   -2.854  8.011   1.00 10.78  ? 1   DG  A "C3'" 1 
ATOM   6   O "O3'" . DG  A 1 1  ? 5.876   -4.250  8.102   1.00 10.96  ? 1   DG  A "O3'" 1 
ATOM   7   C "C2'" . DG  A 1 1  ? 7.187   -2.653  6.836   1.00 10.15  ? 1   DG  A "C2'" 1 
ATOM   8   C "C1'" . DG  A 1 1  ? 6.217   -2.750  5.669   1.00 9.16   ? 1   DG  A "C1'" 1 
ATOM   9   N N9    . DG  A 1 1  ? 6.546   -2.050  4.443   1.00 9.34   ? 1   DG  A N9    1 
ATOM   10  C C8    . DG  A 1 1  ? 6.868   -0.722  4.366   1.00 8.33   ? 1   DG  A C8    1 
ATOM   11  N N7    . DG  A 1 1  ? 6.788   -0.244  3.152   1.00 7.70   ? 1   DG  A N7    1 
ATOM   12  C C5    . DG  A 1 1  ? 6.288   -1.309  2.403   1.00 7.30   ? 1   DG  A C5    1 
ATOM   13  C C6    . DG  A 1 1  ? 5.862   -1.361  1.043   1.00 6.11   ? 1   DG  A C6    1 
ATOM   14  O O6    . DG  A 1 1  ? 5.838   -0.453  0.203   1.00 7.37   ? 1   DG  A O6    1 
ATOM   15  N N1    . DG  A 1 1  ? 5.424   -2.622  0.707   1.00 6.43   ? 1   DG  A N1    1 
ATOM   16  C C2    . DG  A 1 1  ? 5.365   -3.704  1.553   1.00 6.77   ? 1   DG  A C2    1 
ATOM   17  N N2    . DG  A 1 1  ? 4.934   -4.829  1.029   1.00 6.81   ? 1   DG  A N2    1 
ATOM   18  N N3    . DG  A 1 1  ? 5.697   -3.657  2.826   1.00 7.75   ? 1   DG  A N3    1 
ATOM   19  C C4    . DG  A 1 1  ? 6.148   -2.438  3.186   1.00 7.23   ? 1   DG  A C4    1 
ATOM   20  P P     . DG  A 1 2  ? 4.944   -4.880  9.194   1.00 11.18  ? 2   DG  A P     1 
ATOM   21  O OP1   . DG  A 1 2  ? 4.334   -3.838  10.034  1.00 12.46  ? 2   DG  A OP1   1 
ATOM   22  O OP2   . DG  A 1 2  ? 5.698   -5.943  9.868   1.00 15.25  ? 2   DG  A OP2   1 
ATOM   23  O "O5'" . DG  A 1 2  ? 3.860   -5.714  8.378   1.00 11.94  ? 2   DG  A "O5'" 1 
ATOM   24  C "C5'" . DG  A 1 2  ? 3.072   -5.061  7.449   1.00 10.92  ? 2   DG  A "C5'" 1 
ATOM   25  C "C4'" . DG  A 1 2  ? 2.409   -6.106  6.531   1.00 8.88   ? 2   DG  A "C4'" 1 
ATOM   26  O "O4'" . DG  A 1 2  ? 1.694   -5.361  5.495   1.00 8.44   ? 2   DG  A "O4'" 1 
ATOM   27  C "C3'" . DG  A 1 2  ? 3.449   -6.923  5.771   1.00 8.54   ? 2   DG  A "C3'" 1 
ATOM   28  O "O3'" . DG  A 1 2  ? 2.867   -8.180  5.484   1.00 10.36  ? 2   DG  A "O3'" 1 
ATOM   29  C "C2'" . DG  A 1 2  ? 3.688   -6.103  4.511   1.00 7.56   ? 2   DG  A "C2'" 1 
ATOM   30  C "C1'" . DG  A 1 2  ? 2.301   -5.539  4.221   1.00 7.06   ? 2   DG  A "C1'" 1 
ATOM   31  N N9    . DG  A 1 2  ? 2.353   -4.246  3.589   1.00 6.74   ? 2   DG  A N9    1 
ATOM   32  C C8    . DG  A 1 2  ? 2.749   -3.072  4.159   1.00 6.23   ? 2   DG  A C8    1 
ATOM   33  N N7    . DG  A 1 2  ? 2.736   -2.049  3.325   1.00 5.87   ? 2   DG  A N7    1 
ATOM   34  C C5    . DG  A 1 2  ? 2.290   -2.600  2.125   1.00 6.25   ? 2   DG  A C5    1 
ATOM   35  C C6    . DG  A 1 2  ? 2.105   -1.992  0.862   1.00 5.80   ? 2   DG  A C6    1 
ATOM   36  O O6    . DG  A 1 2  ? 2.267   -0.786  0.560   1.00 6.05   ? 2   DG  A O6    1 
ATOM   37  N N1    . DG  A 1 2  ? 1.637   -2.896  -0.081  1.00 5.44   ? 2   DG  A N1    1 
ATOM   38  C C2    . DG  A 1 2  ? 1.402   -4.244  0.165   1.00 5.22   ? 2   DG  A C2    1 
ATOM   39  N N2    . DG  A 1 2  ? 0.936   -4.970  -0.849  1.00 6.98   ? 2   DG  A N2    1 
ATOM   40  N N3    . DG  A 1 2  ? 1.606   -4.836  1.329   1.00 6.77   ? 2   DG  A N3    1 
ATOM   41  C C4    . DG  A 1 2  ? 2.041   -3.955  2.264   1.00 6.26   ? 2   DG  A C4    1 
ATOM   42  P P     . DT  A 1 3  ? 3.744   -9.520  5.307   1.00 11.66  ? 3   DT  A P     1 
ATOM   43  O OP1   . DT  A 1 3  ? 2.795   -10.649 5.302   1.00 13.60  ? 3   DT  A OP1   1 
ATOM   44  O OP2   . DT  A 1 3  ? 4.905   -9.481  6.252   1.00 12.35  ? 3   DT  A OP2   1 
ATOM   45  O "O5'" . DT  A 1 3  ? 4.418   -9.357  3.885   1.00 11.41  ? 3   DT  A "O5'" 1 
ATOM   46  C "C5'" . DT  A 1 3  ? 3.600   -9.303  2.688   1.00 11.27  ? 3   DT  A "C5'" 1 
ATOM   47  C "C4'" . DT  A 1 3  ? 4.460   -8.992  1.487   1.00 10.02  ? 3   DT  A "C4'" 1 
ATOM   48  O "O4'" . DT  A 1 3  ? 5.167   -7.745  1.715   1.00 10.18  ? 3   DT  A "O4'" 1 
ATOM   49  C "C3'" . DT  A 1 3  ? 5.544   -10.018 1.215   1.00 11.01  ? 3   DT  A "C3'" 1 
ATOM   50  O "O3'" . DT  A 1 3  ? 5.670   -10.170 -0.202  1.00 13.91  ? 3   DT  A "O3'" 1 
ATOM   51  C "C2'" . DT  A 1 3  ? 6.804   -9.371  1.741   1.00 11.17  ? 3   DT  A "C2'" 1 
ATOM   52  C "C1'" . DT  A 1 3  ? 6.546   -7.906  1.510   1.00 9.62   ? 3   DT  A "C1'" 1 
ATOM   53  N N1    . DT  A 1 3  ? 7.268   -7.087  2.487   1.00 10.73  ? 3   DT  A N1    1 
ATOM   54  C C2    . DT  A 1 3  ? 8.099   -6.088  2.019   1.00 11.75  ? 3   DT  A C2    1 
ATOM   55  O O2    . DT  A 1 3  ? 8.355   -5.935  0.835   1.00 12.75  ? 3   DT  A O2    1 
ATOM   56  N N3    . DT  A 1 3  ? 8.703   -5.341  2.993   1.00 10.77  ? 3   DT  A N3    1 
ATOM   57  C C4    . DT  A 1 3  ? 8.529   -5.473  4.366   1.00 11.04  ? 3   DT  A C4    1 
ATOM   58  O O4    . DT  A 1 3  ? 9.164   -4.737  5.131   1.00 17.00  ? 3   DT  A O4    1 
ATOM   59  C C5    . DT  A 1 3  ? 7.600   -6.521  4.785   1.00 11.66  ? 3   DT  A C5    1 
ATOM   60  C C7    . DT  A 1 3  ? 7.365   -6.767  6.245   1.00 12.63  ? 3   DT  A C7    1 
ATOM   61  C C6    . DT  A 1 3  ? 7.027   -7.257  3.832   1.00 11.07  ? 3   DT  A C6    1 
ATOM   62  P P     . DG  A 1 4  ? 4.731   -11.116 -1.050  1.00 19.56  ? 4   DG  A P     1 
ATOM   63  O OP1   . DG  A 1 4  ? 4.076   -12.133 -0.206  1.00 29.94  ? 4   DG  A OP1   1 
ATOM   64  O OP2   . DG  A 1 4  ? 5.525   -11.560 -2.238  1.00 32.59  ? 4   DG  A OP2   1 
ATOM   65  O "O5'" . DG  A 1 4  ? 3.686   -10.085 -1.650  1.00 14.85  ? 4   DG  A "O5'" 1 
ATOM   66  C "C5'" . DG  A 1 4  ? 2.479   -10.619 -2.318  1.00 15.53  ? 4   DG  A "C5'" 1 
ATOM   67  C "C4'" . DG  A 1 4  ? 2.368   -10.029 -3.702  1.00 12.05  ? 4   DG  A "C4'" 1 
ATOM   68  O "O4'" . DG  A 1 4  ? 2.191   -8.593  -3.573  1.00 11.15  ? 4   DG  A "O4'" 1 
ATOM   69  C "C3'" . DG  A 1 4  ? 3.604   -10.205 -4.588  1.00 10.57  ? 4   DG  A "C3'" 1 
ATOM   70  O "O3'" . DG  A 1 4  ? 3.256   -10.346 -5.989  1.00 10.34  ? 4   DG  A "O3'" 1 
ATOM   71  C "C2'" . DG  A 1 4  ? 4.334   -8.846  -4.409  1.00 8.80   ? 4   DG  A "C2'" 1 
ATOM   72  C "C1'" . DG  A 1 4  ? 3.190   -7.864  -4.287  1.00 8.97   ? 4   DG  A "C1'" 1 
ATOM   73  N N9    . DG  A 1 4  ? 3.526   -6.718  -3.451  1.00 8.45   ? 4   DG  A N9    1 
ATOM   74  C C8    . DG  A 1 4  ? 3.855   -6.707  -2.118  1.00 9.00   ? 4   DG  A C8    1 
ATOM   75  N N7    . DG  A 1 4  ? 4.154   -5.518  -1.674  1.00 7.49   ? 4   DG  A N7    1 
ATOM   76  C C5    . DG  A 1 4  ? 3.998   -4.691  -2.771  1.00 6.75   ? 4   DG  A C5    1 
ATOM   77  C C6    . DG  A 1 4  ? 4.170   -3.305  -2.885  1.00 6.12   ? 4   DG  A C6    1 
ATOM   78  O O6    . DG  A 1 4  ? 4.499   -2.515  -2.002  1.00 6.75   ? 4   DG  A O6    1 
ATOM   79  N N1    . DG  A 1 4  ? 3.967   -2.866  -4.202  1.00 6.84   ? 4   DG  A N1    1 
ATOM   80  C C2    . DG  A 1 4  ? 3.552   -3.672  -5.225  1.00 6.83   ? 4   DG  A C2    1 
ATOM   81  N N2    . DG  A 1 4  ? 3.393   -3.075  -6.437  1.00 7.11   ? 4   DG  A N2    1 
ATOM   82  N N3    . DG  A 1 4  ? 3.384   -4.958  -5.128  1.00 7.10   ? 4   DG  A N3    1 
ATOM   83  C C4    . DG  A 1 4  ? 3.629   -5.408  -3.877  1.00 7.57   ? 4   DG  A C4    1 
ATOM   84  P P     . DT  A 1 5  ? 2.661   -11.681 -6.543  1.00 10.73  ? 5   DT  A P     1 
ATOM   85  O OP1   . DT  A 1 5  ? 2.940   -12.845 -5.660  1.00 12.03  ? 5   DT  A OP1   1 
ATOM   86  O OP2   . DT  A 1 5  ? 3.068   -11.760 -7.986  1.00 12.62  ? 5   DT  A OP2   1 
ATOM   87  O "O5'" . DT  A 1 5  ? 1.071   -11.501 -6.450  1.00 9.71   ? 5   DT  A "O5'" 1 
ATOM   88  C "C5'" . DT  A 1 5  ? 0.436   -10.423 -7.189  1.00 10.70  ? 5   DT  A "C5'" 1 
ATOM   89  C "C4'" . DT  A 1 5  ? -0.969  -10.876 -7.489  1.00 12.73  ? 5   DT  A "C4'" 1 
ATOM   90  O "O4'" . DT  A 1 5  ? -0.888  -11.938 -8.458  1.00 13.07  ? 5   DT  A "O4'" 1 
ATOM   91  C "C3'" . DT  A 1 5  ? -1.756  -11.480 -6.323  1.00 13.95  ? 5   DT  A "C3'" 1 
ATOM   92  O "O3'" . DT  A 1 5  ? -2.624  -10.477 -5.751  1.00 12.58  ? 5   DT  A "O3'" 1 
ATOM   93  C "C2'" . DT  A 1 5  ? -2.639  -12.541 -6.992  1.00 19.33  ? 5   DT  A "C2'" 1 
ATOM   94  C "C1'" . DT  A 1 5  ? -1.884  -12.924 -8.238  1.00 15.92  ? 5   DT  A "C1'" 1 
ATOM   95  N N1    . DT  A 1 5  ? -1.255  -14.265 -8.195  1.00 15.87  ? 5   DT  A N1    1 
ATOM   96  C C2    . DT  A 1 5  ? -2.089  -15.337 -8.421  1.00 19.10  ? 5   DT  A C2    1 
ATOM   97  O O2    . DT  A 1 5  ? -3.283  -15.228 -8.637  1.00 28.22  ? 5   DT  A O2    1 
ATOM   98  N N3    . DT  A 1 5  ? -1.466  -16.558 -8.406  1.00 19.35  ? 5   DT  A N3    1 
ATOM   99  C C4    . DT  A 1 5  ? -0.124  -16.805 -8.219  1.00 19.85  ? 5   DT  A C4    1 
ATOM   100 O O4    . DT  A 1 5  ? 0.298   -17.962 -8.250  1.00 29.46  ? 5   DT  A O4    1 
ATOM   101 C C5    . DT  A 1 5  ? 0.682   -15.646 -7.960  1.00 24.51  ? 5   DT  A C5    1 
ATOM   102 C C7    . DT  A 1 5  ? 2.152   -15.818 -7.749  1.00 25.70  ? 5   DT  A C7    1 
ATOM   103 C C6    . DT  A 1 5  ? 0.089   -14.450 -7.984  1.00 21.15  ? 5   DT  A C6    1 
ATOM   104 P P     . DG  A 1 6  ? -2.089  -9.222  -4.886  1.00 12.06  ? 6   DG  A P     1 
ATOM   105 O OP1   . DG  A 1 6  ? -0.809  -9.647  -4.195  1.00 13.94  ? 6   DG  A OP1   1 
ATOM   106 O OP2   . DG  A 1 6  ? -3.264  -8.699  -4.117  1.00 14.06  ? 6   DG  A OP2   1 
ATOM   107 O "O5'" . DG  A 1 6  ? -1.730  -8.159  -5.980  1.00 9.44   ? 6   DG  A "O5'" 1 
ATOM   108 C "C5'" . DG  A 1 6  ? -2.762  -7.642  -6.855  1.00 8.49   ? 6   DG  A "C5'" 1 
ATOM   109 C "C4'" . DG  A 1 6  ? -2.239  -6.407  -7.535  1.00 7.99   ? 6   DG  A "C4'" 1 
ATOM   110 O "O4'" . DG  A 1 6  ? -2.013  -5.353  -6.532  1.00 8.68   ? 6   DG  A "O4'" 1 
ATOM   111 C "C3'" . DG  A 1 6  ? -0.923  -6.543  -8.298  1.00 8.75   ? 6   DG  A "C3'" 1 
ATOM   112 O "O3'" . DG  A 1 6  ? -1.134  -5.877  -9.574  1.00 8.71   ? 6   DG  A "O3'" 1 
ATOM   113 C "C2'" . DG  A 1 6  ? 0.114   -5.785  -7.457  1.00 7.81   ? 6   DG  A "C2'" 1 
ATOM   114 C "C1'" . DG  A 1 6  ? -0.785  -4.687  -6.838  1.00 6.88   ? 6   DG  A "C1'" 1 
ATOM   115 N N9    . DG  A 1 6  ? -0.248  -4.122  -5.621  1.00 6.35   ? 6   DG  A N9    1 
ATOM   116 C C8    . DG  A 1 6  ? -0.060  -4.762  -4.429  1.00 6.81   ? 6   DG  A C8    1 
ATOM   117 N N7    . DG  A 1 6  ? 0.421   -3.983  -3.501  1.00 5.64   ? 6   DG  A N7    1 
ATOM   118 C C5    . DG  A 1 6  ? 0.512   -2.751  -4.111  1.00 5.69   ? 6   DG  A C5    1 
ATOM   119 C C6    . DG  A 1 6  ? 0.976   -1.513  -3.606  1.00 5.65   ? 6   DG  A C6    1 
ATOM   120 O O6    . DG  A 1 6  ? 1.398   -1.233  -2.458  1.00 6.36   ? 6   DG  A O6    1 
ATOM   121 N N1    . DG  A 1 6  ? 0.975   -0.525  -4.581  1.00 5.15   ? 6   DG  A N1    1 
ATOM   122 C C2    . DG  A 1 6  ? 0.500   -0.698  -5.872  1.00 5.95   ? 6   DG  A C2    1 
ATOM   123 N N2    . DG  A 1 6  ? 0.537   0.389   -6.680  1.00 6.79   ? 6   DG  A N2    1 
ATOM   124 N N3    . DG  A 1 6  ? 0.093   -1.842  -6.360  1.00 5.60   ? 6   DG  A N3    1 
ATOM   125 C C4    . DG  A 1 6  ? 0.106   -2.831  -5.425  1.00 5.66   ? 6   DG  A C4    1 
ATOM   126 P P     . DT  A 1 7  ? -0.080  -5.935  -10.792 1.00 10.57  ? 7   DT  A P     1 
ATOM   127 O OP1   . DT  A 1 7  ? -0.872  -5.600  -12.004 1.00 12.23  ? 7   DT  A OP1   1 
ATOM   128 O OP2   . DT  A 1 7  ? 0.701   -7.174  -10.789 1.00 10.79  ? 7   DT  A OP2   1 
ATOM   129 O "O5'" . DT  A 1 7  ? 0.948   -4.773  -10.479 1.00 9.57   ? 7   DT  A "O5'" 1 
ATOM   130 C "C5'" . DT  A 1 7  ? 0.579   -3.420  -10.262 1.00 9.40   ? 7   DT  A "C5'" 1 
ATOM   131 C "C4'" . DT  A 1 7  ? 1.795   -2.536  -10.519 1.00 9.25   ? 7   DT  A "C4'" 1 
ATOM   132 O "O4'" . DT  A 1 7  ? 2.817   -2.878  -9.528  1.00 8.27   ? 7   DT  A "O4'" 1 
ATOM   133 C "C3'" . DT  A 1 7  ? 2.446   -2.738  -11.875 1.00 8.97   ? 7   DT  A "C3'" 1 
ATOM   134 O "O3'" . DT  A 1 7  ? 3.087   -1.542  -12.357 1.00 10.51  ? 7   DT  A "O3'" 1 
ATOM   135 C "C2'" . DT  A 1 7  ? 3.594   -3.693  -11.599 1.00 8.84   ? 7   DT  A "C2'" 1 
ATOM   136 C "C1'" . DT  A 1 7  ? 4.006   -3.313  -10.175 1.00 7.58   ? 7   DT  A "C1'" 1 
ATOM   137 N N1    . DT  A 1 7  ? 4.520   -4.450  -9.420  1.00 7.28   ? 7   DT  A N1    1 
ATOM   138 C C2    . DT  A 1 7  ? 5.775   -4.340  -8.871  1.00 8.26   ? 7   DT  A C2    1 
ATOM   139 O O2    . DT  A 1 7  ? 6.510   -3.403  -9.085  1.00 9.45   ? 7   DT  A O2    1 
ATOM   140 N N3    . DT  A 1 7  ? 6.165   -5.426  -8.121  1.00 8.38   ? 7   DT  A N3    1 
ATOM   141 C C4    . DT  A 1 7  ? 5.370   -6.492  -7.764  1.00 8.32   ? 7   DT  A C4    1 
ATOM   142 O O4    . DT  A 1 7  ? 5.819   -7.370  -7.075  1.00 10.04  ? 7   DT  A O4    1 
ATOM   143 C C5    . DT  A 1 7  ? 4.086   -6.563  -8.401  1.00 8.01   ? 7   DT  A C5    1 
ATOM   144 C C7    . DT  A 1 7  ? 3.225   -7.773  -8.195  1.00 9.04   ? 7   DT  A C7    1 
ATOM   145 C C6    . DT  A 1 7  ? 3.722   -5.535  -9.169  1.00 7.78   ? 7   DT  A C6    1 
ATOM   146 P P     . DG  A 1 8  ? 2.247   -0.326  -12.963 1.00 12.15  ? 8   DG  A P     1 
ATOM   147 O OP1   . DG  A 1 8  ? 0.938   -0.805  -13.506 1.00 13.54  ? 8   DG  A OP1   1 
ATOM   148 O OP2   . DG  A 1 8  ? 3.171   0.480   -13.806 1.00 14.21  ? 8   DG  A OP2   1 
ATOM   149 O "O5'" . DG  A 1 8  ? 1.958   0.499   -11.615 1.00 11.04  ? 8   DG  A "O5'" 1 
ATOM   150 C "C5'" . DG  A 1 8  ? 0.997   1.589   -11.579 1.00 11.62  ? 8   DG  A "C5'" 1 
ATOM   151 C "C4'" . DG  A 1 8  ? 1.701   2.753   -10.933 1.00 9.38   ? 8   DG  A "C4'" 1 
ATOM   152 O "O4'" . DG  A 1 8  ? 1.986   2.476   -9.534  1.00 9.63   ? 8   DG  A "O4'" 1 
ATOM   153 C "C3'" . DG  A 1 8  ? 3.050   3.144   -11.527 1.00 9.78   ? 8   DG  A "C3'" 1 
ATOM   154 O "O3'" . DG  A 1 8  ? 3.375   4.545   -11.386 1.00 11.71  ? 8   DG  A "O3'" 1 
ATOM   155 C "C2'" . DG  A 1 8  ? 4.059   2.450   -10.632 1.00 10.12  ? 8   DG  A "C2'" 1 
ATOM   156 C "C1'" . DG  A 1 8  ? 3.386   2.626   -9.291  1.00 9.03   ? 8   DG  A "C1'" 1 
ATOM   157 N N9    . DG  A 1 8  ? 3.746   1.646   -8.275  1.00 7.77   ? 8   DG  A N9    1 
ATOM   158 C C8    . DG  A 1 8  ? 3.433   0.316   -8.242  1.00 8.44   ? 8   DG  A C8    1 
ATOM   159 N N7    . DG  A 1 8  ? 3.761   -0.256  -7.106  1.00 7.50   ? 8   DG  A N7    1 
ATOM   160 C C5    . DG  A 1 8  ? 4.261   0.783   -6.339  1.00 6.40   ? 8   DG  A C5    1 
ATOM   161 C C6    . DG  A 1 8  ? 4.688   0.818   -4.991  1.00 6.52   ? 8   DG  A C6    1 
ATOM   162 O O6    . DG  A 1 8  ? 4.736   -0.128  -4.179  1.00 7.77   ? 8   DG  A O6    1 
ATOM   163 N N1    . DG  A 1 8  ? 5.109   2.090   -4.615  1.00 6.47   ? 8   DG  A N1    1 
ATOM   164 C C2    . DG  A 1 8  ? 5.106   3.195   -5.429  1.00 6.17   ? 8   DG  A C2    1 
ATOM   165 N N2    . DG  A 1 8  ? 5.502   4.364   -4.890  1.00 7.67   ? 8   DG  A N2    1 
ATOM   166 N N3    . DG  A 1 8  ? 4.631   3.185   -6.657  1.00 6.71   ? 8   DG  A N3    1 
ATOM   167 C C4    . DG  A 1 8  ? 4.225   1.970   -7.043  1.00 6.47   ? 8   DG  A C4    1 
ATOM   168 P P     . DG  A 1 9  ? 2.357   5.754   -11.729 1.00 13.84  ? 9   DG  A P     1 
ATOM   169 O OP1   . DG  A 1 9  ? 1.372   5.334   -12.822 1.00 14.53  ? 9   DG  A OP1   1 
ATOM   170 O OP2   . DG  A 1 9  ? 3.151   6.990   -11.930 1.00 16.31  ? 9   DG  A OP2   1 
ATOM   171 O "O5'" . DG  A 1 9  ? 1.607   5.906   -10.310 1.00 12.64  ? 9   DG  A "O5'" 1 
ATOM   172 C "C5'" . DG  A 1 9  ? 0.712   6.995   -9.995  1.00 12.04  ? 9   DG  A "C5'" 1 
ATOM   173 C "C4'" . DG  A 1 9  ? 1.194   7.588   -8.691  1.00 9.35   ? 9   DG  A "C4'" 1 
ATOM   174 O "O4'" . DG  A 1 9  ? 0.821   6.647   -7.632  1.00 8.15   ? 9   DG  A "O4'" 1 
ATOM   175 C "C3'" . DG  A 1 9  ? 2.693   7.814   -8.526  1.00 9.27   ? 9   DG  A "C3'" 1 
ATOM   176 O "O3'" . DG  A 1 9  ? 2.762   9.072   -7.827  1.00 10.59  ? 9   DG  A "O3'" 1 
ATOM   177 C "C2'" . DG  A 1 9  ? 3.152   6.667   -7.620  1.00 9.36   ? 9   DG  A "C2'" 1 
ATOM   178 C "C1'" . DG  A 1 9  ? 1.946   6.483   -6.748  1.00 7.77   ? 9   DG  A "C1'" 1 
ATOM   179 N N9    . DG  A 1 9  ? 1.858   5.177   -6.106  1.00 6.75   ? 9   DG  A N9    1 
ATOM   180 C C8    . DG  A 1 9  ? 1.479   3.999   -6.686  1.00 6.70   ? 9   DG  A C8    1 
ATOM   181 N N7    . DG  A 1 9  ? 1.454   2.988   -5.851  1.00 5.63   ? 9   DG  A N7    1 
ATOM   182 C C5    . DG  A 1 9  ? 1.897   3.548   -4.655  1.00 5.72   ? 9   DG  A C5    1 
ATOM   183 C C6    . DG  A 1 9  ? 2.111   2.958   -3.394  1.00 5.50   ? 9   DG  A C6    1 
ATOM   184 O O6    . DG  A 1 9  ? 1.982   1.752   -3.073  1.00 6.10   ? 9   DG  A O6    1 
ATOM   185 N N1    . DG  A 1 9  ? 2.617   3.869   -2.479  1.00 5.79   ? 9   DG  A N1    1 
ATOM   186 C C2    . DG  A 1 9  ? 2.762   5.227   -2.717  1.00 7.25   ? 9   DG  A C2    1 
ATOM   187 N N2    . DG  A 1 9  ? 3.207   5.948   -1.693  1.00 7.32   ? 9   DG  A N2    1 
ATOM   188 N N3    . DG  A 1 9  ? 2.585   5.786   -3.887  1.00 6.65   ? 9   DG  A N3    1 
ATOM   189 C C4    . DG  A 1 9  ? 2.127   4.908   -4.802  1.00 6.49   ? 9   DG  A C4    1 
ATOM   190 P P     . DT  A 1 10 ? 4.104   9.935   -7.811  1.00 12.17  ? 10  DT  A P     1 
ATOM   191 O OP1   . DT  A 1 10 ? 3.712   11.255  -7.303  1.00 15.49  ? 10  DT  A OP1   1 
ATOM   192 O OP2   . DT  A 1 10 ? 4.827   9.747   -9.097  1.00 14.18  ? 10  DT  A OP2   1 
ATOM   193 O "O5'" . DT  A 1 10 ? 5.042   9.162   -6.755  1.00 11.82  ? 10  DT  A "O5'" 1 
ATOM   194 C "C5'" . DT  A 1 10 ? 4.648   9.231   -5.386  1.00 11.94  ? 10  DT  A "C5'" 1 
ATOM   195 C "C4'" . DT  A 1 10 ? 5.867   8.972   -4.541  1.00 10.85  ? 10  DT  A "C4'" 1 
ATOM   196 O "O4'" . DT  A 1 10 ? 6.325   7.626   -4.704  1.00 10.45  ? 10  DT  A "O4'" 1 
ATOM   197 C "C3'" . DT  A 1 10 ? 7.040   9.887   -4.822  1.00 11.94  ? 10  DT  A "C3'" 1 
ATOM   198 O "O3'" . DT  A 1 10 ? 7.781   10.193  -3.616  1.00 15.03  ? 10  DT  A "O3'" 1 
ATOM   199 C "C2'" . DT  A 1 10 ? 7.930   9.047   -5.707  1.00 11.06  ? 10  DT  A "C2'" 1 
ATOM   200 C "C1'" . DT  A 1 10 ? 7.704   7.683   -5.128  1.00 10.71  ? 10  DT  A "C1'" 1 
ATOM   201 N N1    . DT  A 1 10 ? 7.911   6.558   -6.002  1.00 9.73   ? 10  DT  A N1    1 
ATOM   202 C C2    . DT  A 1 10 ? 8.629   5.490   -5.528  1.00 10.76  ? 10  DT  A C2    1 
ATOM   203 O O2    . DT  A 1 10 ? 9.211   5.501   -4.454  1.00 13.66  ? 10  DT  A O2    1 
ATOM   204 N N3    . DT  A 1 10 ? 8.691   4.431   -6.376  1.00 13.17  ? 10  DT  A N3    1 
ATOM   205 C C4    . DT  A 1 10 ? 8.011   4.274   -7.562  1.00 11.55  ? 10  DT  A C4    1 
ATOM   206 O O4    . DT  A 1 10 ? 8.181   3.269   -8.232  1.00 16.23  ? 10  DT  A O4    1 
ATOM   207 C C5    . DT  A 1 10 ? 7.230   5.414   -7.979  1.00 11.08  ? 10  DT  A C5    1 
ATOM   208 C C7    . DT  A 1 10 ? 6.513   5.347   -9.285  1.00 12.73  ? 10  DT  A C7    1 
ATOM   209 C C6    . DT  A 1 10 ? 7.206   6.475   -7.185  1.00 9.81   ? 10  DT  A C6    1 
ATOM   210 P P     . DG  A 1 11 ? 7.141   11.119  -2.494  1.00 18.71  ? 11  DG  A P     1 
ATOM   211 O OP1   . DG  A 1 11 ? 6.041   11.980  -3.045  1.00 22.22  ? 11  DG  A OP1   1 
ATOM   212 O OP2   . DG  A 1 11 ? 8.191   11.722  -1.673  1.00 25.14  ? 11  DG  A OP2   1 
ATOM   213 O "O5'" . DG  A 1 11 ? 6.522   9.976   -1.590  1.00 14.22  ? 11  DG  A "O5'" 1 
ATOM   214 C "C5'" . DG  A 1 11 ? 5.865   10.302  -0.364  1.00 14.79  ? 11  DG  A "C5'" 1 
ATOM   215 C "C4'" . DG  A 1 11 ? 6.375   9.405   0.734   1.00 11.15  ? 11  DG  A "C4'" 1 
ATOM   216 O "O4'" . DG  A 1 11 ? 6.047   8.039   0.460   1.00 9.75   ? 11  DG  A "O4'" 1 
ATOM   217 C "C3'" . DG  A 1 11 ? 7.889   9.415   0.897   1.00 11.01  ? 11  DG  A "C3'" 1 
ATOM   218 O "O3'" . DG  A 1 11 ? 8.288   9.185   2.260   1.00 12.07  ? 11  DG  A "O3'" 1 
ATOM   219 C "C2'" . DG  A 1 11 ? 8.334   8.216   0.096   1.00 9.18   ? 11  DG  A "C2'" 1 
ATOM   220 C "C1'" . DG  A 1 11 ? 7.245   7.262   0.455   1.00 8.23   ? 11  DG  A "C1'" 1 
ATOM   221 N N9    . DG  A 1 11 ? 7.020   6.142   -0.430  1.00 7.65   ? 11  DG  A N9    1 
ATOM   222 C C8    . DG  A 1 11 ? 6.652   6.154   -1.747  1.00 8.12   ? 11  DG  A C8    1 
ATOM   223 N N7    . DG  A 1 11 ? 6.360   4.985   -2.212  1.00 8.08   ? 11  DG  A N7    1 
ATOM   224 C C5    . DG  A 1 11 ? 6.468   4.139   -1.120  1.00 6.15   ? 11  DG  A C5    1 
ATOM   225 C C6    . DG  A 1 11 ? 6.259   2.751   -1.012  1.00 6.04   ? 11  DG  A C6    1 
ATOM   226 O O6    . DG  A 1 11 ? 5.811   1.958   -1.871  1.00 6.17   ? 11  DG  A O6    1 
ATOM   227 N N1    . DG  A 1 11 ? 6.492   2.292   0.302   1.00 6.72   ? 11  DG  A N1    1 
ATOM   228 C C2    . DG  A 1 11 ? 7.017   3.073   1.301   1.00 6.47   ? 11  DG  A C2    1 
ATOM   229 N N2    . DG  A 1 11 ? 7.284   2.456   2.451   1.00 7.72   ? 11  DG  A N2    1 
ATOM   230 N N3    . DG  A 1 11 ? 7.241   4.371   1.192   1.00 7.40   ? 11  DG  A N3    1 
ATOM   231 C C4    . DG  A 1 11 ? 6.911   4.839   -0.019  1.00 6.68   ? 11  DG  A C4    1 
ATOM   232 P P     . DG  A 1 12 ? 7.643   9.909   3.528   1.00 12.92  ? 12  DG  A P     1 
ATOM   233 O OP1   . DG  A 1 12 ? 7.270   11.260  3.150   1.00 14.62  ? 12  DG  A OP1   1 
ATOM   234 O OP2   . DG  A 1 12 ? 8.611   9.699   4.673   1.00 15.74  ? 12  DG  A OP2   1 
ATOM   235 O "O5'" . DG  A 1 12 ? 6.373   8.953   3.773   1.00 12.21  ? 12  DG  A "O5'" 1 
ATOM   236 C "C5'" . DG  A 1 12 ? 5.530   9.049   4.929   1.00 9.45   ? 12  DG  A "C5'" 1 
ATOM   237 C "C4'" . DG  A 1 12 ? 5.362   7.645   5.477   1.00 8.77   ? 12  DG  A "C4'" 1 
ATOM   238 O "O4'" . DG  A 1 12 ? 4.478   6.931   4.585   1.00 8.39   ? 12  DG  A "O4'" 1 
ATOM   239 C "C3'" . DG  A 1 12 ? 6.649   6.793   5.622   1.00 9.40   ? 12  DG  A "C3'" 1 
ATOM   240 O "O3'" . DG  A 1 12 ? 6.642   6.187   6.941   1.00 9.02   ? 12  DG  A "O3'" 1 
ATOM   241 C "C2'" . DG  A 1 12 ? 6.482   5.742   4.535   1.00 8.60   ? 12  DG  A "C2'" 1 
ATOM   242 C "C1'" . DG  A 1 12 ? 4.961   5.619   4.462   1.00 7.87   ? 12  DG  A "C1'" 1 
ATOM   243 N N9    . DG  A 1 12 ? 4.500   5.075   3.203   1.00 6.44   ? 12  DG  A N9    1 
ATOM   244 C C8    . DG  A 1 12 ? 4.349   5.736   2.008   1.00 7.11   ? 12  DG  A C8    1 
ATOM   245 N N7    . DG  A 1 12 ? 3.857   4.965   1.064   1.00 6.44   ? 12  DG  A N7    1 
ATOM   246 C C5    . DG  A 1 12 ? 3.698   3.735   1.658   1.00 5.62   ? 12  DG  A C5    1 
ATOM   247 C C6    . DG  A 1 12 ? 3.250   2.531   1.116   1.00 5.61   ? 12  DG  A C6    1 
ATOM   248 O O6    . DG  A 1 12 ? 2.864   2.286   -0.053  1.00 5.94   ? 12  DG  A O6    1 
ATOM   249 N N1    . DG  A 1 12 ? 3.265   1.497   2.070   1.00 5.90   ? 12  DG  A N1    1 
ATOM   250 C C2    . DG  A 1 12 ? 3.652   1.634   3.380   1.00 5.34   ? 12  DG  A C2    1 
ATOM   251 N N2    . DG  A 1 12 ? 3.560   0.527   4.146   1.00 6.40   ? 12  DG  A N2    1 
ATOM   252 N N3    . DG  A 1 12 ? 4.062   2.778   3.901   1.00 6.18   ? 12  DG  A N3    1 
ATOM   253 C C4    . DG  A 1 12 ? 4.071   3.785   2.985   1.00 5.88   ? 12  DG  A C4    1 
ATOM   254 P P     . DT  A 1 13 ? 7.521   6.866   8.068   1.00 10.24  ? 13  DT  A P     1 
ATOM   255 O OP1   . DT  A 1 13 ? 7.170   8.265   8.207   1.00 10.67  ? 13  DT  A OP1   1 
ATOM   256 O OP2   . DT  A 1 13 ? 8.957   6.593   7.801   1.00 13.26  ? 13  DT  A OP2   1 
ATOM   257 O "O5'" . DT  A 1 13 ? 7.016   6.135   9.343   1.00 10.09  ? 13  DT  A "O5'" 1 
ATOM   258 C "C5'" . DT  A 1 13 ? 7.315   4.743   9.611   1.00 10.63  ? 13  DT  A "C5'" 1 
ATOM   259 C "C4'" . DT  A 1 13 ? 7.267   4.473   11.092  1.00 9.71   ? 13  DT  A "C4'" 1 
ATOM   260 O "O4'" . DT  A 1 13 ? 8.315   5.219   11.774  1.00 9.98   ? 13  DT  A "O4'" 1 
ATOM   261 C "C3'" . DT  A 1 13 ? 5.990   4.949   11.757  1.00 9.08   ? 13  DT  A "C3'" 1 
ATOM   262 O "O3'" . DT  A 1 13 ? 5.010   3.926   11.619  1.00 10.04  ? 13  DT  A "O3'" 1 
ATOM   263 C "C2'" . DT  A 1 13 ? 6.418   5.169   13.203  1.00 9.34   ? 13  DT  A "C2'" 1 
ATOM   264 C "C1'" . DT  A 1 13 ? 7.843   5.593   13.066  1.00 9.29   ? 13  DT  A "C1'" 1 
ATOM   265 N N1    . DT  A 1 13 ? 8.079   7.050   13.224  1.00 9.74   ? 13  DT  A N1    1 
ATOM   266 C C2    . DT  A 1 13 ? 8.257   7.541   14.483  1.00 9.71   ? 13  DT  A C2    1 
ATOM   267 O O2    . DT  A 1 13 ? 8.327   6.809   15.438  1.00 11.08  ? 13  DT  A O2    1 
ATOM   268 N N3    . DT  A 1 13 ? 8.469   8.892   14.567  1.00 9.68   ? 13  DT  A N3    1 
ATOM   269 C C4    . DT  A 1 13 ? 8.409   9.801   13.528  1.00 9.80   ? 13  DT  A C4    1 
ATOM   270 O O4    . DT  A 1 13 ? 8.575   10.984  13.744  1.00 10.60  ? 13  DT  A O4    1 
ATOM   271 C C5    . DT  A 1 13 ? 8.027   9.232   12.247  1.00 10.51  ? 13  DT  A C5    1 
ATOM   272 C C7    . DT  A 1 13 ? 7.969   10.107  11.033  1.00 12.91  ? 13  DT  A C7    1 
ATOM   273 C C6    . DT  A 1 13 ? 7.891   7.903   12.170  1.00 9.92   ? 13  DT  A C6    1 
ATOM   274 P P     . DG  A 1 14 ? 3.454   4.341   11.655  1.00 9.27   ? 14  DG  A P     1 
ATOM   275 O OP1   . DG  A 1 14 ? 3.268   5.403   12.678  1.00 10.45  ? 14  DG  A OP1   1 
ATOM   276 O OP2   . DG  A 1 14 ? 2.712   3.080   11.739  1.00 9.64   ? 14  DG  A OP2   1 
ATOM   277 O "O5'" . DG  A 1 14 ? 3.225   5.067   10.262  1.00 9.28   ? 14  DG  A "O5'" 1 
ATOM   278 C "C5'" . DG  A 1 14 ? 3.126   4.338   9.048   1.00 7.85   ? 14  DG  A "C5'" 1 
ATOM   279 C "C4'" . DG  A 1 14 ? 3.108   5.378   7.970   1.00 7.99   ? 14  DG  A "C4'" 1 
ATOM   280 O "O4'" . DG  A 1 14 ? 2.923   4.732   6.716   1.00 7.70   ? 14  DG  A "O4'" 1 
ATOM   281 C "C3'" . DG  A 1 14 ? 1.950   6.351   8.089   1.00 8.22   ? 14  DG  A "C3'" 1 
ATOM   282 O "O3'" . DG  A 1 14 ? 2.477   7.603   7.586   1.00 9.24   ? 14  DG  A "O3'" 1 
ATOM   283 C "C2'" . DG  A 1 14 ? 0.911   5.767   7.166   1.00 7.79   ? 14  DG  A "C2'" 1 
ATOM   284 C "C1'" . DG  A 1 14 ? 1.799   5.291   6.054   1.00 7.77   ? 14  DG  A "C1'" 1 
ATOM   285 N N9    . DG  A 1 14 ? 1.258   4.252   5.204   1.00 6.45   ? 14  DG  A N9    1 
ATOM   286 C C8    . DG  A 1 14 ? 0.986   2.938   5.509   1.00 6.33   ? 14  DG  A C8    1 
ATOM   287 N N7    . DG  A 1 14 ? 0.507   2.276   4.495   1.00 6.04   ? 14  DG  A N7    1 
ATOM   288 C C5    . DG  A 1 14 ? 0.498   3.198   3.446   1.00 5.38   ? 14  DG  A C5    1 
ATOM   289 C C6    . DG  A 1 14 ? 0.082   3.040   2.132   1.00 5.27   ? 14  DG  A C6    1 
ATOM   290 O O6    . DG  A 1 14 ? -0.354  2.004   1.569   1.00 6.22   ? 14  DG  A O6    1 
ATOM   291 N N1    . DG  A 1 14 ? 0.201   4.236   1.423   1.00 5.59   ? 14  DG  A N1    1 
ATOM   292 C C2    . DG  A 1 14 ? 0.700   5.418   1.915   1.00 5.82   ? 14  DG  A C2    1 
ATOM   293 N N2    . DG  A 1 14 ? 0.754   6.482   1.081   1.00 7.03   ? 14  DG  A N2    1 
ATOM   294 N N3    . DG  A 1 14 ? 1.088   5.566   3.169   1.00 6.30   ? 14  DG  A N3    1 
ATOM   295 C C4    . DG  A 1 14 ? 0.962   4.415   3.868   1.00 5.98   ? 14  DG  A C4    1 
ATOM   296 P P     . DT  A 1 15 ? 1.890   8.995   7.935   1.00 11.66  ? 15  DT  A P     1 
ATOM   297 O OP1   . DT  A 1 15 ? 2.978   10.008  7.749   1.00 13.96  ? 15  DT  A OP1   1 
ATOM   298 O OP2   . DT  A 1 15 ? 1.160   8.980   9.219   1.00 13.40  ? 15  DT  A OP2   1 
ATOM   299 O "O5'" . DT  A 1 15 ? 0.693   9.201   6.900   1.00 12.36  ? 15  DT  A "O5'" 1 
ATOM   300 C "C5'" . DT  A 1 15 ? 0.941   9.168   5.471   1.00 9.96   ? 15  DT  A "C5'" 1 
ATOM   301 C "C4'" . DT  A 1 15 ? -0.249  9.750   4.728   1.00 10.75  ? 15  DT  A "C4'" 1 
ATOM   302 O "O4'" . DT  A 1 15 ? -1.335  8.871   4.923   1.00 11.14  ? 15  DT  A "O4'" 1 
ATOM   303 C "C3'" . DT  A 1 15 ? -0.742  11.127  5.211   1.00 11.34  ? 15  DT  A "C3'" 1 
ATOM   304 O "O3'" . DT  A 1 15 ? -1.304  11.824  4.138   1.00 12.55  ? 15  DT  A "O3'" 1 
ATOM   305 C "C2'" . DT  A 1 15 ? -1.871  10.791  6.187   1.00 11.78  ? 15  DT  A "C2'" 1 
ATOM   306 C "C1'" . DT  A 1 15 ? -2.451  9.551   5.569   1.00 11.98  ? 15  DT  A "C1'" 1 
ATOM   307 N N1    . DT  A 1 15 ? -3.004  8.549   6.531   1.00 10.58  ? 15  DT  A N1    1 
ATOM   308 C C2    . DT  A 1 15 ? -4.207  7.949   6.243   1.00 13.52  ? 15  DT  A C2    1 
ATOM   309 O O2    . DT  A 1 15 ? -4.868  8.249   5.275   1.00 17.02  ? 15  DT  A O2    1 
ATOM   310 N N3    . DT  A 1 15 ? -4.538  6.882   7.058   1.00 13.04  ? 15  DT  A N3    1 
ATOM   311 C C4    . DT  A 1 15 ? -3.817  6.414   8.133   1.00 11.30  ? 15  DT  A C4    1 
ATOM   312 O O4    . DT  A 1 15 ? -4.198  5.405   8.698   1.00 13.40  ? 15  DT  A O4    1 
ATOM   313 C C5    . DT  A 1 15 ? -2.576  7.109   8.407   1.00 10.53  ? 15  DT  A C5    1 
ATOM   314 C C7    . DT  A 1 15 ? -1.761  6.741   9.613   1.00 10.96  ? 15  DT  A C7    1 
ATOM   315 C C6    . DT  A 1 15 ? -2.243  8.125   7.598   1.00 9.90   ? 15  DT  A C6    1 
ATOM   316 P P     . DG  A 1 16 ? -0.415  12.583  3.079   1.00 14.00  ? 16  DG  A P     1 
ATOM   317 O OP1   . DG  A 1 16 ? 0.904   13.005  3.687   1.00 16.27  ? 16  DG  A OP1   1 
ATOM   318 O OP2   . DG  A 1 16 ? -1.251  13.618  2.428   1.00 16.41  ? 16  DG  A OP2   1 
ATOM   319 O "O5'" . DG  A 1 16 ? -0.143  11.399  2.046   1.00 11.81  ? 16  DG  A "O5'" 1 
ATOM   320 C "C5'" . DG  A 1 16 ? 0.742   11.521  0.965   1.00 12.57  ? 16  DG  A "C5'" 1 
ATOM   321 C "C4'" . DG  A 1 16 ? 0.021   11.291  -0.338  1.00 9.21   ? 16  DG  A "C4'" 1 
ATOM   322 O "O4'" . DG  A 1 16 ? -0.486  9.951   -0.422  1.00 10.27  ? 16  DG  A "O4'" 1 
ATOM   323 C "C3'" . DG  A 1 16 ? -1.208  12.179  -0.540  1.00 10.28  ? 16  DG  A "C3'" 1 
ATOM   324 O "O3'" . DG  A 1 16 ? -1.455  12.443  -1.942  1.00 11.67  ? 16  DG  A "O3'" 1 
ATOM   325 C "C2'" . DG  A 1 16 ? -2.370  11.304  -0.076  1.00 10.67  ? 16  DG  A "C2'" 1 
ATOM   326 C "C1'" . DG  A 1 16 ? -1.917  9.963   -0.603  1.00 9.29   ? 16  DG  A "C1'" 1 
ATOM   327 N N9    . DG  A 1 16 ? -2.396  8.783   0.081   1.00 8.68   ? 16  DG  A N9    1 
ATOM   328 C C8    . DG  A 1 16 ? -2.215  8.463   1.410   1.00 8.47   ? 16  DG  A C8    1 
ATOM   329 N N7    . DG  A 1 16 ? -2.584  7.243   1.683   1.00 8.08   ? 16  DG  A N7    1 
ATOM   330 C C5    . DG  A 1 16 ? -3.061  6.742   0.485   1.00 7.28   ? 16  DG  A C5    1 
ATOM   331 C C6    . DG  A 1 16 ? -3.497  5.448   0.160   1.00 7.26   ? 16  DG  A C6    1 
ATOM   332 O O6    . DG  A 1 16 ? -3.644  4.468   0.910   1.00 7.78   ? 16  DG  A O6    1 
ATOM   333 N N1    . DG  A 1 16 ? -3.880  5.351   -1.184  1.00 6.99   ? 16  DG  A N1    1 
ATOM   334 C C2    . DG  A 1 16 ? -3.780  6.389   -2.088  1.00 6.62   ? 16  DG  A C2    1 
ATOM   335 N N2    . DG  A 1 16 ? -4.140  6.094   -3.340  1.00 7.49   ? 16  DG  A N2    1 
ATOM   336 N N3    . DG  A 1 16 ? -3.260  7.562   -1.800  1.00 6.97   ? 16  DG  A N3    1 
ATOM   337 C C4    . DG  A 1 16 ? -2.932  7.673   -0.516  1.00 7.77   ? 16  DG  A C4    1 
ATOM   338 P P     . DG  A 1 17 ? -0.313  12.929  -3.008  1.00 13.05  ? 17  DG  A P     1 
ATOM   339 O OP1   . DG  A 1 17 ? 0.846   13.623  -2.323  1.00 14.67  ? 17  DG  A OP1   1 
ATOM   340 O OP2   . DG  A 1 17 ? -1.027  13.627  -4.108  1.00 16.02  ? 17  DG  A OP2   1 
ATOM   341 O "O5'" . DG  A 1 17 ? 0.125   11.470  -3.547  1.00 12.51  ? 17  DG  A "O5'" 1 
ATOM   342 C "C5'" . DG  A 1 17 ? 1.058   11.286  -4.596  1.00 10.83  ? 17  DG  A "C5'" 1 
ATOM   343 C "C4'" . DG  A 1 17 ? 0.556   10.198  -5.498  1.00 9.04   ? 17  DG  A "C4'" 1 
ATOM   344 O "O4'" . DG  A 1 17 ? 0.761   8.951   -4.769  1.00 8.70   ? 17  DG  A "O4'" 1 
ATOM   345 C "C3'" . DG  A 1 17 ? -0.942  10.243  -5.823  1.00 9.68   ? 17  DG  A "C3'" 1 
ATOM   346 O "O3'" . DG  A 1 17 ? -1.040  9.877   -7.199  1.00 9.91   ? 17  DG  A "O3'" 1 
ATOM   347 C "C2'" . DG  A 1 17 ? -1.572  9.219   -4.854  1.00 8.76   ? 17  DG  A "C2'" 1 
ATOM   348 C "C1'" . DG  A 1 17 ? -0.449  8.174   -4.857  1.00 8.83   ? 17  DG  A "C1'" 1 
ATOM   349 N N9    . DG  A 1 17 ? -0.429  7.227   -3.747  1.00 6.94   ? 17  DG  A N9    1 
ATOM   350 C C8    . DG  A 1 17 ? -0.069  7.486   -2.449  1.00 6.01   ? 17  DG  A C8    1 
ATOM   351 N N7    . DG  A 1 17 ? -0.143  6.422   -1.688  1.00 6.54   ? 17  DG  A N7    1 
ATOM   352 C C5    . DG  A 1 17 ? -0.632  5.436   -2.534  1.00 6.52   ? 17  DG  A C5    1 
ATOM   353 C C6    . DG  A 1 17 ? -0.951  4.084   -2.274  1.00 5.95   ? 17  DG  A C6    1 
ATOM   354 O O6    . DG  A 1 17 ? -0.849  3.452   -1.198  1.00 5.82   ? 17  DG  A O6    1 
ATOM   355 N N1    . DG  A 1 17 ? -1.410  3.429   -3.411  1.00 6.36   ? 17  DG  A N1    1 
ATOM   356 C C2    . DG  A 1 17 ? -1.539  4.022   -4.658  1.00 6.05   ? 17  DG  A C2    1 
ATOM   357 N N2    . DG  A 1 17 ? -2.058  3.256   -5.605  1.00 7.22   ? 17  DG  A N2    1 
ATOM   358 N N3    . DG  A 1 17 ? -1.256  5.300   -4.902  1.00 6.60   ? 17  DG  A N3    1 
ATOM   359 C C4    . DG  A 1 17 ? -0.804  5.930   -3.806  1.00 6.52   ? 17  DG  A C4    1 
ATOM   360 P P     . DT  A 1 18 ? -2.339  10.209  -8.089  1.00 12.58  ? 18  DT  A P     1 
ATOM   361 O OP1   . DT  A 1 18 ? -1.908  9.933   -9.496  1.00 13.90  ? 18  DT  A OP1   1 
ATOM   362 O OP2   . DT  A 1 18 ? -2.868  11.533  -7.721  1.00 14.44  ? 18  DT  A OP2   1 
ATOM   363 O "O5'" . DT  A 1 18 ? -3.454  9.168   -7.624  1.00 11.53  ? 18  DT  A "O5'" 1 
ATOM   364 C "C5'" . DT  A 1 18 ? -3.225  7.780   -7.764  1.00 10.99  ? 18  DT  A "C5'" 1 
ATOM   365 C "C4'" . DT  A 1 18 ? -4.481  6.991   -7.546  1.00 12.21  ? 18  DT  A "C4'" 1 
ATOM   366 O "O4'" . DT  A 1 18 ? -4.802  7.092   -6.150  1.00 11.84  ? 18  DT  A "O4'" 1 
ATOM   367 C "C3'" . DT  A 1 18 ? -5.719  7.518   -8.271  1.00 11.46  ? 18  DT  A "C3'" 1 
ATOM   368 O "O3'" . DT  A 1 18 ? -6.550  6.470   -8.778  1.00 12.08  ? 18  DT  A "O3'" 1 
ATOM   369 C "C2'" . DT  A 1 18 ? -6.486  8.312   -7.239  1.00 11.69  ? 18  DT  A "C2'" 1 
ATOM   370 C "C1'" . DT  A 1 18 ? -6.142  7.572   -5.973  1.00 11.59  ? 18  DT  A "C1'" 1 
ATOM   371 N N1    . DT  A 1 18 ? -6.154  8.367   -4.780  1.00 13.46  ? 18  DT  A N1    1 
ATOM   372 C C2    . DT  A 1 18 ? -6.831  7.934   -3.661  1.00 14.95  ? 18  DT  A C2    1 
ATOM   373 O O2    . DT  A 1 18 ? -7.517  6.911   -3.635  1.00 16.32  ? 18  DT  A O2    1 
ATOM   374 N N3    . DT  A 1 18 ? -6.586  8.675   -2.537  1.00 16.29  ? 18  DT  A N3    1 
ATOM   375 C C4    . DT  A 1 18 ? -5.873  9.849   -2.455  1.00 16.79  ? 18  DT  A C4    1 
ATOM   376 O O4    . DT  A 1 18 ? -5.732  10.390  -1.374  1.00 24.26  ? 18  DT  A O4    1 
ATOM   377 C C5    . DT  A 1 18 ? -5.178  10.237  -3.663  1.00 17.40  ? 18  DT  A C5    1 
ATOM   378 C C7    . DT  A 1 18 ? -4.366  11.494  -3.665  1.00 20.97  ? 18  DT  A C7    1 
ATOM   379 C C6    . DT  A 1 18 ? -5.393  9.515   -4.765  1.00 13.95  ? 18  DT  A C6    1 
ATOM   380 P P     . DG  A 1 19 ? -6.107  5.547   -9.963  1.00 12.04  ? 19  DG  A P     1 
ATOM   381 O OP1   . DG  A 1 19 ? -5.174  6.274   -10.825 1.00 13.05  ? 19  DG  A OP1   1 
ATOM   382 O OP2   . DG  A 1 19 ? -7.373  4.987   -10.567 1.00 16.92  ? 19  DG  A OP2   1 
ATOM   383 O "O5'" . DG  A 1 19 ? -5.305  4.409   -9.174  1.00 11.69  ? 19  DG  A "O5'" 1 
ATOM   384 C "C5'" . DG  A 1 19 ? -4.586  3.385   -9.873  1.00 10.79  ? 19  DG  A "C5'" 1 
ATOM   385 C "C4'" . DG  A 1 19 ? -5.054  2.028   -9.440  1.00 10.04  ? 19  DG  A "C4'" 1 
ATOM   386 O "O4'" . DG  A 1 19 ? -4.753  1.796   -8.045  1.00 9.38   ? 19  DG  A "O4'" 1 
ATOM   387 C "C3'" . DG  A 1 19 ? -6.544  1.801   -9.576  1.00 9.60   ? 19  DG  A "C3'" 1 
ATOM   388 O "O3'" . DG  A 1 19 ? -6.953  0.435   -9.756  1.00 12.36  ? 19  DG  A "O3'" 1 
ATOM   389 C "C2'" . DG  A 1 19 ? -7.095  2.149   -8.190  1.00 9.62   ? 19  DG  A "C2'" 1 
ATOM   390 C "C1'" . DG  A 1 19 ? -5.982  1.582   -7.330  1.00 8.33   ? 19  DG  A "C1'" 1 
ATOM   391 N N9    . DG  A 1 19 ? -5.834  2.185   -6.025  1.00 8.05   ? 19  DG  A N9    1 
ATOM   392 C C8    . DG  A 1 19 ? -5.494  3.499   -5.751  1.00 8.41   ? 19  DG  A C8    1 
ATOM   393 N N7    . DG  A 1 19 ? -5.253  3.725   -4.473  1.00 7.78   ? 19  DG  A N7    1 
ATOM   394 C C5    . DG  A 1 19 ? -5.363  2.452   -3.900  1.00 6.35   ? 19  DG  A C5    1 
ATOM   395 C C6    . DG  A 1 19 ? -5.130  2.035   -2.569  1.00 6.81   ? 19  DG  A C6    1 
ATOM   396 O O6    . DG  A 1 19 ? -4.760  2.707   -1.598  1.00 7.24   ? 19  DG  A O6    1 
ATOM   397 N N1    . DG  A 1 19 ? -5.354  0.666   -2.417  1.00 5.99   ? 19  DG  A N1    1 
ATOM   398 C C2    . DG  A 1 19 ? -5.719  -0.195  -3.405  1.00 6.69   ? 19  DG  A C2    1 
ATOM   399 N N2    . DG  A 1 19 ? -5.822  -1.495  -3.086  1.00 6.53   ? 19  DG  A N2    1 
ATOM   400 N N3    . DG  A 1 19 ? -5.914  0.175   -4.656  1.00 7.54   ? 19  DG  A N3    1 
ATOM   401 C C4    . DG  A 1 19 ? -5.719  1.502   -4.836  1.00 7.28   ? 19  DG  A C4    1 
ATOM   402 P P     . DG  A 1 20 ? -6.289  -0.571  -10.850 1.00 14.25  ? 20  DG  A P     1 
ATOM   403 O OP1   . DG  A 1 20 ? -5.778  0.239   -11.988 1.00 13.79  ? 20  DG  A OP1   1 
ATOM   404 O OP2   . DG  A 1 20 ? -7.253  -1.700  -11.052 1.00 18.51  ? 20  DG  A OP2   1 
ATOM   405 O "O5'" . DG  A 1 20 ? -5.011  -1.057  -9.921  1.00 14.30  ? 20  DG  A "O5'" 1 
ATOM   406 C "C5'" . DG  A 1 20 ? -4.215  -2.090  -10.346 1.00 13.67  ? 20  DG  A "C5'" 1 
ATOM   407 C "C4'" . DG  A 1 20 ? -4.069  -3.041  -9.189  1.00 10.15  ? 20  DG  A "C4'" 1 
ATOM   408 O "O4'" . DG  A 1 20 ? -3.152  -2.517  -8.195  1.00 8.70   ? 20  DG  A "O4'" 1 
ATOM   409 C "C3'" . DG  A 1 20 ? -5.349  -3.398  -8.420  1.00 9.06   ? 20  DG  A "C3'" 1 
ATOM   410 O "O3'" . DG  A 1 20 ? -5.241  -4.799  -8.160  1.00 10.30  ? 20  DG  A "O3'" 1 
ATOM   411 C "C2'" . DG  A 1 20 ? -5.257  -2.586  -7.125  1.00 8.91   ? 20  DG  A "C2'" 1 
ATOM   412 C "C1'" . DG  A 1 20 ? -3.757  -2.648  -6.925  1.00 7.90   ? 20  DG  A "C1'" 1 
ATOM   413 N N9    . DG  A 1 20 ? -3.244  -1.608  -6.049  1.00 6.05   ? 20  DG  A N9    1 
ATOM   414 C C8    . DG  A 1 20 ? -3.086  -0.270  -6.349  1.00 5.94   ? 20  DG  A C8    1 
ATOM   415 N N7    . DG  A 1 20 ? -2.668  0.447   -5.338  1.00 6.42   ? 20  DG  A N7    1 
ATOM   416 C C5    . DG  A 1 20 ? -2.600  -0.472  -4.288  1.00 6.18   ? 20  DG  A C5    1 
ATOM   417 C C6    . DG  A 1 20 ? -2.206  -0.308  -2.934  1.00 5.73   ? 20  DG  A C6    1 
ATOM   418 O O6    . DG  A 1 20 ? -1.845  0.723   -2.359  1.00 6.10   ? 20  DG  A O6    1 
ATOM   419 N N1    . DG  A 1 20 ? -2.289  -1.506  -2.218  1.00 5.61   ? 20  DG  A N1    1 
ATOM   420 C C2    . DG  A 1 20 ? -2.652  -2.718  -2.751  1.00 5.68   ? 20  DG  A C2    1 
ATOM   421 N N2    . DG  A 1 20 ? -2.682  -3.764  -1.913  1.00 6.39   ? 20  DG  A N2    1 
ATOM   422 N N3    . DG  A 1 20 ? -2.982  -2.897  -4.010  1.00 6.58   ? 20  DG  A N3    1 
ATOM   423 C C4    . DG  A 1 20 ? -2.929  -1.743  -4.719  1.00 6.35   ? 20  DG  A C4    1 
ATOM   424 P P     . DT  A 1 21 ? -6.513  -5.728  -7.949  1.00 11.31  ? 21  DT  A P     1 
ATOM   425 O OP1   . DT  A 1 21 ? -6.000  -7.096  -8.014  1.00 13.79  ? 21  DT  A OP1   1 
ATOM   426 O OP2   . DT  A 1 21 ? -7.631  -5.285  -8.856  1.00 12.52  ? 21  DT  A OP2   1 
ATOM   427 O "O5'" . DT  A 1 21 ? -7.047  -5.427  -6.473  1.00 11.55  ? 21  DT  A "O5'" 1 
ATOM   428 C "C5'" . DT  A 1 21 ? -6.157  -5.784  -5.380  1.00 9.86   ? 21  DT  A "C5'" 1 
ATOM   429 C "C4'" . DT  A 1 21 ? -6.896  -5.437  -4.116  1.00 10.35  ? 21  DT  A "C4'" 1 
ATOM   430 O "O4'" . DT  A 1 21 ? -7.129  -4.038  -3.988  1.00 10.75  ? 21  DT  A "O4'" 1 
ATOM   431 C "C3'" . DT  A 1 21 ? -8.250  -6.123  -3.903  1.00 12.30  ? 21  DT  A "C3'" 1 
ATOM   432 O "O3'" . DT  A 1 21 ? -8.438  -6.420  -2.506  1.00 11.31  ? 21  DT  A "O3'" 1 
ATOM   433 C "C2'" . DT  A 1 21 ? -9.256  -5.054  -4.173  1.00 12.06  ? 21  DT  A "C2'" 1 
ATOM   434 C "C1'" . DT  A 1 21 ? -8.525  -3.829  -3.684  1.00 12.29  ? 21  DT  A "C1'" 1 
ATOM   435 N N1    . DT  A 1 21 ? -8.901  -2.576  -4.318  1.00 11.28  ? 21  DT  A N1    1 
ATOM   436 C C2    . DT  A 1 21 ? -9.059  -1.436  -3.556  1.00 12.68  ? 21  DT  A C2    1 
ATOM   437 O O2    . DT  A 1 21 ? -9.007  -1.427  -2.340  1.00 12.40  ? 21  DT  A O2    1 
ATOM   438 N N3    . DT  A 1 21 ? -9.171  -0.286  -4.271  1.00 12.02  ? 21  DT  A N3    1 
ATOM   439 C C4    . DT  A 1 21 ? -9.261  -0.172  -5.654  1.00 12.21  ? 21  DT  A C4    1 
ATOM   440 O O4    . DT  A 1 21 ? -9.408  0.932   -6.160  1.00 18.71  ? 21  DT  A O4    1 
ATOM   441 C C5    . DT  A 1 21 ? -9.076  -1.403  -6.389  1.00 13.57  ? 21  DT  A C5    1 
ATOM   442 C C7    . DT  A 1 21 ? -9.119  -1.389  -7.876  1.00 15.45  ? 21  DT  A C7    1 
ATOM   443 C C6    . DT  A 1 21 ? -8.926  -2.526  -5.693  1.00 11.60  ? 21  DT  A C6    1 
ATOM   444 P P     . DG  A 1 22 ? -7.823  -7.732  -1.807  1.00 11.95  ? 22  DG  A P     1 
ATOM   445 O OP1   . DG  A 1 22 ? -7.615  -8.796  -2.807  1.00 12.49  ? 22  DG  A OP1   1 
ATOM   446 O OP2   . DG  A 1 22 ? -8.640  -8.090  -0.645  1.00 14.72  ? 22  DG  A OP2   1 
ATOM   447 O "O5'" . DG  A 1 22 ? -6.414  -7.137  -1.379  1.00 10.33  ? 22  DG  A "O5'" 1 
ATOM   448 C "C5'" . DG  A 1 22 ? -5.292  -8.004  -1.026  1.00 10.80  ? 22  DG  A "C5'" 1 
ATOM   449 C "C4'" . DG  A 1 22 ? -4.892  -7.741  0.402   1.00 9.58   ? 22  DG  A "C4'" 1 
ATOM   450 O "O4'" . DG  A 1 22 ? -4.452  -6.390  0.569   1.00 9.62   ? 22  DG  A "O4'" 1 
ATOM   451 C "C3'" . DG  A 1 22 ? -5.985  -7.932  1.441   1.00 10.54  ? 22  DG  A "C3'" 1 
ATOM   452 O "O3'" . DG  A 1 22 ? -5.508  -8.289  2.772   1.00 11.45  ? 22  DG  A "O3'" 1 
ATOM   453 C "C2'" . DG  A 1 22 ? -6.515  -6.504  1.642   1.00 9.59   ? 22  DG  A "C2'" 1 
ATOM   454 C "C1'" . DG  A 1 22 ? -5.274  -5.683  1.515   1.00 8.78   ? 22  DG  A "C1'" 1 
ATOM   455 N N9    . DG  A 1 22 ? -5.401  -4.340  1.023   1.00 7.65   ? 22  DG  A N9    1 
ATOM   456 C C8    . DG  A 1 22 ? -5.799  -3.984  -0.242  1.00 7.39   ? 22  DG  A C8    1 
ATOM   457 N N7    . DG  A 1 22 ? -5.676  -2.709  -0.468  1.00 6.98   ? 22  DG  A N7    1 
ATOM   458 C C5    . DG  A 1 22 ? -5.161  -2.212  0.725   1.00 6.74   ? 22  DG  A C5    1 
ATOM   459 C C6    . DG  A 1 22 ? -4.798  -0.906  1.068   1.00 5.36   ? 22  DG  A C6    1 
ATOM   460 O O6    . DG  A 1 22 ? -4.830  0.126   0.362   1.00 6.99   ? 22  DG  A O6    1 
ATOM   461 N N1    . DG  A 1 22 ? -4.329  -0.797  2.378   1.00 5.95   ? 22  DG  A N1    1 
ATOM   462 C C2    . DG  A 1 22 ? -4.191  -1.879  3.236   1.00 6.05   ? 22  DG  A C2    1 
ATOM   463 N N2    . DG  A 1 22 ? -3.678  -1.601  4.449   1.00 7.07   ? 22  DG  A N2    1 
ATOM   464 N N3    . DG  A 1 22 ? -4.526  -3.132  2.903   1.00 6.71   ? 22  DG  A N3    1 
ATOM   465 C C4    . DG  A 1 22 ? -5.002  -3.215  1.649   1.00 7.32   ? 22  DG  A C4    1 
ATOM   466 P P     . DG  A 1 23 ? -4.438  -9.436  3.062   1.00 14.13  ? 23  DG  A P     1 
ATOM   467 O OP1   . DG  A 1 23 ? -4.446  -10.487 2.012   1.00 12.98  ? 23  DG  A OP1   1 
ATOM   468 O OP2   . DG  A 1 23 ? -4.672  -9.868  4.462   1.00 21.52  ? 23  DG  A OP2   1 
ATOM   469 O "O5'" . DG  A 1 23 ? -3.070  -8.515  2.914   1.00 14.77  ? 23  DG  A "O5'" 1 
ATOM   470 C "C5'" . DG  A 1 23 ? -1.756  -8.959  3.203   1.00 12.67  ? 23  DG  A "C5'" 1 
ATOM   471 C "C4'" . DG  A 1 23 ? -1.110  -7.920  4.072   1.00 10.79  ? 23  DG  A "C4'" 1 
ATOM   472 O "O4'" . DG  A 1 23 ? -0.704  -6.793  3.260   1.00 9.36   ? 23  DG  A "O4'" 1 
ATOM   473 C "C3'" . DG  A 1 23 ? -1.973  -7.325  5.182   1.00 9.51   ? 23  DG  A "C3'" 1 
ATOM   474 O "O3'" . DG  A 1 23 ? -1.051  -7.169  6.280   1.00 9.90   ? 23  DG  A "O3'" 1 
ATOM   475 C "C2'" . DG  A 1 23 ? -2.418  -5.994  4.634   1.00 8.29   ? 23  DG  A "C2'" 1 
ATOM   476 C "C1'" . DG  A 1 23 ? -1.183  -5.563  3.858   1.00 7.49   ? 23  DG  A "C1'" 1 
ATOM   477 N N9    . DG  A 1 23 ? -1.320  -4.588  2.796   1.00 6.60   ? 23  DG  A N9    1 
ATOM   478 C C8    . DG  A 1 23 ? -1.857  -4.808  1.540   1.00 6.02   ? 23  DG  A C8    1 
ATOM   479 N N7    . DG  A 1 23 ? -1.893  -3.707  0.823   1.00 6.29   ? 23  DG  A N7    1 
ATOM   480 C C5    . DG  A 1 23 ? -1.379  -2.738  1.662   1.00 6.37   ? 23  DG  A C5    1 
ATOM   481 C C6    . DG  A 1 23 ? -1.222  -1.345  1.458   1.00 5.52   ? 23  DG  A C6    1 
ATOM   482 O O6    . DG  A 1 23 ? -1.431  -0.689  0.424   1.00 5.88   ? 23  DG  A O6    1 
ATOM   483 N N1    . DG  A 1 23 ? -0.695  -0.714  2.586   1.00 5.13   ? 23  DG  A N1    1 
ATOM   484 C C2    . DG  A 1 23 ? -0.386  -1.377  3.789   1.00 5.63   ? 23  DG  A C2    1 
ATOM   485 N N2    . DG  A 1 23 ? 0.043   -0.596  4.770   1.00 6.63   ? 23  DG  A N2    1 
ATOM   486 N N3    . DG  A 1 23 ? -0.562  -2.655  3.988   1.00 6.11   ? 23  DG  A N3    1 
ATOM   487 C C4    . DG  A 1 23 ? -1.084  -3.264  2.902   1.00 6.28   ? 23  DG  A C4    1 
ATOM   488 P P     . DT  A 1 24 ? -1.553  -6.941  7.761   1.00 11.82  ? 24  DT  A P     1 
ATOM   489 O OP1   . DT  A 1 24 ? -0.323  -7.118  8.578   1.00 15.69  ? 24  DT  A OP1   1 
ATOM   490 O OP2   . DT  A 1 24 ? -2.790  -7.725  8.012   1.00 13.29  ? 24  DT  A OP2   1 
ATOM   491 O "O5'" . DT  A 1 24 ? -2.008  -5.410  7.808   1.00 11.65  ? 24  DT  A "O5'" 1 
ATOM   492 C "C5'" . DT  A 1 24 ? -1.070  -4.367  7.506   1.00 11.69  ? 24  DT  A "C5'" 1 
ATOM   493 C "C4'" . DT  A 1 24 ? -1.720  -3.043  7.846   1.00 9.61   ? 24  DT  A "C4'" 1 
ATOM   494 O "O4'" . DT  A 1 24 ? -2.887  -2.898  7.031   1.00 10.83  ? 24  DT  A "O4'" 1 
ATOM   495 C "C3'" . DT  A 1 24 ? -2.238  -3.021  9.276   1.00 9.89   ? 24  DT  A "C3'" 1 
ATOM   496 O "O3'" . DT  A 1 24 ? -2.031  -1.743  9.802   1.00 11.05  ? 24  DT  A "O3'" 1 
ATOM   497 C "C2'" . DT  A 1 24 ? -3.746  -3.189  9.157   1.00 10.38  ? 24  DT  A "C2'" 1 
ATOM   498 C "C1'" . DT  A 1 24 ? -4.041  -2.582  7.824   1.00 10.63  ? 24  DT  A "C1'" 1 
ATOM   499 N N1    . DT  A 1 24 ? -5.168  -3.134  7.103   1.00 12.33  ? 24  DT  A N1    1 
ATOM   500 C C2    . DT  A 1 24 ? -6.096  -2.278  6.531   1.00 14.58  ? 24  DT  A C2    1 
ATOM   501 O O2    . DT  A 1 24 ? -6.149  -1.082  6.784   1.00 14.69  ? 24  DT  A O2    1 
ATOM   502 N N3    . DT  A 1 24 ? -7.020  -2.899  5.727   1.00 17.93  ? 24  DT  A N3    1 
ATOM   503 C C4    . DT  A 1 24 ? -7.103  -4.244  5.430   1.00 20.80  ? 24  DT  A C4    1 
ATOM   504 O O4    . DT  A 1 24 ? -7.979  -4.645  4.672   1.00 29.04  ? 24  DT  A O4    1 
ATOM   505 C C5    . DT  A 1 24 ? -6.066  -5.069  6.011   1.00 19.62  ? 24  DT  A C5    1 
ATOM   506 C C7    . DT  A 1 24 ? -6.093  -6.544  5.781   1.00 19.03  ? 24  DT  A C7    1 
ATOM   507 C C6    . DT  A 1 24 ? -5.162  -4.479  6.809   1.00 12.85  ? 24  DT  A C6    1 
ATOM   508 P P     . DG  A 1 25 ? -0.609  -1.311  10.327  1.00 11.26  ? 25  DG  A P     1 
ATOM   509 O OP1   . DG  A 1 25 ? 0.447   -2.144  9.678   1.00 11.54  ? 25  DG  A OP1   1 
ATOM   510 O OP2   . DG  A 1 25 ? -0.578  -1.299  11.812  1.00 14.75  ? 25  DG  A OP2   1 
ATOM   511 O "O5'" . DG  A 1 25 ? -0.597  0.120   9.702   1.00 10.65  ? 25  DG  A "O5'" 1 
ATOM   512 C "C5'" . DG  A 1 25 ? 0.450   1.054   10.042  1.00 10.44  ? 25  DG  A "C5'" 1 
ATOM   513 C "C4'" . DG  A 1 25 ? -0.121  2.432   10.026  1.00 7.91   ? 25  DG  A "C4'" 1 
ATOM   514 O "O4'" . DG  A 1 25 ? -0.408  2.788   8.628   1.00 8.82   ? 25  DG  A "O4'" 1 
ATOM   515 C "C3'" . DG  A 1 25 ? -1.407  2.621   10.782  1.00 8.55   ? 25  DG  A "C3'" 1 
ATOM   516 O "O3'" . DG  A 1 25 ? -1.323  3.876   11.389  1.00 9.46   ? 25  DG  A "O3'" 1 
ATOM   517 C "C2'" . DG  A 1 25 ? -2.483  2.517   9.718   1.00 8.05   ? 25  DG  A "C2'" 1 
ATOM   518 C "C1'" . DG  A 1 25 ? -1.800  3.005   8.474   1.00 7.99   ? 25  DG  A "C1'" 1 
ATOM   519 N N9    . DG  A 1 25 ? -2.253  2.409   7.220   1.00 7.20   ? 25  DG  A N9    1 
ATOM   520 C C8    . DG  A 1 25 ? -2.522  1.074   6.953   1.00 7.73   ? 25  DG  A C8    1 
ATOM   521 N N7    . DG  A 1 25 ? -2.921  0.864   5.726   1.00 7.53   ? 25  DG  A N7    1 
ATOM   522 C C5    . DG  A 1 25 ? -2.855  2.126   5.139   1.00 7.10   ? 25  DG  A C5    1 
ATOM   523 C C6    . DG  A 1 25 ? -3.089  2.529   3.797   1.00 6.25   ? 25  DG  A C6    1 
ATOM   524 O O6    . DG  A 1 25 ? -3.491  1.839   2.839   1.00 6.75   ? 25  DG  A O6    1 
ATOM   525 N N1    . DG  A 1 25 ? -2.865  3.897   3.632   1.00 5.95   ? 25  DG  A N1    1 
ATOM   526 C C2    . DG  A 1 25 ? -2.440  4.758   4.597   1.00 6.41   ? 25  DG  A C2    1 
ATOM   527 N N2    . DG  A 1 25 ? -2.231  6.024   4.223   1.00 8.05   ? 25  DG  A N2    1 
ATOM   528 N N3    . DG  A 1 25 ? -2.138  4.378   5.835   1.00 6.55   ? 25  DG  A N3    1 
ATOM   529 C C4    . DG  A 1 25 ? -2.377  3.068   6.032   1.00 6.94   ? 25  DG  A C4    1 
ATOM   530 P P     . DT  A 1 26 ? -1.821  4.097   12.902  1.00 10.49  ? 26  DT  A P     1 
ATOM   531 O OP1   . DT  A 1 26 ? -1.293  5.367   13.376  1.00 12.93  ? 26  DT  A OP1   1 
ATOM   532 O OP2   . DT  A 1 26 ? -1.532  2.836   13.730  1.00 12.77  ? 26  DT  A OP2   1 
ATOM   533 O "O5'" . DT  A 1 26 ? -3.408  4.190   12.662  1.00 11.65  ? 26  DT  A "O5'" 1 
ATOM   534 C "C5'" . DT  A 1 26 ? -4.268  4.366   13.809  1.00 11.14  ? 26  DT  A "C5'" 1 
ATOM   535 C "C4'" . DT  A 1 26 ? -5.672  4.583   13.317  1.00 11.17  ? 26  DT  A "C4'" 1 
ATOM   536 O "O4'" . DT  A 1 26 ? -5.912  5.938   12.917  1.00 11.07  ? 26  DT  A "O4'" 1 
ATOM   537 C "C3'" . DT  A 1 26 ? -6.196  3.704   12.188  1.00 10.33  ? 26  DT  A "C3'" 1 
ATOM   538 O "O3'" . DT  A 1 26 ? -7.449  3.240   12.633  1.00 11.69  ? 26  DT  A "O3'" 1 
ATOM   539 C "C2'" . DT  A 1 26 ? -6.352  4.673   11.037  1.00 11.33  ? 26  DT  A "C2'" 1 
ATOM   540 C "C1'" . DT  A 1 26 ? -6.645  5.978   11.738  1.00 10.12  ? 26  DT  A "C1'" 1 
ATOM   541 N N1    . DT  A 1 26 ? -6.256  7.207   10.992  1.00 10.89  ? 26  DT  A N1    1 
ATOM   542 C C2    . DT  A 1 26 ? -7.049  7.529   9.926   1.00 17.35  ? 26  DT  A C2    1 
ATOM   543 O O2    . DT  A 1 26 ? -8.077  6.923   9.659   1.00 23.80  ? 26  DT  A O2    1 
ATOM   544 N N3    . DT  A 1 26 ? -6.670  8.678   9.265   1.00 19.87  ? 26  DT  A N3    1 
ATOM   545 C C4    . DT  A 1 26 ? -5.513  9.399   9.459   1.00 15.16  ? 26  DT  A C4    1 
ATOM   546 O O4    . DT  A 1 26 ? -5.229  10.300  8.697   1.00 15.04  ? 26  DT  A O4    1 
ATOM   547 C C5    . DT  A 1 26 ? -4.685  8.966   10.549  1.00 11.63  ? 26  DT  A C5    1 
ATOM   548 C C7    . DT  A 1 26 ? -3.448  9.745   10.844  1.00 12.25  ? 26  DT  A C7    1 
ATOM   549 C C6    . DT  A 1 26 ? -5.071  7.883   11.242  1.00 10.12  ? 26  DT  A C6    1 
ATOM   550 P P     . DT  A 1 27 ? -8.013  1.868   12.102  1.00 13.11  ? 27  DT  A P     1 
ATOM   551 O OP1   . DT  A 1 27 ? -7.813  1.761   10.625  1.00 14.13  ? 27  DT  A OP1   1 
ATOM   552 O OP2   . DT  A 1 27 ? -9.354  1.797   12.703  1.00 16.07  ? 27  DT  A OP2   1 
ATOM   553 O "O5'" . DT  A 1 27 ? -7.038  0.790   12.729  1.00 12.45  ? 27  DT  A "O5'" 1 
ATOM   554 C "C5'" . DT  A 1 27 ? -7.004  0.569   14.148  1.00 12.68  ? 27  DT  A "C5'" 1 
ATOM   555 C "C4'" . DT  A 1 27 ? -6.054  -0.579  14.414  1.00 16.50  ? 27  DT  A "C4'" 1 
ATOM   556 O "O4'" . DT  A 1 27 ? -6.591  -1.765  13.738  1.00 15.23  ? 27  DT  A "O4'" 1 
ATOM   557 C "C3'" . DT  A 1 27 ? -4.661  -0.328  13.814  1.00 14.12  ? 27  DT  A "C3'" 1 
ATOM   558 O "O3'" . DT  A 1 27 ? -3.745  -0.866  14.778  1.00 17.84  ? 27  DT  A "O3'" 1 
ATOM   559 C "C2'" . DT  A 1 27 ? -4.671  -1.134  12.514  1.00 14.30  ? 27  DT  A "C2'" 1 
ATOM   560 C "C1'" . DT  A 1 27 ? -5.631  -2.289  12.844  1.00 13.35  ? 27  DT  A "C1'" 1 
ATOM   561 N N1    . DT  A 1 27 ? -6.372  -2.803  11.679  1.00 13.16  ? 27  DT  A N1    1 
ATOM   562 C C2    . DT  A 1 27 ? -6.297  -4.140  11.382  1.00 16.93  ? 27  DT  A C2    1 
ATOM   563 O O2    . DT  A 1 27 ? -5.599  -4.907  11.997  1.00 21.46  ? 27  DT  A O2    1 
ATOM   564 N N3    . DT  A 1 27 ? -7.059  -4.542  10.313  1.00 18.18  ? 27  DT  A N3    1 
ATOM   565 C C4    . DT  A 1 27 ? -7.877  -3.749  9.531   1.00 16.67  ? 27  DT  A C4    1 
ATOM   566 O O4    . DT  A 1 27 ? -8.424  -4.224  8.537   1.00 22.12  ? 27  DT  A O4    1 
ATOM   567 C C5    . DT  A 1 27 ? -7.911  -2.360  9.901   1.00 15.56  ? 27  DT  A C5    1 
ATOM   568 C C7    . DT  A 1 27 ? -8.753  -1.411  9.118   1.00 19.18  ? 27  DT  A C7    1 
ATOM   569 C C6    . DT  A 1 27 ? -7.199  -1.966  10.964  1.00 15.42  ? 27  DT  A C6    1 
HETATM 570 N N1    A SPM B 2 .  ? 8.820   -10.525 -1.912  0.50 15.96  ? 101 SPM A N1    1 
HETATM 571 N N1    B SPM B 2 .  ? 9.116   -10.118 -2.826  0.50 34.72  ? 101 SPM A N1    1 
HETATM 572 C C2    A SPM B 2 .  ? 8.090   -9.366  -2.483  0.50 14.53  ? 101 SPM A C2    1 
HETATM 573 C C2    B SPM B 2 .  ? 8.108   -9.124  -2.433  0.50 29.43  ? 101 SPM A C2    1 
HETATM 574 C C3    A SPM B 2 .  ? 8.646   -8.046  -1.917  0.50 13.67  ? 101 SPM A C3    1 
HETATM 575 C C3    B SPM B 2 .  ? 8.774   -7.887  -1.850  0.50 21.49  ? 101 SPM A C3    1 
HETATM 576 C C4    A SPM B 2 .  ? 7.762   -6.860  -2.257  0.50 18.86  ? 101 SPM A C4    1 
HETATM 577 C C4    B SPM B 2 .  ? 7.915   -6.679  -2.171  0.50 22.31  ? 101 SPM A C4    1 
HETATM 578 N N5    A SPM B 2 .  ? 8.217   -6.364  -3.572  0.50 18.58  ? 101 SPM A N5    1 
HETATM 579 N N5    B SPM B 2 .  ? 8.124   -6.341  -3.597  0.50 21.51  ? 101 SPM A N5    1 
HETATM 580 C C6    A SPM B 2 .  ? 7.329   -5.259  -3.934  0.50 18.72  ? 101 SPM A C6    1 
HETATM 581 C C6    B SPM B 2 .  ? 7.282   -5.191  -3.903  0.50 19.50  ? 101 SPM A C6    1 
HETATM 582 C C7    A SPM B 2 .  ? 7.788   -3.921  -3.359  0.50 16.99  ? 101 SPM A C7    1 
HETATM 583 C C7    B SPM B 2 .  ? 7.812   -3.884  -3.323  0.50 17.34  ? 101 SPM A C7    1 
HETATM 584 C C8    A SPM B 2 .  ? 8.416   -3.031  -4.442  0.50 17.49  ? 101 SPM A C8    1 
HETATM 585 C C8    B SPM B 2 .  ? 8.459   -3.033  -4.424  0.50 17.98  ? 101 SPM A C8    1 
HETATM 586 C C9    A SPM B 2 .  ? 7.422   -2.434  -5.418  0.50 17.04  ? 101 SPM A C9    1 
HETATM 587 C C9    B SPM B 2 .  ? 7.474   -2.455  -5.407  0.50 17.63  ? 101 SPM A C9    1 
HETATM 588 N N10   A SPM B 2 .  ? 8.136   -1.515  -6.304  0.50 14.58  ? 101 SPM A N10   1 
HETATM 589 N N10   B SPM B 2 .  ? 8.104   -1.305  -6.066  0.50 18.62  ? 101 SPM A N10   1 
HETATM 590 C C11   A SPM B 2 .  ? 7.191   -0.917  -7.154  0.50 18.42  ? 101 SPM A C11   1 
HETATM 591 C C11   B SPM B 2 .  ? 7.221   -1.064  -7.143  0.50 21.73  ? 101 SPM A C11   1 
HETATM 592 C C12   A SPM B 2 .  ? 7.935   0.209   -7.808  0.50 15.76  ? 101 SPM A C12   1 
HETATM 593 C C12   B SPM B 2 .  ? 7.528   0.292   -7.735  0.50 23.57  ? 101 SPM A C12   1 
HETATM 594 C C13   A SPM B 2 .  ? 7.312   0.363   -9.211  0.50 21.69  ? 101 SPM A C13   1 
HETATM 595 C C13   B SPM B 2 .  ? 7.045   0.215   -9.186  0.50 23.96  ? 101 SPM A C13   1 
HETATM 596 N N14   A SPM B 2 .  ? 8.313   1.009   -10.062 0.50 22.17  ? 101 SPM A N14   1 
HETATM 597 N N14   B SPM B 2 .  ? 7.964   -0.742  -9.797  0.50 20.09  ? 101 SPM A N14   1 
HETATM 598 N N1    A SPM C 2 .  ? -11.573 -11.309 2.413   0.50 46.71  ? 102 SPM A N1    1 
HETATM 599 N N1    B SPM C 2 .  ? -11.572 -11.309 2.416   0.50 46.77  ? 102 SPM A N1    1 
HETATM 600 C C2    A SPM C 2 .  ? -12.308 -10.091 2.036   0.50 47.17  ? 102 SPM A C2    1 
HETATM 601 C C2    B SPM C 2 .  ? -12.307 -10.091 2.035   0.50 47.24  ? 102 SPM A C2    1 
HETATM 602 C C3    A SPM C 2 .  ? -11.293 -9.135  1.399   0.50 43.33  ? 102 SPM A C3    1 
HETATM 603 C C3    B SPM C 2 .  ? -11.290 -9.134  1.405   0.50 43.35  ? 102 SPM A C3    1 
HETATM 604 C C4    A SPM C 2 .  ? -11.847 -7.731  1.103   0.50 33.31  ? 102 SPM A C4    1 
HETATM 605 C C4    B SPM C 2 .  ? -11.846 -7.732  1.103   0.50 33.28  ? 102 SPM A C4    1 
HETATM 606 N N5    A SPM C 2 .  ? -10.741 -6.867  0.625   0.50 25.31  ? 102 SPM A N5    1 
HETATM 607 N N5    B SPM C 2 .  ? -10.741 -6.868  0.620   0.50 25.33  ? 102 SPM A N5    1 
HETATM 608 C C6    A SPM C 2 .  ? -11.146 -5.472  0.373   0.50 21.47  ? 102 SPM A C6    1 
HETATM 609 C C6    B SPM C 2 .  ? -11.143 -5.473  0.375   0.50 21.51  ? 102 SPM A C6    1 
HETATM 610 C C7    A SPM C 2 .  ? -9.897  -4.626  0.510   0.50 16.64  ? 102 SPM A C7    1 
HETATM 611 C C7    B SPM C 2 .  ? -9.893  -4.630  0.511   0.50 16.68  ? 102 SPM A C7    1 
HETATM 612 C C8    A SPM C 2 .  ? -10.254 -3.163  0.454   0.50 14.11  ? 102 SPM A C8    1 
HETATM 613 C C8    B SPM C 2 .  ? -10.247 -3.169  0.456   0.50 14.08  ? 102 SPM A C8    1 
HETATM 614 C C9    A SPM C 2 .  ? -8.999  -2.283  0.662   0.50 15.24  ? 102 SPM A C9    1 
HETATM 615 C C9    B SPM C 2 .  ? -8.994  -2.283  0.662   0.50 15.28  ? 102 SPM A C9    1 
HETATM 616 N N10   A SPM C 2 .  ? -9.308  -0.840  0.519   0.50 15.48  ? 102 SPM A N10   1 
HETATM 617 N N10   B SPM C 2 .  ? -9.334  -0.853  0.499   0.50 15.48  ? 102 SPM A N10   1 
HETATM 618 C C11   A SPM C 2 .  ? -8.134  0.071   0.697   0.50 18.12  ? 102 SPM A C11   1 
HETATM 619 C C11   B SPM C 2 .  ? -8.210  0.117   0.630   0.50 17.65  ? 102 SPM A C11   1 
HETATM 620 C C12   A SPM C 2 .  ? -8.480  1.550   1.034   0.50 20.82  ? 102 SPM A C12   1 
HETATM 621 C C12   B SPM C 2 .  ? -8.707  1.587   0.655   0.50 18.90  ? 102 SPM A C12   1 
HETATM 622 C C13   A SPM C 2 .  ? -7.436  2.649   0.645   0.50 18.69  ? 102 SPM A C13   1 
HETATM 623 C C13   B SPM C 2 .  ? -7.611  2.697   0.685   0.50 27.65  ? 102 SPM A C13   1 
HETATM 624 N N14   A SPM C 2 .  ? -6.095  2.592   1.221   0.50 11.74  ? 102 SPM A N14   1 
HETATM 625 N N14   B SPM C 2 .  ? -7.881  3.727   -0.368  0.50 27.61  ? 102 SPM A N14   1 
HETATM 626 K K     . K   D 3 .  ? -2.768  1.895   0.155   1.00 6.22   ? 103 K   A K     1 
HETATM 627 K K     . K   E 3 .  ? 0.497   0.914   -0.848  1.00 6.07   ? 104 K   A K     1 
HETATM 628 K K     . K   F 3 .  ? 3.840   0.090   -1.616  1.00 5.97   ? 105 K   A K     1 
HETATM 629 O O     . HOH G 4 .  ? -0.692  -7.598  -3.085  1.00 39.54  ? 201 HOH A O     1 
HETATM 630 O O     . HOH G 4 .  ? -4.560  -7.102  9.638   1.00 37.83  ? 202 HOH A O     1 
HETATM 631 O O     . HOH G 4 .  ? 10.343  0.410   -11.416 1.00 50.99  ? 203 HOH A O     1 
HETATM 632 O O     . HOH G 4 .  ? -8.820  2.783   8.555   1.00 44.60  ? 204 HOH A O     1 
HETATM 633 O O     . HOH G 4 .  ? 9.840   4.746   6.310   1.00 39.19  ? 205 HOH A O     1 
HETATM 634 O O     . HOH G 4 .  ? -9.975  -4.807  -8.015  1.00 17.82  ? 206 HOH A O     1 
HETATM 635 O O     . HOH G 4 .  ? -4.094  -2.803  16.412  1.00 39.38  ? 207 HOH A O     1 
HETATM 636 O O     . HOH G 4 .  ? 4.004   11.970  6.459   1.00 33.69  ? 208 HOH A O     1 
HETATM 637 O O     . HOH G 4 .  ? -6.235  -9.510  -7.171  1.00 23.29  ? 209 HOH A O     1 
HETATM 638 O O     . HOH G 4 .  ? -1.161  4.847   -12.775 1.00 36.17  ? 210 HOH A O     1 
HETATM 639 O O     . HOH G 4 .  ? 8.376   10.365  7.307   1.00 16.96  ? 211 HOH A O     1 
HETATM 640 O O     . HOH G 4 .  ? -5.617  -9.726  -4.443  1.00 20.01  ? 212 HOH A O     1 
HETATM 641 O O     . HOH G 4 .  ? -3.033  15.118  -3.357  1.00 43.73  ? 213 HOH A O     1 
HETATM 642 O O     . HOH G 4 .  ? 0.162   -6.289  11.008  1.00 21.36  ? 214 HOH A O     1 
HETATM 643 O O     . HOH G 4 .  ? 5.052   2.382   6.593   1.00 13.91  ? 215 HOH A O     1 
HETATM 644 O O     . HOH G 4 .  ? 1.753   -3.996  10.986  1.00 19.91  ? 216 HOH A O     1 
HETATM 645 O O     . HOH G 4 .  ? 6.708   -12.767 -4.250  1.00 36.23  ? 217 HOH A O     1 
HETATM 646 O O     . HOH G 4 .  ? 1.186   -13.860 -3.983  1.00 24.13  ? 218 HOH A O     1 
HETATM 647 O O     . HOH G 4 .  ? 1.220   2.114   13.685  1.00 14.96  ? 219 HOH A O     1 
HETATM 648 O O     . HOH G 4 .  ? -3.305  0.804   -12.733 1.00 29.77  ? 220 HOH A O     1 
HETATM 649 O O     . HOH G 4 .  ? 3.895   2.546   -15.295 1.00 44.12  ? 221 HOH A O     1 
HETATM 650 O O     . HOH G 4 .  ? 3.992   0.856   11.074  1.00 34.62  ? 222 HOH A O     1 
HETATM 651 O O     . HOH G 4 .  ? -5.050  -16.411 -7.043  1.00 48.56  ? 223 HOH A O     1 
HETATM 652 O O     . HOH G 4 .  ? 5.123   -14.371 -5.663  1.00 34.29  ? 224 HOH A O     1 
HETATM 653 O O     . HOH G 4 .  ? -1.409  0.100   13.923  1.00 16.54  ? 225 HOH A O     1 
HETATM 654 O O     . HOH G 4 .  ? -7.468  -4.330  -11.435 1.00 20.68  ? 226 HOH A O     1 
HETATM 655 O O     . HOH G 4 .  ? -3.578  -10.076 6.885   1.00 28.57  ? 227 HOH A O     1 
HETATM 656 O O     . HOH G 4 .  ? -0.407  15.908  1.352   1.00 48.20  ? 228 HOH A O     1 
HETATM 657 O O     . HOH G 4 .  ? -3.906  13.358  2.418   1.00 32.69  ? 229 HOH A O     1 
HETATM 658 O O     . HOH G 4 .  ? -0.685  -12.001 -2.939  1.00 19.87  ? 230 HOH A O     1 
HETATM 659 O O     . HOH G 4 .  ? -10.627 -3.924  7.056   1.00 51.46  ? 231 HOH A O     1 
HETATM 660 O O     . HOH G 4 .  ? 4.845   12.112  2.416   1.00 43.66  ? 232 HOH A O     1 
HETATM 661 O O     . HOH G 4 .  ? -1.904  13.804  -6.629  1.00 82.31  ? 233 HOH A O     1 
HETATM 662 O O     . HOH G 4 .  ? -0.102  -9.722  -10.964 1.00 17.18  ? 234 HOH A O     1 
HETATM 663 O O     . HOH G 4 .  ? 5.299   -11.357 -9.415  1.00 27.61  ? 235 HOH A O     1 
HETATM 664 O O     . HOH G 4 .  ? 7.911   -8.229  -5.634  1.00 14.05  ? 236 HOH A O     1 
HETATM 665 O O     . HOH G 4 .  ? 10.572  8.148   3.702   1.00 28.48  ? 237 HOH A O     1 
HETATM 666 O O     . HOH G 4 .  ? 3.296   -1.520  10.918  1.00 42.62  ? 238 HOH A O     1 
HETATM 667 O O     . HOH G 4 .  ? 1.340   4.032   -15.189 1.00 41.48  ? 239 HOH A O     1 
HETATM 668 O O     . HOH G 4 .  ? -5.051  5.722   -13.469 1.00 29.94  ? 240 HOH A O     1 
HETATM 669 O O     . HOH G 4 .  ? -2.519  -3.536  -12.592 1.00 27.76  ? 241 HOH A O     1 
HETATM 670 O O     . HOH G 4 .  ? 4.411   13.036  -5.386  1.00 31.14  ? 242 HOH A O     1 
HETATM 671 O O     . HOH G 4 .  ? 4.880   9.137   9.476   1.00 10.79  ? 243 HOH A O     1 
HETATM 672 O O     . HOH G 4 .  ? -6.227  1.023   5.068   1.00 29.43  ? 244 HOH A O     1 
HETATM 673 O O     . HOH G 4 .  ? 1.418   -11.604 7.440   1.00 35.92  ? 245 HOH A O     1 
HETATM 674 O O     . HOH G 4 .  ? 1.594   12.611  -8.333  1.00 21.93  ? 246 HOH A O     1 
HETATM 675 O O     . HOH G 4 .  ? 8.414   -5.865  9.964   1.00 24.10  ? 247 HOH A O     1 
HETATM 676 O O     . HOH G 4 .  ? -6.493  -11.795 0.767   1.00 38.54  ? 248 HOH A O     1 
HETATM 677 O O     . HOH G 4 .  ? 0.522   -11.235 3.897   1.00 29.27  ? 249 HOH A O     1 
HETATM 678 O O     . HOH G 4 .  ? -3.446  -6.006  -3.649  1.00 13.35  ? 250 HOH A O     1 
HETATM 679 O O     . HOH G 4 .  ? -7.269  -9.983  5.330   1.00 35.54  ? 251 HOH A O     1 
HETATM 680 O O     . HOH G 4 .  ? 10.622  -2.456  5.578   1.00 46.24  ? 252 HOH A O     1 
HETATM 681 O O     . HOH G 4 .  ? -1.337  -0.952  -11.968 1.00 17.82  ? 253 HOH A O     1 
HETATM 682 O O     . HOH G 4 .  ? -5.514  3.279   7.543   1.00 16.60  ? 254 HOH A O     1 
HETATM 683 O O     . HOH G 4 .  ? -10.385 7.199   8.176   1.00 46.03  ? 255 HOH A O     1 
HETATM 684 O O     . HOH G 4 .  ? 1.795   -11.555 -10.430 1.00 32.28  ? 256 HOH A O     1 
HETATM 685 O O     . HOH G 4 .  ? -4.578  -7.642  -10.328 1.00 21.88  ? 257 HOH A O     1 
HETATM 686 O O     . HOH G 4 .  ? 1.239   -2.530  -15.665 1.00 36.62  ? 258 HOH A O     1 
HETATM 687 O O     . HOH G 4 .  ? 0.675   -5.300  -14.297 1.00 19.55  ? 259 HOH A O     1 
HETATM 688 O O     . HOH G 4 .  ? 8.812   -5.185  -7.280  1.00 11.17  ? 260 HOH A O     1 
HETATM 689 O O     . HOH G 4 .  ? 0.473   -9.713  9.225   1.00 27.00  ? 261 HOH A O     1 
HETATM 690 O O     . HOH G 4 .  ? 0.539   10.944  -10.376 1.00 20.90  ? 262 HOH A O     1 
HETATM 691 O O     . HOH G 4 .  ? -9.578  -9.917  -4.444  1.00 39.42  ? 263 HOH A O     1 
HETATM 692 O O     . HOH G 4 .  ? -10.006 -2.025  -11.486 1.00 35.89  ? 264 HOH A O     1 
HETATM 693 O O     . HOH G 4 .  ? -5.630  0.944   9.061   1.00 16.25  ? 265 HOH A O     1 
HETATM 694 O O     . HOH G 4 .  ? -2.390  5.941   -10.656 1.00 16.92  ? 266 HOH A O     1 
HETATM 695 O O     . HOH G 4 .  ? -2.622  7.836   13.538  1.00 13.80  ? 267 HOH A O     1 
HETATM 696 O O     . HOH G 4 .  ? 5.808   0.042   -12.942 1.00 25.52  ? 268 HOH A O     1 
HETATM 697 O O     . HOH G 4 .  ? -8.044  4.124   -13.169 1.00 38.66  ? 269 HOH A O     1 
HETATM 698 O O     . HOH G 4 .  ? 0.325   -7.738  -1.632  1.00 19.19  ? 270 HOH A O     1 
HETATM 699 O O     . HOH G 4 .  ? -7.609  -7.148  9.350   1.00 51.20  ? 271 HOH A O     1 
HETATM 700 O O     . HOH G 4 .  ? 1.569   -1.455  7.146   1.00 11.34  ? 272 HOH A O     1 
HETATM 701 O O     . HOH G 4 .  ? -5.679  12.031  -7.695  1.00 22.13  ? 273 HOH A O     1 
HETATM 702 O O     . HOH G 4 .  ? -8.105  -0.885  4.019   1.00 53.52  ? 274 HOH A O     1 
HETATM 703 O O     . HOH G 4 .  ? 7.346   -10.587 5.269   1.00 33.15  ? 275 HOH A O     1 
HETATM 704 O O     . HOH G 4 .  ? -5.963  11.230  6.098   1.00 28.11  ? 276 HOH A O     1 
HETATM 705 O O     . HOH G 4 .  ? 3.111   11.210  3.411   1.00 24.49  ? 277 HOH A O     1 
HETATM 706 O O     . HOH G 4 .  ? 3.372   11.722  -2.039  1.00 23.41  ? 278 HOH A O     1 
HETATM 707 O O     . HOH G 4 .  ? -7.111  5.642   6.707   1.00 38.68  ? 279 HOH A O     1 
HETATM 708 O O     . HOH G 4 .  ? -5.638  -1.298  -14.422 1.00 40.49  ? 280 HOH A O     1 
HETATM 709 O O     . HOH G 4 .  ? 3.234   8.589   0.155   1.00 40.64  ? 281 HOH A O     1 
HETATM 710 O O     . HOH G 4 .  ? -2.205  -7.704  -13.461 1.00 32.44  ? 282 HOH A O     1 
HETATM 711 O O     . HOH G 4 .  ? -8.830  -7.405  -10.420 1.00 29.27  ? 283 HOH A O     1 
HETATM 712 O O     . HOH G 4 .  ? 3.147   9.932   -11.448 1.00 43.18  ? 284 HOH A O     1 
HETATM 713 O O     . HOH G 4 .  ? 9.597   5.570   2.384   1.00 16.52  ? 285 HOH A O     1 
HETATM 714 O O     . HOH G 4 .  ? -2.585  13.461  -9.874  1.00 30.36  ? 286 HOH A O     1 
HETATM 715 O O     . HOH G 4 .  ? 5.804   -10.755 -8.047  1.00 45.74  ? 287 HOH A O     1 
HETATM 716 O O     . HOH G 4 .  ? 0.475   14.574  6.118   1.00 25.60  ? 288 HOH A O     1 
HETATM 717 O O     . HOH G 4 .  ? 10.057  -5.149  7.891   1.00 39.27  ? 289 HOH A O     1 
HETATM 718 O O     . HOH G 4 .  ? 1.885   -0.974  13.389  1.00 25.16  ? 290 HOH A O     1 
HETATM 719 O O     . HOH G 4 .  ? 8.829   3.135   4.862   1.00 40.49  ? 291 HOH A O     1 
HETATM 720 O O     . HOH G 4 .  ? 9.313   10.497  16.927  1.00 10.40  ? 292 HOH A O     1 
HETATM 721 O O     . HOH G 4 .  ? 6.691   4.546   16.492  1.00 36.37  ? 293 HOH A O     1 
HETATM 722 O O     . HOH G 4 .  ? -9.261  2.179   -2.529  1.00 14.74  ? 294 HOH A O     1 
HETATM 723 O O     . HOH G 4 .  ? -5.850  7.317   2.590   1.00 36.20  ? 295 HOH A O     1 
HETATM 724 O O     . HOH G 4 .  ? 1.229   -7.782  0.806   1.00 17.36  ? 296 HOH A O     1 
HETATM 725 O O     . HOH G 4 .  ? -8.073  8.966   6.606   1.00 39.94  ? 297 HOH A O     1 
HETATM 726 O O     . HOH G 4 .  ? 6.150   -2.220  11.863  1.00 36.54  ? 298 HOH A O     1 
HETATM 727 O O     . HOH G 4 .  ? 7.250   2.647   -12.407 1.00 33.17  ? 299 HOH A O     1 
HETATM 728 O O     . HOH G 4 .  ? -1.534  4.780   -8.205  1.00 10.82  ? 300 HOH A O     1 
HETATM 729 O O     . HOH G 4 .  ? 2.989   -18.933 -7.148  1.00 52.29  ? 301 HOH A O     1 
HETATM 730 O O     . HOH G 4 .  ? -7.804  7.521   0.044   1.00 32.29  ? 302 HOH A O     1 
HETATM 731 O O     . HOH G 4 .  ? -0.997  -0.516  -9.227  1.00 10.37  ? 303 HOH A O     1 
HETATM 732 O O     . HOH G 4 .  ? 5.382   14.858  -2.046  1.00 48.63  ? 304 HOH A O     1 
HETATM 733 O O     . HOH G 4 .  ? 2.460   8.613   2.591   1.00 13.81  ? 305 HOH A O     1 
HETATM 734 O O     . HOH G 4 .  ? 2.950   8.989   -2.546  1.00 12.17  ? 306 HOH A O     1 
HETATM 735 O O     . HOH G 4 .  ? 4.601   -8.756  10.702  1.00 34.39  ? 307 HOH A O     1 
HETATM 736 O O     . HOH G 4 .  ? 9.917   -8.734  3.211   1.00 28.52  ? 308 HOH A O     1 
HETATM 737 O O     . HOH G 4 .  ? -4.087  -5.606  -11.794 1.00 40.46  ? 309 HOH A O     1 
HETATM 738 O O     . HOH G 4 .  ? 10.245  2.831   10.776  1.00 21.04  ? 310 HOH A O     1 
HETATM 739 O O     . HOH G 4 .  ? 6.362   6.851   -12.441 1.00 60.05  ? 311 HOH A O     1 
HETATM 740 O O     . HOH G 4 .  ? -8.553  3.858   -4.990  1.00 38.66  ? 312 HOH A O     1 
HETATM 741 O O     . HOH G 4 .  ? -2.373  -5.589  11.852  1.00 32.77  ? 313 HOH A O     1 
HETATM 742 O O     . HOH G 4 .  ? -2.041  -8.616  -1.020  1.00 32.82  ? 314 HOH A O     1 
HETATM 743 O O     . HOH G 4 .  ? -12.262 -7.375  -2.315  1.00 35.77  ? 315 HOH A O     1 
HETATM 744 O O     . HOH G 4 .  ? -2.920  -9.820  -10.118 1.00 23.64  ? 316 HOH A O     1 
HETATM 745 O O     . HOH G 4 .  ? -1.322  -15.762 -5.063  1.00 42.09  ? 317 HOH A O     1 
HETATM 746 O O     . HOH G 4 .  ? -1.462  2.312   -9.450  1.00 21.60  ? 318 HOH A O     1 
HETATM 747 O O     . HOH G 4 .  ? -6.182  3.642   4.635   1.00 39.49  ? 319 HOH A O     1 
HETATM 748 O O     . HOH G 4 .  ? 11.606  -7.196  4.645   1.00 34.29  ? 320 HOH A O     1 
HETATM 749 O O     . HOH G 4 .  ? 7.416   -10.927 -5.803  1.00 31.23  ? 321 HOH A O     1 
HETATM 750 O O     . HOH G 4 .  ? 4.007   -13.290 3.135   1.00 55.60  ? 322 HOH A O     1 
HETATM 751 O O     . HOH G 4 .  ? -4.992  10.711  2.694   1.00 43.34  ? 323 HOH A O     1 
HETATM 752 O O     . HOH G 4 .  ? -8.169  -7.467  12.069  1.00 61.38  ? 324 HOH A O     1 
HETATM 753 O O     . HOH G 4 .  ? 2.378   -9.311  9.813   1.00 40.62  ? 325 HOH A O     1 
HETATM 754 O O     . HOH G 4 .  ? 6.610   0.634   11.115  1.00 25.50  ? 326 HOH A O     1 
HETATM 755 O O     . HOH G 4 .  ? -3.207  -13.181 -3.217  1.00 33.91  ? 327 HOH A O     1 
HETATM 756 O O     . HOH G 4 .  ? -0.147  -1.218  16.121  1.00 29.51  ? 328 HOH A O     1 
HETATM 757 O O     . HOH G 4 .  ? 0.884   -10.425 1.256   1.00 23.54  ? 329 HOH A O     1 
HETATM 758 O O     . HOH G 4 .  ? 2.635   -3.961  13.606  1.00 22.62  ? 330 HOH A O     1 
HETATM 759 O O     . HOH G 4 .  ? -11.704 -7.803  -4.314  1.00 25.86  ? 331 HOH A O     1 
HETATM 760 O O     . HOH G 4 .  ? 6.728   12.265  7.606   1.00 43.52  ? 332 HOH A O     1 
HETATM 761 O O     . HOH G 4 .  ? 8.277   -10.184 8.506   1.00 36.60  ? 333 HOH A O     1 
HETATM 762 O O     . HOH G 4 .  ? -4.983  -11.265 -9.058  1.00 46.68  ? 334 HOH A O     1 
HETATM 763 O O     . HOH G 4 .  ? 7.776   1.836   6.605   1.00 24.18  ? 335 HOH A O     1 
HETATM 764 O O     . HOH G 4 .  ? -1.339  -11.718 6.115   1.00 42.66  ? 336 HOH A O     1 
HETATM 765 O O     . HOH G 4 .  ? -12.197 -2.511  9.094   1.00 44.97  ? 337 HOH A O     1 
HETATM 766 O O     . HOH G 4 .  ? -1.817  -2.345  18.214  1.00 32.07  ? 338 HOH A O     1 
HETATM 767 O O     . HOH G 4 .  ? 3.919   13.021  0.488   1.00 30.22  ? 339 HOH A O     1 
HETATM 768 O O     . HOH G 4 .  ? 9.930   -0.009  6.076   1.00 45.01  ? 340 HOH A O     1 
HETATM 769 O O     . HOH G 4 .  ? -0.830  -11.512 -0.318  1.00 43.54  ? 341 HOH A O     1 
HETATM 770 O O     . HOH G 4 .  ? 7.045   -12.729 3.221   1.00 39.15  ? 342 HOH A O     1 
HETATM 771 O O     . HOH G 4 .  ? -6.977  10.694  -9.665  1.00 36.28  ? 343 HOH A O     1 
HETATM 772 O O     . HOH G 4 .  ? -1.491  -12.964 4.071   1.00 37.16  ? 344 HOH A O     1 
HETATM 773 O O     . HOH G 4 .  ? -2.029  2.717   -11.960 1.00 34.90  ? 345 HOH A O     1 
HETATM 774 O O     . HOH G 4 .  ? 10.402  11.776  8.168   1.00 41.71  ? 346 HOH A O     1 
HETATM 775 O O     . HOH G 4 .  ? -8.071  -1.128  -15.596 1.00 102.28 ? 347 HOH A O     1 
HETATM 776 O O     . HOH G 4 .  ? -7.858  -13.298 -3.413  1.00 36.29  ? 348 HOH A O     1 
HETATM 777 O O     . HOH G 4 .  ? -0.229  -13.569 7.226   1.00 49.29  ? 349 HOH A O     1 
HETATM 778 O O     . HOH G 4 .  ? -7.619  -9.404  8.085   1.00 48.66  ? 350 HOH A O     1 
HETATM 779 O O     . HOH G 4 .  ? -7.151  12.973  -5.413  1.00 40.30  ? 351 HOH A O     1 
HETATM 780 O O     . HOH G 4 .  ? 8.341   1.162   9.253   1.00 28.54  ? 352 HOH A O     1 
HETATM 781 O O     . HOH G 4 .  ? 4.999   -2.819  14.956  1.00 46.91  ? 353 HOH A O     1 
HETATM 782 O O     . HOH G 4 .  ? 3.851   -17.664 -4.254  1.00 50.33  ? 354 HOH A O     1 
HETATM 783 O O     . HOH G 4 .  ? 5.281   -17.719 -6.936  1.00 55.79  ? 355 HOH A O     1 
HETATM 784 O O     . HOH G 4 .  ? 9.854   -9.076  9.107   1.00 53.88  ? 356 HOH A O     1 
HETATM 785 O O     . HOH G 4 .  ? -8.651  14.551  -7.100  1.00 40.10  ? 357 HOH A O     1 
HETATM 786 O O     . HOH G 4 .  ? -1.466  -1.585  21.028  1.00 37.23  ? 358 HOH A O     1 
# 
loop_
_atom_site_anisotrop.id 
_atom_site_anisotrop.type_symbol 
_atom_site_anisotrop.pdbx_label_atom_id 
_atom_site_anisotrop.pdbx_label_alt_id 
_atom_site_anisotrop.pdbx_label_comp_id 
_atom_site_anisotrop.pdbx_label_asym_id 
_atom_site_anisotrop.pdbx_label_seq_id 
_atom_site_anisotrop.pdbx_PDB_ins_code 
_atom_site_anisotrop.U[1][1] 
_atom_site_anisotrop.U[2][2] 
_atom_site_anisotrop.U[3][3] 
_atom_site_anisotrop.U[1][2] 
_atom_site_anisotrop.U[1][3] 
_atom_site_anisotrop.U[2][3] 
_atom_site_anisotrop.pdbx_auth_seq_id 
_atom_site_anisotrop.pdbx_auth_comp_id 
_atom_site_anisotrop.pdbx_auth_asym_id 
_atom_site_anisotrop.pdbx_auth_atom_id 
1   O "O5'" . DG  A 1  ? 0.1871 0.1553 0.2515 -0.0014 -0.0370 0.0391  1   DG  A "O5'" 
2   C "C5'" . DG  A 1  ? 0.1742 0.1554 0.1410 0.0352  -0.0120 0.0156  1   DG  A "C5'" 
3   C "C4'" . DG  A 1  ? 0.1836 0.1332 0.0827 0.0274  -0.0079 0.0576  1   DG  A "C4'" 
4   O "O4'" . DG  A 1  ? 0.1515 0.1559 0.0909 0.0206  -0.0183 0.0476  1   DG  A "O4'" 
5   C "C3'" . DG  A 1  ? 0.1289 0.1475 0.1330 -0.0070 -0.0217 0.0203  1   DG  A "C3'" 
6   O "O3'" . DG  A 1  ? 0.1611 0.1464 0.1088 0.0113  -0.0330 0.0581  1   DG  A "O3'" 
7   C "C2'" . DG  A 1  ? 0.1313 0.1361 0.1180 -0.0041 -0.0434 0.0481  1   DG  A "C2'" 
8   C "C1'" . DG  A 1  ? 0.1441 0.1258 0.0780 0.0216  -0.0262 0.0223  1   DG  A "C1'" 
9   N N9    . DG  A 1  ? 0.1253 0.1350 0.0943 -0.0052 -0.0291 0.0261  1   DG  A N9    
10  C C8    . DG  A 1  ? 0.1097 0.1363 0.0704 -0.0013 -0.0253 0.0098  1   DG  A C8    
11  N N7    . DG  A 1  ? 0.1069 0.1008 0.0845 0.0032  -0.0178 0.0265  1   DG  A N7    
12  C C5    . DG  A 1  ? 0.1118 0.0840 0.0813 0.0136  -0.0249 0.0265  1   DG  A C5    
13  C C6    . DG  A 1  ? 0.0662 0.0965 0.0691 -0.0012 0.0120  0.0159  1   DG  A C6    
14  O O6    . DG  A 1  ? 0.1008 0.0999 0.0792 0.0035  0.0034  0.0283  1   DG  A O6    
15  N N1    . DG  A 1  ? 0.0796 0.0848 0.0796 0.0055  -0.0207 0.0249  1   DG  A N1    
16  C C2    . DG  A 1  ? 0.0785 0.0916 0.0870 0.0191  0.0008  0.0290  1   DG  A C2    
17  N N2    . DG  A 1  ? 0.1057 0.0845 0.0684 0.0021  -0.0112 0.0423  1   DG  A N2    
18  N N3    . DG  A 1  ? 0.1058 0.1039 0.0847 -0.0022 0.0029  0.0240  1   DG  A N3    
19  C C4    . DG  A 1  ? 0.1019 0.0774 0.0953 0.0213  -0.0266 0.0202  1   DG  A C4    
20  P P     . DG  A 2  ? 0.1697 0.1447 0.1102 0.0224  -0.0164 0.0551  2   DG  A P     
21  O OP1   . DG  A 2  ? 0.1968 0.1738 0.1029 0.0252  0.0044  0.0453  2   DG  A OP1   
22  O OP2   . DG  A 2  ? 0.2160 0.1656 0.1976 0.0296  -0.0395 0.1025  2   DG  A OP2   
23  O "O5'" . DG  A 2  ? 0.1491 0.1665 0.1378 0.0403  -0.0291 0.0535  2   DG  A "O5'" 
24  C "C5'" . DG  A 2  ? 0.2162 0.1135 0.0851 0.0616  -0.0094 0.0440  2   DG  A "C5'" 
25  C "C4'" . DG  A 2  ? 0.1403 0.0949 0.1023 0.0233  0.0003  0.0569  2   DG  A "C4'" 
26  O "O4'" . DG  A 2  ? 0.1196 0.1072 0.0938 0.0259  0.0032  0.0437  2   DG  A "O4'" 
27  C "C3'" . DG  A 2  ? 0.1146 0.0897 0.1199 0.0173  -0.0140 0.0373  2   DG  A "C3'" 
28  O "O3'" . DG  A 2  ? 0.1572 0.1078 0.1284 0.0017  -0.0072 0.0448  2   DG  A "O3'" 
29  C "C2'" . DG  A 2  ? 0.1054 0.0681 0.1136 0.0331  0.0162  0.0284  2   DG  A "C2'" 
30  C "C1'" . DG  A 2  ? 0.0874 0.0686 0.1120 0.0080  0.0124  0.0237  2   DG  A "C1'" 
31  N N9    . DG  A 2  ? 0.1089 0.0752 0.0718 0.0194  -0.0081 0.0223  2   DG  A N9    
32  C C8    . DG  A 2  ? 0.0895 0.0742 0.0729 0.0195  -0.0121 0.0347  2   DG  A C8    
33  N N7    . DG  A 2  ? 0.0797 0.0657 0.0778 0.0251  0.0040  0.0333  2   DG  A N7    
34  C C5    . DG  A 2  ? 0.0829 0.0721 0.0823 0.0257  -0.0041 0.0301  2   DG  A C5    
35  C C6    . DG  A 2  ? 0.0890 0.0680 0.0631 0.0341  0.0047  0.0064  2   DG  A C6    
36  O O6    . DG  A 2  ? 0.0863 0.0656 0.0777 0.0222  -0.0022 0.0085  2   DG  A O6    
37  N N1    . DG  A 2  ? 0.0876 0.0541 0.0648 0.0082  0.0096  0.0137  2   DG  A N1    
38  C C2    . DG  A 2  ? 0.0685 0.0522 0.0776 0.0179  0.0020  0.0240  2   DG  A C2    
39  N N2    . DG  A 2  ? 0.1239 0.0724 0.0686 0.0018  0.0039  0.0192  2   DG  A N2    
40  N N3    . DG  A 2  ? 0.0914 0.0829 0.0827 0.0046  -0.0038 0.0363  2   DG  A N3    
41  C C4    . DG  A 2  ? 0.0864 0.0799 0.0712 0.0178  0.0014  0.0227  2   DG  A C4    
42  P P     . DT  A 3  ? 0.2013 0.1063 0.1354 0.0006  0.0082  0.0597  3   DT  A P     
43  O OP1   . DT  A 3  ? 0.2499 0.0998 0.1670 -0.0392 0.0298  0.0549  3   DT  A OP1   
44  O OP2   . DT  A 3  ? 0.2070 0.1282 0.1339 0.0219  -0.0197 0.0668  3   DT  A OP2   
45  O "O5'" . DT  A 3  ? 0.1914 0.1302 0.1116 0.0093  -0.0053 0.0439  3   DT  A "O5'" 
46  C "C5'" . DT  A 3  ? 0.1611 0.1433 0.1238 -0.0227 0.0041  0.0445  3   DT  A "C5'" 
47  C "C4'" . DT  A 3  ? 0.1570 0.0977 0.1260 -0.0167 0.0079  0.0373  3   DT  A "C4'" 
48  O "O4'" . DT  A 3  ? 0.1535 0.0827 0.1506 -0.0140 0.0199  0.0264  3   DT  A "O4'" 
49  C "C3'" . DT  A 3  ? 0.1904 0.0771 0.1506 0.0033  -0.0100 0.0033  3   DT  A "C3'" 
50  O "O3'" . DT  A 3  ? 0.2590 0.1285 0.1410 0.0182  -0.0130 0.0137  3   DT  A "O3'" 
51  C "C2'" . DT  A 3  ? 0.1848 0.1070 0.1325 -0.0055 0.0101  0.0235  3   DT  A "C2'" 
52  C "C1'" . DT  A 3  ? 0.1396 0.1039 0.1219 0.0170  0.0128  0.0216  3   DT  A "C1'" 
53  N N1    . DT  A 3  ? 0.1286 0.1355 0.1432 0.0100  0.0115  0.0141  3   DT  A N1    
54  C C2    . DT  A 3  ? 0.1501 0.1346 0.1615 -0.0029 0.0046  -0.0189 3   DT  A C2    
55  O O2    . DT  A 3  ? 0.1860 0.1516 0.1468 0.0054  0.0002  0.0253  3   DT  A O2    
56  N N3    . DT  A 3  ? 0.1468 0.1335 0.1286 -0.0019 -0.0030 0.0061  3   DT  A N3    
57  C C4    . DT  A 3  ? 0.1171 0.1747 0.1276 0.0180  -0.0265 0.0052  3   DT  A C4    
58  O O4    . DT  A 3  ? 0.1969 0.2677 0.1811 -0.0751 -0.0023 -0.0465 3   DT  A O4    
59  C C5    . DT  A 3  ? 0.1310 0.1713 0.1404 0.0091  -0.0067 0.0102  3   DT  A C5    
60  C C7    . DT  A 3  ? 0.1478 0.1852 0.1466 -0.0135 -0.0181 0.0140  3   DT  A C7    
61  C C6    . DT  A 3  ? 0.1259 0.1434 0.1514 0.0030  -0.0153 0.0252  3   DT  A C6    
62  P P     . DG  A 4  ? 0.4249 0.1333 0.1848 0.0116  -0.0884 0.0183  4   DG  A P     
63  O OP1   . DG  A 4  ? 0.5844 0.1959 0.3574 -0.1696 -0.2666 0.1126  4   DG  A OP1   
64  O OP2   . DG  A 4  ? 0.6238 0.3583 0.2562 0.2330  -0.1564 -0.1580 4   DG  A OP2   
65  O "O5'" . DG  A 4  ? 0.3044 0.1397 0.1201 -0.0358 -0.0291 0.0297  4   DG  A "O5'" 
66  C "C5'" . DG  A 4  ? 0.2564 0.2147 0.1187 -0.0703 0.0328  -0.0248 4   DG  A "C5'" 
67  C "C4'" . DG  A 4  ? 0.2030 0.1028 0.1520 -0.0970 0.0210  0.0097  4   DG  A "C4'" 
68  O "O4'" . DG  A 4  ? 0.1340 0.1237 0.1657 -0.0417 0.0026  0.0006  4   DG  A "O4'" 
69  C "C3'" . DG  A 4  ? 0.1755 0.0988 0.1271 -0.0261 -0.0079 0.0106  4   DG  A "C3'" 
70  O "O3'" . DG  A 4  ? 0.1769 0.0822 0.1338 -0.0150 0.0089  0.0167  4   DG  A "O3'" 
71  C "C2'" . DG  A 4  ? 0.1578 0.0756 0.1009 0.0060  0.0090  0.0127  4   DG  A "C2'" 
72  C "C1'" . DG  A 4  ? 0.1487 0.0677 0.1241 -0.0095 -0.0184 0.0221  4   DG  A "C1'" 
73  N N9    . DG  A 4  ? 0.1409 0.0886 0.0913 -0.0023 -0.0198 -0.0018 4   DG  A N9    
74  C C8    . DG  A 4  ? 0.1263 0.1061 0.1095 0.0297  -0.0428 0.0006  4   DG  A C8    
75  N N7    . DG  A 4  ? 0.0993 0.0977 0.0874 0.0154  -0.0040 0.0147  4   DG  A N7    
76  C C5    . DG  A 4  ? 0.0811 0.0803 0.0951 0.0198  -0.0045 0.0110  4   DG  A C5    
77  C C6    . DG  A 4  ? 0.0839 0.0817 0.0668 0.0220  0.0131  0.0031  4   DG  A C6    
78  O O6    . DG  A 4  ? 0.1170 0.0641 0.0751 0.0211  -0.0006 0.0113  4   DG  A O6    
79  N N1    . DG  A 4  ? 0.1038 0.0771 0.0787 0.0096  -0.0026 0.0199  4   DG  A N1    
80  C C2    . DG  A 4  ? 0.0762 0.0979 0.0853 -0.0044 0.0103  0.0085  4   DG  A C2    
81  N N2    . DG  A 4  ? 0.1067 0.0877 0.0754 0.0125  0.0010  0.0037  4   DG  A N2    
82  N N3    . DG  A 4  ? 0.0871 0.0847 0.0978 0.0027  -0.0085 0.0123  4   DG  A N3    
83  C C4    . DG  A 4  ? 0.0973 0.0838 0.1063 0.0121  -0.0126 0.0020  4   DG  A C4    
84  P P     . DT  A 5  ? 0.1584 0.0970 0.1520 0.0010  -0.0003 0.0044  5   DT  A P     
85  O OP1   . DT  A 5  ? 0.2113 0.0727 0.1728 0.0102  -0.0116 0.0046  5   DT  A OP1   
86  O OP2   . DT  A 5  ? 0.1889 0.1285 0.1621 0.0092  0.0079  -0.0139 5   DT  A OP2   
87  O "O5'" . DT  A 5  ? 0.1423 0.0776 0.1491 -0.0063 0.0111  0.0105  5   DT  A "O5'" 
88  C "C5'" . DT  A 5  ? 0.1480 0.0988 0.1594 0.0100  0.0097  0.0218  5   DT  A "C5'" 
89  C "C4'" . DT  A 5  ? 0.1757 0.0930 0.2150 -0.0035 -0.0060 -0.0173 5   DT  A "C4'" 
90  O "O4'" . DT  A 5  ? 0.1971 0.1358 0.1634 0.0102  -0.0156 -0.0104 5   DT  A "O4'" 
91  C "C3'" . DT  A 5  ? 0.1808 0.1055 0.2435 0.0059  0.0080  0.0121  5   DT  A "C3'" 
92  O "O3'" . DT  A 5  ? 0.1625 0.1127 0.2028 -0.0067 0.0044  0.0154  5   DT  A "O3'" 
93  C "C2'" . DT  A 5  ? 0.2462 0.2218 0.2662 -0.0664 0.0404  -0.0532 5   DT  A "C2'" 
94  C "C1'" . DT  A 5  ? 0.2357 0.1611 0.2080 -0.0273 0.0000  0.0023  5   DT  A "C1'" 
95  N N1    . DT  A 5  ? 0.2735 0.1285 0.2009 -0.0298 -0.0405 -0.0004 5   DT  A N1    
96  C C2    . DT  A 5  ? 0.3395 0.1211 0.2649 -0.0445 0.0217  -0.0283 5   DT  A C2    
97  O O2    . DT  A 5  ? 0.3378 0.2455 0.4888 -0.1266 -0.0175 -0.1132 5   DT  A O2    
98  N N3    . DT  A 5  ? 0.3679 0.1339 0.2331 -0.0109 0.0578  -0.0002 5   DT  A N3    
99  C C4    . DT  A 5  ? 0.4549 0.1420 0.1572 0.0338  0.0220  -0.0114 5   DT  A C4    
100 O O4    . DT  A 5  ? 0.6765 0.1333 0.3094 0.0886  0.0048  -0.0434 5   DT  A O4    
101 C C5    . DT  A 5  ? 0.4571 0.1755 0.2987 0.0188  -0.0521 -0.0848 5   DT  A C5    
102 C C7    . DT  A 5  ? 0.4637 0.2609 0.2518 0.0892  -0.0609 -0.0746 5   DT  A C7    
103 C C6    . DT  A 5  ? 0.3119 0.1909 0.3007 -0.0042 -0.0809 -0.0507 5   DT  A C6    
104 P P     . DG  A 6  ? 0.1741 0.1253 0.1588 -0.0027 0.0158  0.0277  6   DG  A P     
105 O OP1   . DG  A 6  ? 0.1750 0.1514 0.2031 0.0106  -0.0100 0.0472  6   DG  A OP1   
106 O OP2   . DG  A 6  ? 0.1906 0.1403 0.2031 -0.0010 0.0505  0.0258  6   DG  A OP2   
107 O "O5'" . DG  A 6  ? 0.1277 0.0725 0.1586 0.0048  -0.0120 0.0291  6   DG  A "O5'" 
108 C "C5'" . DG  A 6  ? 0.1188 0.0765 0.1270 0.0163  -0.0081 -0.0012 6   DG  A "C5'" 
109 C "C4'" . DG  A 6  ? 0.1135 0.0916 0.0984 0.0031  -0.0223 0.0046  6   DG  A "C4'" 
110 O "O4'" . DG  A 6  ? 0.1094 0.0840 0.1362 0.0022  -0.0239 -0.0125 6   DG  A "O4'" 
111 C "C3'" . DG  A 6  ? 0.1250 0.1099 0.0975 0.0105  -0.0281 0.0095  6   DG  A "C3'" 
112 O "O3'" . DG  A 6  ? 0.1024 0.1212 0.1073 0.0112  -0.0314 0.0087  6   DG  A "O3'" 
113 C "C2'" . DG  A 6  ? 0.1196 0.0882 0.0889 0.0269  -0.0361 0.0027  6   DG  A "C2'" 
114 C "C1'" . DG  A 6  ? 0.1014 0.0869 0.0731 0.0103  -0.0182 0.0100  6   DG  A "C1'" 
115 N N9    . DG  A 6  ? 0.0796 0.0713 0.0901 -0.0014 -0.0138 0.0064  6   DG  A N9    
116 C C8    . DG  A 6  ? 0.0929 0.0834 0.0823 0.0151  -0.0002 0.0127  6   DG  A C8    
117 N N7    . DG  A 6  ? 0.0701 0.0676 0.0764 0.0149  -0.0051 0.0240  6   DG  A N7    
118 C C5    . DG  A 6  ? 0.0694 0.0679 0.0788 0.0161  0.0062  0.0215  6   DG  A C5    
119 C C6    . DG  A 6  ? 0.0596 0.0745 0.0804 0.0083  -0.0040 0.0254  6   DG  A C6    
120 O O6    . DG  A 6  ? 0.0808 0.0793 0.0813 0.0177  -0.0087 0.0234  6   DG  A O6    
121 N N1    . DG  A 6  ? 0.0809 0.0474 0.0672 0.0138  -0.0015 0.0098  6   DG  A N1    
122 C C2    . DG  A 6  ? 0.0816 0.0640 0.0803 0.0124  -0.0165 0.0114  6   DG  A C2    
123 N N2    . DG  A 6  ? 0.1093 0.0735 0.0749 0.0172  -0.0096 0.0200  6   DG  A N2    
124 N N3    . DG  A 6  ? 0.0767 0.0649 0.0710 0.0068  0.0001  0.0260  6   DG  A N3    
125 C C4    . DG  A 6  ? 0.0846 0.0562 0.0740 0.0007  0.0061  0.0183  6   DG  A C4    
126 P P     . DT  A 7  ? 0.1401 0.1558 0.1057 0.0015  -0.0222 0.0121  7   DT  A P     
127 O OP1   . DT  A 7  ? 0.1758 0.1899 0.0988 0.0101  -0.0444 0.0114  7   DT  A OP1   
128 O OP2   . DT  A 7  ? 0.1492 0.1372 0.1235 0.0299  -0.0317 -0.0342 7   DT  A OP2   
129 O "O5'" . DT  A 7  ? 0.1285 0.1133 0.1217 0.0180  -0.0226 0.0174  7   DT  A "O5'" 
130 C "C5'" . DT  A 7  ? 0.1305 0.1003 0.1261 0.0182  -0.0219 0.0365  7   DT  A "C5'" 
131 C "C4'" . DT  A 7  ? 0.1295 0.1154 0.1066 0.0174  -0.0063 0.0375  7   DT  A "C4'" 
132 O "O4'" . DT  A 7  ? 0.1239 0.0985 0.0916 0.0310  -0.0038 0.0235  7   DT  A "O4'" 
133 C "C3'" . DT  A 7  ? 0.1233 0.1071 0.1101 0.0014  -0.0082 0.0067  7   DT  A "C3'" 
134 O "O3'" . DT  A 7  ? 0.1660 0.1284 0.1047 0.0144  0.0074  0.0230  7   DT  A "O3'" 
135 C "C2'" . DT  A 7  ? 0.1286 0.1169 0.0904 0.0038  -0.0064 0.0033  7   DT  A "C2'" 
136 C "C1'" . DT  A 7  ? 0.1372 0.0802 0.0707 0.0077  0.0131  0.0214  7   DT  A "C1'" 
137 N N1    . DT  A 7  ? 0.1218 0.0845 0.0702 0.0262  -0.0004 0.0023  7   DT  A N1    
138 C C2    . DT  A 7  ? 0.1145 0.1022 0.0969 0.0045  -0.0063 -0.0114 7   DT  A C2    
139 O O2    . DT  A 7  ? 0.1131 0.1174 0.1286 0.0124  0.0003  0.0107  7   DT  A O2    
140 N N3    . DT  A 7  ? 0.1106 0.1298 0.0778 0.0231  -0.0163 -0.0128 7   DT  A N3    
141 C C4    . DT  A 7  ? 0.1410 0.1068 0.0682 0.0283  -0.0102 -0.0002 7   DT  A C4    
142 O O4    . DT  A 7  ? 0.1273 0.1412 0.1129 0.0214  -0.0070 0.0511  7   DT  A O4    
143 C C5    . DT  A 7  ? 0.1296 0.0993 0.0753 0.0194  0.0008  -0.0004 7   DT  A C5    
144 C C7    . DT  A 7  ? 0.1344 0.1294 0.0795 0.0029  0.0040  0.0130  7   DT  A C7    
145 C C6    . DT  A 7  ? 0.1314 0.0697 0.0944 0.0245  -0.0071 -0.0138 7   DT  A C6    
146 P P     . DG  A 8  ? 0.2043 0.1442 0.1129 0.0308  -0.0066 0.0304  8   DG  A P     
147 O OP1   . DG  A 8  ? 0.1986 0.2133 0.1022 0.0383  -0.0584 0.0096  8   DG  A OP1   
148 O OP2   . DG  A 8  ? 0.2406 0.1661 0.1331 0.0146  0.0374  0.0589  8   DG  A OP2   
149 O "O5'" . DG  A 8  ? 0.1866 0.1142 0.1188 0.0304  -0.0288 0.0165  8   DG  A "O5'" 
150 C "C5'" . DG  A 8  ? 0.1593 0.1356 0.1463 0.0143  -0.0017 0.0254  8   DG  A "C5'" 
151 C "C4'" . DG  A 8  ? 0.1462 0.1363 0.0738 0.0146  -0.0147 0.0337  8   DG  A "C4'" 
152 O "O4'" . DG  A 8  ? 0.1628 0.1294 0.0735 0.0155  -0.0189 0.0258  8   DG  A "O4'" 
153 C "C3'" . DG  A 8  ? 0.1717 0.1272 0.0725 0.0051  0.0064  0.0281  8   DG  A "C3'" 
154 O "O3'" . DG  A 8  ? 0.2031 0.1291 0.1126 -0.0184 -0.0155 0.0596  8   DG  A "O3'" 
155 C "C2'" . DG  A 8  ? 0.1769 0.1223 0.0852 0.0139  -0.0074 0.0168  8   DG  A "C2'" 
156 C "C1'" . DG  A 8  ? 0.1471 0.1145 0.0813 0.0063  -0.0019 0.0400  8   DG  A "C1'" 
157 N N9    . DG  A 8  ? 0.1270 0.0973 0.0709 0.0325  -0.0019 0.0132  8   DG  A N9    
158 C C8    . DG  A 8  ? 0.1394 0.1113 0.0697 0.0249  -0.0170 0.0208  8   DG  A C8    
159 N N7    . DG  A 8  ? 0.1232 0.1126 0.0490 0.0011  -0.0047 0.0139  8   DG  A N7    
160 C C5    . DG  A 8  ? 0.0930 0.0778 0.0723 0.0205  -0.0001 0.0170  8   DG  A C5    
161 C C6    . DG  A 8  ? 0.0870 0.0980 0.0624 0.0158  0.0159  0.0073  8   DG  A C6    
162 O O6    . DG  A 8  ? 0.1078 0.1037 0.0834 0.0284  -0.0035 0.0199  8   DG  A O6    
163 N N1    . DG  A 8  ? 0.0986 0.1024 0.0446 0.0041  0.0041  0.0277  8   DG  A N1    
164 C C2    . DG  A 8  ? 0.0762 0.0820 0.0759 0.0103  0.0190  0.0252  8   DG  A C2    
165 N N2    . DG  A 8  ? 0.1184 0.0955 0.0774 0.0065  0.0022  0.0218  8   DG  A N2    
166 N N3    . DG  A 8  ? 0.1015 0.0782 0.0753 0.0182  -0.0006 0.0346  8   DG  A N3    
167 C C4    . DG  A 8  ? 0.0763 0.0795 0.0900 0.0180  -0.0101 0.0218  8   DG  A C4    
168 P P     . DG  A 9  ? 0.2599 0.1433 0.1224 0.0106  0.0086  0.0584  9   DG  A P     
169 O OP1   . DG  A 9  ? 0.2507 0.1850 0.1161 0.0627  -0.0511 0.0475  9   DG  A OP1   
170 O OP2   . DG  A 9  ? 0.2750 0.1634 0.1811 -0.0162 0.0603  0.0574  9   DG  A OP2   
171 O "O5'" . DG  A 9  ? 0.2233 0.1306 0.1265 -0.0102 0.0308  0.0176  9   DG  A "O5'" 
172 C "C5'" . DG  A 9  ? 0.2402 0.1281 0.0892 -0.0048 0.0029  0.0277  9   DG  A "C5'" 
173 C "C4'" . DG  A 9  ? 0.1643 0.0925 0.0982 -0.0185 0.0148  0.0323  9   DG  A "C4'" 
174 O "O4'" . DG  A 9  ? 0.1214 0.0852 0.1027 0.0207  -0.0065 0.0436  9   DG  A "O4'" 
175 C "C3'" . DG  A 9  ? 0.1555 0.0909 0.1058 -0.0024 0.0016  0.0401  9   DG  A "C3'" 
176 O "O3'" . DG  A 9  ? 0.1684 0.0951 0.1387 0.0093  -0.0140 0.0400  9   DG  A "O3'" 
177 C "C2'" . DG  A 9  ? 0.1421 0.1259 0.0876 0.0137  0.0158  0.0441  9   DG  A "C2'" 
178 C "C1'" . DG  A 9  ? 0.1126 0.0820 0.1004 0.0083  0.0038  0.0319  9   DG  A "C1'" 
179 N N9    . DG  A 9  ? 0.1061 0.0758 0.0746 0.0173  0.0057  0.0176  9   DG  A N9    
180 C C8    . DG  A 9  ? 0.1025 0.0798 0.0722 0.0290  -0.0020 0.0291  9   DG  A C8    
181 N N7    . DG  A 9  ? 0.0872 0.0635 0.0631 0.0178  -0.0075 0.0173  9   DG  A N7    
182 C C5    . DG  A 9  ? 0.0928 0.0640 0.0604 0.0225  -0.0126 0.0194  9   DG  A C5    
183 C C6    . DG  A 9  ? 0.0691 0.0796 0.0601 0.0194  -0.0009 0.0276  9   DG  A C6    
184 O O6    . DG  A 9  ? 0.0948 0.0730 0.0639 -0.0014 0.0001  0.0167  9   DG  A O6    
185 N N1    . DG  A 9  ? 0.0851 0.0692 0.0657 0.0163  -0.0057 0.0291  9   DG  A N1    
186 C C2    . DG  A 9  ? 0.1112 0.0733 0.0906 0.0037  0.0035  0.0284  9   DG  A C2    
187 N N2    . DG  A 9  ? 0.1183 0.0695 0.0901 0.0181  -0.0065 0.0140  9   DG  A N2    
188 N N3    . DG  A 9  ? 0.0975 0.0747 0.0802 0.0186  0.0024  0.0195  9   DG  A N3    
189 C C4    . DG  A 9  ? 0.0884 0.0749 0.0830 0.0207  -0.0024 0.0141  9   DG  A C4    
190 P P     . DT  A 10 ? 0.1944 0.1256 0.1423 -0.0136 -0.0260 0.0621  10  DT  A P     
191 O OP1   . DT  A 10 ? 0.2880 0.0880 0.2125 -0.0343 -0.0634 0.0566  10  DT  A OP1   
192 O OP2   . DT  A 10 ? 0.1994 0.2076 0.1317 -0.0406 -0.0061 0.0743  10  DT  A OP2   
193 O "O5'" . DT  A 10 ? 0.1860 0.1546 0.1085 0.0099  -0.0297 0.0596  10  DT  A "O5'" 
194 C "C5'" . DT  A 10 ? 0.1990 0.1254 0.1291 0.0275  -0.0201 0.0287  10  DT  A "C5'" 
195 C "C4'" . DT  A 10 ? 0.1590 0.1086 0.1443 0.0036  -0.0057 0.0379  10  DT  A "C4'" 
196 O "O4'" . DT  A 10 ? 0.1363 0.1142 0.1464 0.0073  0.0055  0.0690  10  DT  A "O4'" 
197 C "C3'" . DT  A 10 ? 0.1758 0.1497 0.1282 -0.0237 -0.0041 0.0261  10  DT  A "C3'" 
198 O "O3'" . DT  A 10 ? 0.2563 0.1598 0.1550 -0.0572 -0.0330 0.0401  10  DT  A "O3'" 
199 C "C2'" . DT  A 10 ? 0.1667 0.1306 0.1230 -0.0105 -0.0064 0.0468  10  DT  A "C2'" 
200 C "C1'" . DT  A 10 ? 0.1463 0.1427 0.1178 0.0020  -0.0080 0.0581  10  DT  A "C1'" 
201 N N1    . DT  A 10 ? 0.1203 0.1294 0.1198 -0.0071 -0.0142 0.0346  10  DT  A N1    
202 C C2    . DT  A 10 ? 0.1081 0.1968 0.1039 0.0378  0.0057  0.0353  10  DT  A C2    
203 O O2    . DT  A 10 ? 0.1706 0.2160 0.1322 0.0761  -0.0307 0.0325  10  DT  A O2    
204 N N3    . DT  A 10 ? 0.1546 0.1718 0.1738 0.0749  -0.0124 0.0482  10  DT  A N3    
205 C C4    . DT  A 10 ? 0.1406 0.1357 0.1625 0.0307  0.0107  0.0315  10  DT  A C4    
206 O O4    . DT  A 10 ? 0.2479 0.1543 0.2142 0.0723  -0.0202 0.0227  10  DT  A O4    
207 C C5    . DT  A 10 ? 0.1908 0.1146 0.1154 0.0188  0.0067  0.0402  10  DT  A C5    
208 C C7    . DT  A 10 ? 0.1846 0.1390 0.1601 -0.0071 -0.0300 0.0134  10  DT  A C7    
209 C C6    . DT  A 10 ? 0.1202 0.1345 0.1177 -0.0114 0.0022  0.0326  10  DT  A C6    
210 P P     . DG  A 11 ? 0.4167 0.1323 0.1616 -0.0784 -0.0271 0.0495  11  DG  A P     
211 O OP1   . DG  A 11 ? 0.5648 0.1304 0.1487 0.0701  -0.0350 0.0575  11  DG  A OP1   
212 O OP2   . DG  A 11 ? 0.4744 0.2271 0.2534 -0.1575 -0.0102 -0.0530 11  DG  A OP2   
213 O "O5'" . DG  A 11 ? 0.2995 0.1094 0.1311 0.0139  -0.0028 0.0554  11  DG  A "O5'" 
214 C "C5'" . DG  A 11 ? 0.2724 0.1362 0.1534 0.0270  0.0062  0.0575  11  DG  A "C5'" 
215 C "C4'" . DG  A 11 ? 0.1770 0.0865 0.1598 0.0104  0.0028  0.0456  11  DG  A "C4'" 
216 O "O4'" . DG  A 11 ? 0.1477 0.0887 0.1340 0.0218  0.0074  0.0227  11  DG  A "O4'" 
217 C "C3'" . DG  A 11 ? 0.1976 0.0995 0.1209 -0.0152 0.0108  0.0184  11  DG  A "C3'" 
218 O "O3'" . DG  A 11 ? 0.2101 0.1296 0.1187 -0.0340 0.0049  -0.0019 11  DG  A "O3'" 
219 C "C2'" . DG  A 11 ? 0.1395 0.1262 0.0828 -0.0205 -0.0077 0.0085  11  DG  A "C2'" 
220 C "C1'" . DG  A 11 ? 0.1222 0.0893 0.1009 0.0068  0.0008  0.0193  11  DG  A "C1'" 
221 N N9    . DG  A 11 ? 0.1172 0.0830 0.0904 -0.0032 -0.0068 0.0214  11  DG  A N9    
222 C C8    . DG  A 11 ? 0.1154 0.1079 0.0849 0.0272  -0.0004 0.0143  11  DG  A C8    
223 N N7    . DG  A 11 ? 0.1187 0.1110 0.0772 0.0026  0.0072  0.0320  11  DG  A N7    
224 C C5    . DG  A 11 ? 0.0859 0.0756 0.0722 0.0028  0.0191  0.0180  11  DG  A C5    
225 C C6    . DG  A 11 ? 0.0632 0.0803 0.0858 0.0027  0.0176  0.0106  11  DG  A C6    
226 O O6    . DG  A 11 ? 0.0826 0.0719 0.0798 -0.0117 0.0086  0.0191  11  DG  A O6    
227 N N1    . DG  A 11 ? 0.0909 0.0825 0.0816 0.0143  0.0065  0.0131  11  DG  A N1    
228 C C2    . DG  A 11 ? 0.0701 0.0929 0.0827 0.0167  0.0025  0.0120  11  DG  A C2    
229 N N2    . DG  A 11 ? 0.1108 0.0949 0.0875 0.0207  -0.0127 0.0132  11  DG  A N2    
230 N N3    . DG  A 11 ? 0.1103 0.0980 0.0726 0.0044  -0.0051 0.0174  11  DG  A N3    
231 C C4    . DG  A 11 ? 0.1028 0.0742 0.0767 0.0127  0.0023  0.0185  11  DG  A C4    
232 P P     . DG  A 12 ? 0.2140 0.1267 0.1498 -0.0291 0.0134  -0.0050 12  DG  A P     
233 O OP1   . DG  A 12 ? 0.2700 0.0886 0.1966 -0.0242 0.0354  -0.0370 12  DG  A OP1   
234 O OP2   . DG  A 12 ? 0.2121 0.2467 0.1392 -0.0625 -0.0106 -0.0205 12  DG  A OP2   
235 O "O5'" . DG  A 12 ? 0.2122 0.1255 0.1263 -0.0249 0.0281  -0.0069 12  DG  A "O5'" 
236 C "C5'" . DG  A 12 ? 0.1375 0.1089 0.1126 -0.0135 -0.0016 -0.0118 12  DG  A "C5'" 
237 C "C4'" . DG  A 12 ? 0.1176 0.1029 0.1126 -0.0054 0.0091  -0.0156 12  DG  A "C4'" 
238 O "O4'" . DG  A 12 ? 0.1308 0.0857 0.1020 -0.0071 -0.0077 -0.0079 12  DG  A "O4'" 
239 C "C3'" . DG  A 12 ? 0.1282 0.1361 0.0929 -0.0022 -0.0023 0.0145  12  DG  A "C3'" 
240 O "O3'" . DG  A 12 ? 0.1171 0.1304 0.0949 -0.0065 0.0008  0.0121  12  DG  A "O3'" 
241 C "C2'" . DG  A 12 ? 0.1224 0.1219 0.0824 0.0185  -0.0001 0.0112  12  DG  A "C2'" 
242 C "C1'" . DG  A 12 ? 0.1187 0.0926 0.0878 0.0087  0.0006  -0.0018 12  DG  A "C1'" 
243 N N9    . DG  A 12 ? 0.0900 0.0783 0.0763 0.0201  0.0060  -0.0026 12  DG  A N9    
244 C C8    . DG  A 12 ? 0.1012 0.0919 0.0768 0.0082  0.0084  -0.0002 12  DG  A C8    
245 N N7    . DG  A 12 ? 0.0887 0.0749 0.0810 0.0090  0.0073  0.0091  12  DG  A N7    
246 C C5    . DG  A 12 ? 0.0598 0.0760 0.0775 0.0114  0.0117  0.0028  12  DG  A C5    
247 C C6    . DG  A 12 ? 0.0662 0.0706 0.0762 0.0203  -0.0128 0.0146  12  DG  A C6    
248 O O6    . DG  A 12 ? 0.0771 0.0692 0.0795 0.0113  -0.0152 0.0145  12  DG  A O6    
249 N N1    . DG  A 12 ? 0.0777 0.0840 0.0622 0.0090  -0.0045 0.0150  12  DG  A N1    
250 C C2    . DG  A 12 ? 0.0619 0.0781 0.0629 0.0116  0.0084  0.0165  12  DG  A C2    
251 N N2    . DG  A 12 ? 0.0926 0.0912 0.0592 0.0075  0.0001  0.0237  12  DG  A N2    
252 N N3    . DG  A 12 ? 0.0757 0.0888 0.0702 -0.0019 0.0045  0.0169  12  DG  A N3    
253 C C4    . DG  A 12 ? 0.0719 0.0745 0.0769 0.0188  0.0021  0.0102  12  DG  A C4    
254 P P     . DT  A 13 ? 0.1379 0.1623 0.0887 0.0025  -0.0076 -0.0032 13  DT  A P     
255 O OP1   . DT  A 13 ? 0.1555 0.1526 0.0971 -0.0016 -0.0155 -0.0069 13  DT  A OP1   
256 O OP2   . DT  A 13 ? 0.1412 0.2447 0.1177 -0.0090 -0.0040 -0.0400 13  DT  A OP2   
257 O "O5'" . DT  A 13 ? 0.1379 0.1558 0.0895 0.0003  0.0006  0.0074  13  DT  A "O5'" 
258 C "C5'" . DT  A 13 ? 0.1442 0.1472 0.1124 0.0165  0.0024  -0.0073 13  DT  A "C5'" 
259 C "C4'" . DT  A 13 ? 0.1223 0.1439 0.1028 0.0207  -0.0129 -0.0087 13  DT  A "C4'" 
260 O "O4'" . DT  A 13 ? 0.1283 0.1407 0.1100 0.0087  0.0003  -0.0102 13  DT  A "O4'" 
261 C "C3'" . DT  A 13 ? 0.1208 0.1295 0.0944 0.0159  -0.0016 0.0121  13  DT  A "C3'" 
262 O "O3'" . DT  A 13 ? 0.1119 0.1357 0.1336 0.0100  -0.0092 0.0170  13  DT  A "O3'" 
263 C "C2'" . DT  A 13 ? 0.1278 0.1271 0.0997 -0.0135 -0.0188 0.0200  13  DT  A "C2'" 
264 C "C1'" . DT  A 13 ? 0.1086 0.1549 0.0893 0.0076  -0.0246 -0.0117 13  DT  A "C1'" 
265 N N1    . DT  A 13 ? 0.1191 0.1403 0.1107 -0.0058 -0.0127 -0.0036 13  DT  A N1    
266 C C2    . DT  A 13 ? 0.0889 0.1716 0.1081 0.0176  -0.0188 -0.0075 13  DT  A C2    
267 O O2    . DT  A 13 ? 0.1496 0.1700 0.1014 0.0136  -0.0083 0.0072  13  DT  A O2    
268 N N3    . DT  A 13 ? 0.0952 0.1722 0.1000 0.0295  -0.0136 -0.0100 13  DT  A N3    
269 C C4    . DT  A 13 ? 0.0960 0.1422 0.1341 0.0104  -0.0181 -0.0113 13  DT  A C4    
270 O O4    . DT  A 13 ? 0.1212 0.1644 0.1169 -0.0026 -0.0132 -0.0131 13  DT  A O4    
271 C C5    . DT  A 13 ? 0.1395 0.1384 0.1214 -0.0091 -0.0138 0.0016  13  DT  A C5    
272 C C7    . DT  A 13 ? 0.1694 0.1964 0.1247 0.0299  -0.0300 0.0333  13  DT  A C7    
273 C C6    . DT  A 13 ? 0.1175 0.1421 0.1171 -0.0105 -0.0065 0.0006  13  DT  A C6    
274 P P     . DG  A 14 ? 0.1217 0.1454 0.0850 0.0029  0.0000  0.0175  14  DG  A P     
275 O OP1   . DG  A 14 ? 0.1395 0.1596 0.0979 0.0115  -0.0280 -0.0029 14  DG  A OP1   
276 O OP2   . DG  A 14 ? 0.1217 0.1393 0.1052 -0.0010 0.0069  0.0081  14  DG  A OP2   
277 O "O5'" . DG  A 14 ? 0.1389 0.1406 0.0729 0.0107  -0.0003 0.0134  14  DG  A "O5'" 
278 C "C5'" . DG  A 14 ? 0.1082 0.1124 0.0774 0.0033  0.0050  0.0123  14  DG  A "C5'" 
279 C "C4'" . DG  A 14 ? 0.1033 0.1275 0.0727 -0.0174 -0.0021 0.0178  14  DG  A "C4'" 
280 O "O4'" . DG  A 14 ? 0.0932 0.1294 0.0697 0.0015  -0.0056 0.0082  14  DG  A "O4'" 
281 C "C3'" . DG  A 14 ? 0.1227 0.0941 0.0955 -0.0218 0.0118  -0.0103 14  DG  A "C3'" 
282 O "O3'" . DG  A 14 ? 0.1510 0.1013 0.0986 -0.0173 -0.0208 0.0143  14  DG  A "O3'" 
283 C "C2'" . DG  A 14 ? 0.1033 0.1123 0.0804 0.0012  0.0009  0.0086  14  DG  A "C2'" 
284 C "C1'" . DG  A 14 ? 0.0933 0.1264 0.0752 -0.0045 -0.0114 -0.0080 14  DG  A "C1'" 
285 N N9    . DG  A 14 ? 0.0925 0.0787 0.0737 0.0069  0.0054  -0.0014 14  DG  A N9    
286 C C8    . DG  A 14 ? 0.0915 0.0744 0.0746 0.0156  0.0088  0.0141  14  DG  A C8    
287 N N7    . DG  A 14 ? 0.0884 0.0707 0.0703 0.0164  0.0057  0.0313  14  DG  A N7    
288 C C5    . DG  A 14 ? 0.0772 0.0654 0.0616 0.0115  0.0037  0.0248  14  DG  A C5    
289 C C6    . DG  A 14 ? 0.0668 0.0612 0.0723 0.0153  0.0034  0.0139  14  DG  A C6    
290 O O6    . DG  A 14 ? 0.0887 0.0791 0.0683 0.0030  -0.0074 0.0217  14  DG  A O6    
291 N N1    . DG  A 14 ? 0.0844 0.0563 0.0714 0.0100  -0.0060 0.0118  14  DG  A N1    
292 C C2    . DG  A 14 ? 0.0724 0.0545 0.0942 0.0039  0.0027  0.0056  14  DG  A C2    
293 N N2    . DG  A 14 ? 0.1192 0.0450 0.1026 0.0129  -0.0235 0.0055  14  DG  A N2    
294 N N3    . DG  A 14 ? 0.0953 0.0646 0.0794 -0.0059 -0.0032 0.0054  14  DG  A N3    
295 C C4    . DG  A 14 ? 0.0751 0.0786 0.0731 -0.0026 0.0014  0.0137  14  DG  A C4    
296 P P     . DT  A 15 ? 0.1892 0.1303 0.1232 0.0132  -0.0281 -0.0001 15  DT  A P     
297 O OP1   . DT  A 15 ? 0.2274 0.1066 0.1962 -0.0131 -0.0298 -0.0058 15  DT  A OP1   
298 O OP2   . DT  A 15 ? 0.2016 0.1317 0.1756 0.0323  0.0223  0.0039  15  DT  A OP2   
299 O "O5'" . DT  A 15 ? 0.2001 0.1502 0.1193 0.0325  -0.0170 -0.0043 15  DT  A "O5'" 
300 C "C5'" . DT  A 15 ? 0.1396 0.1178 0.1208 0.0190  0.0063  -0.0124 15  DT  A "C5'" 
301 C "C4'" . DT  A 15 ? 0.1382 0.1289 0.1413 0.0260  -0.0044 -0.0002 15  DT  A "C4'" 
302 O "O4'" . DT  A 15 ? 0.1884 0.1341 0.1007 -0.0046 -0.0081 0.0134  15  DT  A "O4'" 
303 C "C3'" . DT  A 15 ? 0.1769 0.1250 0.1288 0.0349  -0.0014 0.0178  15  DT  A "C3'" 
304 O "O3'" . DT  A 15 ? 0.2166 0.1237 0.1362 0.0119  -0.0194 0.0403  15  DT  A "O3'" 
305 C "C2'" . DT  A 15 ? 0.1935 0.1319 0.1221 0.0472  0.0171  0.0131  15  DT  A "C2'" 
306 C "C1'" . DT  A 15 ? 0.1754 0.1374 0.1421 0.0058  0.0214  0.0193  15  DT  A "C1'" 
307 N N1    . DT  A 15 ? 0.1510 0.1138 0.1368 0.0332  -0.0005 0.0012  15  DT  A N1    
308 C C2    . DT  A 15 ? 0.1535 0.1812 0.1790 0.0122  0.0134  0.0288  15  DT  A C2    
309 O O2    . DT  A 15 ? 0.1715 0.1878 0.2873 0.0046  -0.0661 0.0674  15  DT  A O2    
310 N N3    . DT  A 15 ? 0.1365 0.1702 0.1887 0.0027  -0.0157 0.0288  15  DT  A N3    
311 C C4    . DT  A 15 ? 0.1319 0.1708 0.1265 0.0185  0.0151  -0.0125 15  DT  A C4    
312 O O4    . DT  A 15 ? 0.1846 0.1841 0.1402 -0.0070 0.0342  0.0166  15  DT  A O4    
313 C C5    . DT  A 15 ? 0.1576 0.1243 0.1179 0.0177  0.0236  0.0031  15  DT  A C5    
314 C C7    . DT  A 15 ? 0.1939 0.1252 0.0971 0.0277  0.0216  -0.0068 15  DT  A C7    
315 C C6    . DT  A 15 ? 0.1485 0.0920 0.1356 0.0117  0.0181  0.0045  15  DT  A C6    
316 P P     . DG  A 16 ? 0.2818 0.1118 0.1384 0.0096  0.0072  0.0333  16  DG  A P     
317 O OP1   . DG  A 16 ? 0.2505 0.2056 0.1621 -0.0699 -0.0019 0.0067  16  DG  A OP1   
318 O OP2   . DG  A 16 ? 0.3148 0.1330 0.1755 0.0483  0.0352  0.0690  16  DG  A OP2   
319 O "O5'" . DG  A 16 ? 0.2068 0.1328 0.1092 -0.0061 -0.0042 0.0141  16  DG  A "O5'" 
320 C "C5'" . DG  A 16 ? 0.2079 0.1422 0.1274 -0.0194 0.0010  0.0063  16  DG  A "C5'" 
321 C "C4'" . DG  A 16 ? 0.1375 0.1021 0.1101 -0.0040 0.0088  0.0322  16  DG  A "C4'" 
322 O "O4'" . DG  A 16 ? 0.1641 0.0917 0.1345 0.0013  0.0184  0.0124  16  DG  A "O4'" 
323 C "C3'" . DG  A 16 ? 0.1990 0.0785 0.1128 0.0321  0.0044  0.0455  16  DG  A "C3'" 
324 O "O3'" . DG  A 16 ? 0.2065 0.1047 0.1320 0.0190  0.0019  0.0423  16  DG  A "O3'" 
325 C "C2'" . DG  A 16 ? 0.1939 0.0928 0.1185 0.0309  0.0047  0.0505  16  DG  A "C2'" 
326 C "C1'" . DG  A 16 ? 0.1616 0.0961 0.0954 0.0028  0.0106  0.0306  16  DG  A "C1'" 
327 N N9    . DG  A 16 ? 0.1556 0.0868 0.0873 0.0130  0.0104  0.0142  16  DG  A N9    
328 C C8    . DG  A 16 ? 0.1429 0.0825 0.0960 0.0036  0.0067  0.0265  16  DG  A C8    
329 N N7    . DG  A 16 ? 0.1481 0.0811 0.0775 0.0034  -0.0021 0.0212  16  DG  A N7    
330 C C5    . DG  A 16 ? 0.1236 0.0743 0.0787 0.0196  0.0016  0.0224  16  DG  A C5    
331 C C6    . DG  A 16 ? 0.1314 0.0733 0.0709 0.0180  0.0089  0.0226  16  DG  A C6    
332 O O6    . DG  A 16 ? 0.1519 0.0754 0.0683 0.0054  -0.0020 0.0283  16  DG  A O6    
333 N N1    . DG  A 16 ? 0.1376 0.0408 0.0868 0.0143  -0.0191 0.0154  16  DG  A N1    
334 C C2    . DG  A 16 ? 0.1159 0.0519 0.0836 0.0207  0.0077  0.0181  16  DG  A C2    
335 N N2    . DG  A 16 ? 0.1305 0.0669 0.0871 0.0227  -0.0136 0.0260  16  DG  A N2    
336 N N3    . DG  A 16 ? 0.1209 0.0577 0.0863 0.0306  -0.0047 0.0158  16  DG  A N3    
337 C C4    . DG  A 16 ? 0.1513 0.0682 0.0757 0.0143  0.0243  0.0144  16  DG  A C4    
338 P P     . DG  A 17 ? 0.2495 0.1079 0.1383 0.0034  -0.0125 0.0480  17  DG  A P     
339 O OP1   . DG  A 17 ? 0.2477 0.1379 0.1718 -0.0571 -0.0294 0.0305  17  DG  A OP1   
340 O OP2   . DG  A 17 ? 0.3259 0.1363 0.1464 0.0184  -0.0287 0.0720  17  DG  A OP2   
341 O "O5'" . DG  A 17 ? 0.2262 0.0854 0.1636 -0.0066 -0.0079 0.0445  17  DG  A "O5'" 
342 C "C5'" . DG  A 17 ? 0.2092 0.0876 0.1143 0.0397  -0.0039 0.0221  17  DG  A "C5'" 
343 C "C4'" . DG  A 17 ? 0.1706 0.0826 0.0901 0.0119  0.0083  0.0459  17  DG  A "C4'" 
344 O "O4'" . DG  A 17 ? 0.1639 0.0799 0.0867 0.0258  0.0173  0.0444  17  DG  A "O4'" 
345 C "C3'" . DG  A 17 ? 0.1849 0.0773 0.1053 0.0231  -0.0323 0.0335  17  DG  A "C3'" 
346 O "O3'" . DG  A 17 ? 0.1780 0.0966 0.1016 -0.0015 -0.0214 0.0531  17  DG  A "O3'" 
347 C "C2'" . DG  A 17 ? 0.1367 0.1174 0.0785 0.0180  -0.0197 0.0306  17  DG  A "C2'" 
348 C "C1'" . DG  A 17 ? 0.1493 0.0892 0.0968 0.0162  0.0209  0.0454  17  DG  A "C1'" 
349 N N9    . DG  A 17 ? 0.1149 0.0634 0.0852 0.0057  -0.0070 0.0249  17  DG  A N9    
350 C C8    . DG  A 17 ? 0.1005 0.0291 0.0987 0.0105  -0.0290 0.0172  17  DG  A C8    
351 N N7    . DG  A 17 ? 0.1091 0.0647 0.0743 0.0246  -0.0172 0.0345  17  DG  A N7    
352 C C5    . DG  A 17 ? 0.0830 0.0894 0.0751 0.0150  0.0071  0.0237  17  DG  A C5    
353 C C6    . DG  A 17 ? 0.0833 0.0863 0.0564 0.0203  0.0181  0.0200  17  DG  A C6    
354 O O6    . DG  A 17 ? 0.0870 0.0727 0.0612 0.0110  0.0022  0.0246  17  DG  A O6    
355 N N1    . DG  A 17 ? 0.1017 0.0740 0.0659 0.0204  0.0025  0.0278  17  DG  A N1    
356 C C2    . DG  A 17 ? 0.0813 0.0772 0.0713 0.0213  -0.0003 0.0334  17  DG  A C2    
357 N N2    . DG  A 17 ? 0.0881 0.1121 0.0739 0.0169  -0.0126 0.0254  17  DG  A N2    
358 N N3    . DG  A 17 ? 0.1030 0.0712 0.0766 0.0239  -0.0152 0.0275  17  DG  A N3    
359 C C4    . DG  A 17 ? 0.1002 0.0627 0.0847 0.0152  -0.0023 0.0244  17  DG  A C4    
360 P P     . DT  A 18 ? 0.2059 0.1283 0.1436 0.0261  -0.0374 0.0624  18  DT  A P     
361 O OP1   . DT  A 18 ? 0.2498 0.1967 0.0815 -0.0188 -0.0439 0.0793  18  DT  A OP1   
362 O OP2   . DT  A 18 ? 0.2061 0.1189 0.2236 0.0473  -0.0613 0.0520  18  DT  A OP2   
363 O "O5'" . DT  A 18 ? 0.1671 0.1488 0.1221 0.0289  -0.0287 0.0543  18  DT  A "O5'" 
364 C "C5'" . DT  A 18 ? 0.1731 0.1327 0.1117 0.0395  -0.0303 0.0286  18  DT  A "C5'" 
365 C "C4'" . DT  A 18 ? 0.1571 0.1915 0.1151 0.0480  -0.0188 0.0455  18  DT  A "C4'" 
366 O "O4'" . DT  A 18 ? 0.1918 0.1334 0.1246 0.0624  0.0096  0.0751  18  DT  A "O4'" 
367 C "C3'" . DT  A 18 ? 0.1510 0.1772 0.1072 0.0133  -0.0296 0.0452  18  DT  A "C3'" 
368 O "O3'" . DT  A 18 ? 0.1583 0.1584 0.1423 0.0198  -0.0199 0.0568  18  DT  A "O3'" 
369 C "C2'" . DT  A 18 ? 0.1553 0.1650 0.1238 0.0289  -0.0251 0.0467  18  DT  A "C2'" 
370 C "C1'" . DT  A 18 ? 0.1878 0.0842 0.1683 0.0499  0.0038  0.0678  18  DT  A "C1'" 
371 N N1    . DT  A 18 ? 0.1823 0.1724 0.1564 0.0951  -0.0194 0.0498  18  DT  A N1    
372 C C2    . DT  A 18 ? 0.1665 0.2414 0.1601 0.0918  -0.0262 0.0417  18  DT  A C2    
373 O O2    . DT  A 18 ? 0.2245 0.2277 0.1677 0.0572  0.0279  0.0460  18  DT  A O2    
374 N N3    . DT  A 18 ? 0.1992 0.2945 0.1253 0.0921  -0.0109 0.0312  18  DT  A N3    
375 C C4    . DT  A 18 ? 0.2383 0.2495 0.1500 0.1090  -0.0405 -0.0269 18  DT  A C4    
376 O O4    . DT  A 18 ? 0.2599 0.4881 0.1739 0.0800  -0.0306 -0.0988 18  DT  A O4    
377 C C5    . DT  A 18 ? 0.2421 0.2371 0.1819 0.1185  -0.0232 -0.0235 18  DT  A C5    
378 C C7    . DT  A 18 ? 0.2540 0.2804 0.2622 0.1205  -0.0648 -0.0183 18  DT  A C7    
379 C C6    . DT  A 18 ? 0.2313 0.1729 0.1259 0.0765  0.0110  0.0263  18  DT  A C6    
380 P P     . DG  A 19 ? 0.1705 0.1612 0.1258 0.0264  -0.0275 0.0504  19  DG  A P     
381 O OP1   . DG  A 19 ? 0.1674 0.2086 0.1196 0.0173  -0.0150 0.0619  19  DG  A OP1   
382 O OP2   . DG  A 19 ? 0.2017 0.2265 0.2146 0.0231  -0.0741 0.0322  19  DG  A OP2   
383 O "O5'" . DG  A 19 ? 0.1961 0.1417 0.1063 0.0238  -0.0303 0.0443  19  DG  A "O5'" 
384 C "C5'" . DG  A 19 ? 0.1497 0.1279 0.1322 -0.0059 -0.0194 0.0080  19  DG  A "C5'" 
385 C "C4'" . DG  A 19 ? 0.1607 0.1308 0.0900 0.0091  -0.0115 0.0150  19  DG  A "C4'" 
386 O "O4'" . DG  A 19 ? 0.1346 0.1188 0.1029 0.0315  -0.0234 0.0474  19  DG  A "O4'" 
387 C "C3'" . DG  A 19 ? 0.1544 0.1212 0.0890 0.0136  -0.0269 0.0367  19  DG  A "C3'" 
388 O "O3'" . DG  A 19 ? 0.2196 0.1518 0.0981 0.0131  -0.0123 0.0090  19  DG  A "O3'" 
389 C "C2'" . DG  A 19 ? 0.1413 0.1261 0.0982 0.0222  -0.0283 0.0192  19  DG  A "C2'" 
390 C "C1'" . DG  A 19 ? 0.1267 0.0984 0.0914 0.0082  -0.0171 0.0194  19  DG  A "C1'" 
391 N N9    . DG  A 19 ? 0.1205 0.1087 0.0764 0.0085  -0.0269 0.0195  19  DG  A N9    
392 C C8    . DG  A 19 ? 0.1267 0.1025 0.0903 0.0252  -0.0164 0.0076  19  DG  A C8    
393 N N7    . DG  A 19 ? 0.1386 0.0692 0.0875 0.0004  -0.0119 0.0165  19  DG  A N7    
394 C C5    . DG  A 19 ? 0.0934 0.0860 0.0618 -0.0052 0.0109  0.0208  19  DG  A C5    
395 C C6    . DG  A 19 ? 0.1141 0.0751 0.0694 0.0183  -0.0056 0.0145  19  DG  A C6    
396 O O6    . DG  A 19 ? 0.1197 0.0845 0.0707 0.0000  0.0035  0.0138  19  DG  A O6    
397 N N1    . DG  A 19 ? 0.0856 0.0636 0.0784 0.0224  -0.0053 0.0151  19  DG  A N1    
398 C C2    . DG  A 19 ? 0.0905 0.0739 0.0896 0.0174  -0.0028 0.0024  19  DG  A C2    
399 N N2    . DG  A 19 ? 0.0838 0.0833 0.0808 0.0134  -0.0186 0.0120  19  DG  A N2    
400 N N3    . DG  A 19 ? 0.0836 0.1135 0.0893 0.0093  -0.0117 0.0002  19  DG  A N3    
401 C C4    . DG  A 19 ? 0.0967 0.1003 0.0797 0.0178  -0.0071 0.0161  19  DG  A C4    
402 P P     . DG  A 20 ? 0.2262 0.1830 0.1321 0.0008  -0.0290 -0.0045 20  DG  A P     
403 O OP1   . DG  A 20 ? 0.2098 0.2216 0.0924 0.0187  -0.0112 0.0259  20  DG  A OP1   
404 O OP2   . DG  A 20 ? 0.2892 0.2086 0.2051 -0.0411 0.0118  -0.0731 20  DG  A OP2   
405 O "O5'" . DG  A 20 ? 0.2108 0.1759 0.1565 0.0177  -0.0527 0.0016  20  DG  A "O5'" 
406 C "C5'" . DG  A 20 ? 0.1858 0.1778 0.1556 -0.0163 -0.0170 0.0411  20  DG  A "C5'" 
407 C "C4'" . DG  A 20 ? 0.1407 0.1344 0.1102 -0.0095 -0.0358 -0.0019 20  DG  A "C4'" 
408 O "O4'" . DG  A 20 ? 0.1230 0.1261 0.0812 0.0134  -0.0169 -0.0071 20  DG  A "O4'" 
409 C "C3'" . DG  A 20 ? 0.1230 0.1213 0.0998 -0.0103 -0.0452 0.0025  20  DG  A "C3'" 
410 O "O3'" . DG  A 20 ? 0.1443 0.1386 0.1083 0.0016  -0.0336 0.0040  20  DG  A "O3'" 
411 C "C2'" . DG  A 20 ? 0.1121 0.1266 0.0998 -0.0035 -0.0322 -0.0013 20  DG  A "C2'" 
412 C "C1'" . DG  A 20 ? 0.1014 0.1113 0.0875 0.0023  -0.0244 0.0113  20  DG  A "C1'" 
413 N N9    . DG  A 20 ? 0.0784 0.0755 0.0760 0.0071  -0.0214 0.0225  20  DG  A N9    
414 C C8    . DG  A 20 ? 0.0789 0.0736 0.0731 0.0094  -0.0142 0.0220  20  DG  A C8    
415 N N7    . DG  A 20 ? 0.0951 0.0831 0.0656 0.0039  -0.0103 0.0149  20  DG  A N7    
416 C C5    . DG  A 20 ? 0.0729 0.0845 0.0771 0.0393  -0.0060 0.0197  20  DG  A C5    
417 C C6    . DG  A 20 ? 0.0843 0.0679 0.0654 0.0079  0.0096  0.0142  20  DG  A C6    
418 O O6    . DG  A 20 ? 0.0898 0.0720 0.0697 0.0056  -0.0118 0.0305  20  DG  A O6    
419 N N1    . DG  A 20 ? 0.0589 0.0705 0.0837 0.0101  -0.0063 0.0189  20  DG  A N1    
420 C C2    . DG  A 20 ? 0.0662 0.0703 0.0791 0.0197  -0.0077 0.0118  20  DG  A C2    
421 N N2    . DG  A 20 ? 0.0857 0.0669 0.0899 0.0106  -0.0095 0.0170  20  DG  A N2    
422 N N3    . DG  A 20 ? 0.0714 0.0908 0.0878 0.0093  -0.0228 0.0035  20  DG  A N3    
423 C C4    . DG  A 20 ? 0.0702 0.1005 0.0705 0.0300  0.0067  0.0093  20  DG  A C4    
424 P P     . DT  A 21 ? 0.1530 0.1268 0.1499 0.0014  -0.0410 -0.0023 21  DT  A P     
425 O OP1   . DT  A 21 ? 0.2028 0.1377 0.1833 0.0271  -0.0651 -0.0327 21  DT  A OP1   
426 O OP2   . DT  A 21 ? 0.1438 0.1701 0.1618 0.0057  -0.0607 -0.0261 21  DT  A OP2   
427 O "O5'" . DT  A 21 ? 0.1467 0.1554 0.1368 0.0075  -0.0320 0.0020  21  DT  A "O5'" 
428 C "C5'" . DT  A 21 ? 0.1349 0.1176 0.1222 -0.0185 -0.0213 -0.0038 21  DT  A "C5'" 
429 C "C4'" . DT  A 21 ? 0.1313 0.1107 0.1509 0.0281  -0.0023 0.0156  21  DT  A "C4'" 
430 O "O4'" . DT  A 21 ? 0.1070 0.1112 0.1902 -0.0003 -0.0143 -0.0101 21  DT  A "O4'" 
431 C "C3'" . DT  A 21 ? 0.1500 0.1727 0.1443 0.0021  -0.0201 0.0065  21  DT  A "C3'" 
432 O "O3'" . DT  A 21 ? 0.1582 0.1028 0.1687 -0.0113 -0.0104 0.0077  21  DT  A "O3'" 
433 C "C2'" . DT  A 21 ? 0.1194 0.1669 0.1718 0.0043  -0.0193 -0.0247 21  DT  A "C2'" 
434 C "C1'" . DT  A 21 ? 0.1331 0.1286 0.2053 0.0090  0.0000  0.0113  21  DT  A "C1'" 
435 N N1    . DT  A 21 ? 0.1330 0.1402 0.1552 0.0072  -0.0339 0.0045  21  DT  A N1    
436 C C2    . DT  A 21 ? 0.1286 0.1487 0.2045 -0.0292 0.0271  -0.0121 21  DT  A C2    
437 O O2    . DT  A 21 ? 0.1202 0.1520 0.1986 -0.0087 0.0058  -0.0195 21  DT  A O2    
438 N N3    . DT  A 21 ? 0.1198 0.1346 0.2022 -0.0215 0.0354  -0.0029 21  DT  A N3    
439 C C4    . DT  A 21 ? 0.1244 0.1499 0.1896 0.0281  0.0235  0.0351  21  DT  A C4    
440 O O4    . DT  A 21 ? 0.2293 0.1699 0.3116 0.0470  0.1009  0.0678  21  DT  A O4    
441 C C5    . DT  A 21 ? 0.1576 0.1779 0.1801 -0.0151 -0.0009 0.0267  21  DT  A C5    
442 C C7    . DT  A 21 ? 0.1605 0.2416 0.1850 0.0077  -0.0237 0.0484  21  DT  A C7    
443 C C6    . DT  A 21 ? 0.1343 0.1237 0.1823 0.0094  -0.0008 -0.0184 21  DT  A C6    
444 P P     . DG  A 22 ? 0.1400 0.1398 0.1741 -0.0140 0.0011  0.0007  22  DG  A P     
445 O OP1   . DG  A 22 ? 0.1797 0.1281 0.1668 -0.0058 -0.0461 -0.0010 22  DG  A OP1   
446 O OP2   . DG  A 22 ? 0.1676 0.1714 0.2203 -0.0328 0.0054  0.0538  22  DG  A OP2   
447 O "O5'" . DG  A 22 ? 0.1237 0.1061 0.1627 -0.0078 -0.0115 0.0035  22  DG  A "O5'" 
448 C "C5'" . DG  A 22 ? 0.1363 0.1215 0.1523 0.0173  -0.0019 -0.0244 22  DG  A "C5'" 
449 C "C4'" . DG  A 22 ? 0.1395 0.0788 0.1455 -0.0141 -0.0170 0.0331  22  DG  A "C4'" 
450 O "O4'" . DG  A 22 ? 0.1431 0.0773 0.1450 0.0006  -0.0096 0.0161  22  DG  A "O4'" 
451 C "C3'" . DG  A 22 ? 0.1352 0.1330 0.1319 0.0088  -0.0176 0.0161  22  DG  A "C3'" 
452 O "O3'" . DG  A 22 ? 0.1930 0.0962 0.1458 0.0149  -0.0214 0.0350  22  DG  A "O3'" 
453 C "C2'" . DG  A 22 ? 0.1381 0.1029 0.1231 -0.0186 0.0040  0.0315  22  DG  A "C2'" 
454 C "C1'" . DG  A 22 ? 0.1251 0.0791 0.1291 0.0019  -0.0122 0.0235  22  DG  A "C1'" 
455 N N9    . DG  A 22 ? 0.1097 0.0888 0.0919 0.0032  -0.0079 0.0206  22  DG  A N9    
456 C C8    . DG  A 22 ? 0.0832 0.0888 0.1088 0.0006  -0.0290 0.0211  22  DG  A C8    
457 N N7    . DG  A 22 ? 0.0806 0.0792 0.1053 0.0194  -0.0040 0.0026  22  DG  A N7    
458 C C5    . DG  A 22 ? 0.0751 0.0760 0.1048 0.0118  -0.0148 0.0190  22  DG  A C5    
459 C C6    . DG  A 22 ? 0.0596 0.0613 0.0826 0.0155  -0.0086 0.0203  22  DG  A C6    
460 O O6    . DG  A 22 ? 0.0951 0.0683 0.1021 0.0091  -0.0035 0.0371  22  DG  A O6    
461 N N1    . DG  A 22 ? 0.0794 0.0649 0.0816 0.0074  -0.0059 0.0164  22  DG  A N1    
462 C C2    . DG  A 22 ? 0.0755 0.0647 0.0896 0.0081  -0.0069 0.0176  22  DG  A C2    
463 N N2    . DG  A 22 ? 0.1053 0.0942 0.0688 0.0027  -0.0058 0.0196  22  DG  A N2    
464 N N3    . DG  A 22 ? 0.0834 0.0752 0.0961 0.0089  -0.0073 0.0213  22  DG  A N3    
465 C C4    . DG  A 22 ? 0.0897 0.0918 0.0967 0.0000  -0.0114 0.0206  22  DG  A C4    
466 P P     . DG  A 23 ? 0.2148 0.1291 0.1929 0.0107  -0.0081 0.0452  23  DG  A P     
467 O OP1   . DG  A 23 ? 0.1972 0.0949 0.2010 0.0102  0.0059  0.0335  23  DG  A OP1   
468 O OP2   . DG  A 23 ? 0.3553 0.2181 0.2441 0.0620  0.0431  0.1456  23  DG  A OP2   
469 O "O5'" . DG  A 23 ? 0.1748 0.2091 0.1770 0.0077  -0.0301 -0.0041 23  DG  A "O5'" 
470 C "C5'" . DG  A 23 ? 0.1654 0.1256 0.1904 -0.0420 0.0031  0.0406  23  DG  A "C5'" 
471 C "C4'" . DG  A 23 ? 0.1422 0.1114 0.1562 -0.0258 -0.0127 0.0456  23  DG  A "C4'" 
472 O "O4'" . DG  A 23 ? 0.1486 0.0802 0.1266 0.0195  -0.0035 0.0265  23  DG  A "O4'" 
473 C "C3'" . DG  A 23 ? 0.1446 0.0832 0.1334 -0.0176 -0.0122 0.0662  23  DG  A "C3'" 
474 O "O3'" . DG  A 23 ? 0.1421 0.1037 0.1301 0.0063  -0.0007 0.0383  23  DG  A "O3'" 
475 C "C2'" . DG  A 23 ? 0.1207 0.0827 0.1116 -0.0006 -0.0153 0.0451  23  DG  A "C2'" 
476 C "C1'" . DG  A 23 ? 0.1206 0.0874 0.0764 0.0181  -0.0066 0.0326  23  DG  A "C1'" 
477 N N9    . DG  A 23 ? 0.0870 0.0696 0.0939 -0.0031 -0.0160 0.0366  23  DG  A N9    
478 C C8    . DG  A 23 ? 0.0909 0.0528 0.0849 -0.0101 0.0131  0.0192  23  DG  A C8    
479 N N7    . DG  A 23 ? 0.0735 0.0707 0.0946 0.0051  -0.0019 0.0417  23  DG  A N7    
480 C C5    . DG  A 23 ? 0.0673 0.0846 0.0900 0.0197  -0.0008 0.0208  23  DG  A C5    
481 C C6    . DG  A 23 ? 0.0674 0.0787 0.0633 0.0137  -0.0029 0.0176  23  DG  A C6    
482 O O6    . DG  A 23 ? 0.0806 0.0897 0.0530 0.0100  -0.0078 0.0218  23  DG  A O6    
483 N N1    . DG  A 23 ? 0.0786 0.0454 0.0710 0.0206  -0.0118 0.0222  23  DG  A N1    
484 C C2    . DG  A 23 ? 0.0860 0.0580 0.0697 0.0121  -0.0124 0.0257  23  DG  A C2    
485 N N2    . DG  A 23 ? 0.1132 0.0871 0.0512 0.0142  -0.0120 0.0279  23  DG  A N2    
486 N N3    . DG  A 23 ? 0.0910 0.0599 0.0811 -0.0105 -0.0074 0.0179  23  DG  A N3    
487 C C4    . DG  A 23 ? 0.0857 0.0697 0.0834 0.0098  -0.0026 0.0114  23  DG  A C4    
488 P P     . DT  A 24 ? 0.1735 0.1535 0.1219 -0.0080 -0.0112 0.0665  24  DT  A P     
489 O OP1   . DT  A 24 ? 0.2216 0.1912 0.1831 -0.0435 -0.0591 0.0964  24  DT  A OP1   
490 O OP2   . DT  A 24 ? 0.2190 0.1711 0.1146 -0.0123 0.0434  0.0576  24  DT  A OP2   
491 O "O5'" . DT  A 24 ? 0.1794 0.1505 0.1127 -0.0149 -0.0211 0.0608  24  DT  A "O5'" 
492 C "C5'" . DT  A 24 ? 0.1405 0.1489 0.1548 0.0001  -0.0172 0.0388  24  DT  A "C5'" 
493 C "C4'" . DT  A 24 ? 0.1159 0.1343 0.1146 -0.0023 -0.0153 0.0627  24  DT  A "C4'" 
494 O "O4'" . DT  A 24 ? 0.1234 0.1835 0.1047 0.0162  -0.0056 0.0669  24  DT  A "O4'" 
495 C "C3'" . DT  A 24 ? 0.1479 0.1188 0.1091 -0.0117 -0.0120 0.0362  24  DT  A "C3'" 
496 O "O3'" . DT  A 24 ? 0.1438 0.1116 0.1643 0.0116  -0.0021 0.0178  24  DT  A "O3'" 
497 C "C2'" . DT  A 24 ? 0.1561 0.1558 0.0824 -0.0025 0.0126  0.0262  24  DT  A "C2'" 
498 C "C1'" . DT  A 24 ? 0.1256 0.1712 0.1070 0.0014  0.0050  0.0533  24  DT  A "C1'" 
499 N N1    . DT  A 24 ? 0.1161 0.2102 0.1422 0.0196  0.0020  0.0186  24  DT  A N1    
500 C C2    . DT  A 24 ? 0.1260 0.2130 0.2147 0.0277  -0.0134 0.0236  24  DT  A C2    
501 O O2    . DT  A 24 ? 0.1647 0.2266 0.1667 0.0476  0.0128  0.0672  24  DT  A O2    
502 N N3    . DT  A 24 ? 0.1495 0.3144 0.2172 0.0045  0.0078  -0.0147 24  DT  A N3    
503 C C4    . DT  A 24 ? 0.1947 0.3210 0.2743 -0.0684 -0.0040 -0.0501 24  DT  A C4    
504 O O4    . DT  A 24 ? 0.2319 0.5359 0.3354 -0.0404 -0.0665 -0.0861 24  DT  A O4    
505 C C5    . DT  A 24 ? 0.1875 0.3149 0.2428 -0.0602 0.0253  -0.0499 24  DT  A C5    
506 C C7    . DT  A 24 ? 0.2101 0.3155 0.1973 -0.0818 0.0170  -0.0566 24  DT  A C7    
507 C C6    . DT  A 24 ? 0.0963 0.2054 0.1865 -0.0021 0.0319  0.0093  24  DT  A C6    
508 P P     . DG  A 25 ? 0.1616 0.1284 0.1378 0.0177  0.0027  0.0192  25  DG  A P     
509 O OP1   . DG  A 25 ? 0.1515 0.1571 0.1298 0.0304  0.0156  0.0374  25  DG  A OP1   
510 O OP2   . DG  A 25 ? 0.2372 0.1995 0.1236 0.0139  0.0179  0.0152  25  DG  A OP2   
511 O "O5'" . DG  A 25 ? 0.1552 0.0884 0.1609 0.0260  -0.0227 0.0002  25  DG  A "O5'" 
512 C "C5'" . DG  A 25 ? 0.1453 0.1148 0.1362 0.0235  -0.0193 -0.0015 25  DG  A "C5'" 
513 C "C4'" . DG  A 25 ? 0.1116 0.0999 0.0888 0.0119  -0.0116 0.0317  25  DG  A "C4'" 
514 O "O4'" . DG  A 25 ? 0.1207 0.1371 0.0773 0.0177  -0.0136 0.0194  25  DG  A "O4'" 
515 C "C3'" . DG  A 25 ? 0.1272 0.1027 0.0948 0.0177  0.0037  0.0192  25  DG  A "C3'" 
516 O "O3'" . DG  A 25 ? 0.1565 0.1111 0.0916 0.0168  0.0000  0.0040  25  DG  A "O3'" 
517 C "C2'" . DG  A 25 ? 0.1251 0.0979 0.0826 0.0134  0.0106  0.0260  25  DG  A "C2'" 
518 C "C1'" . DG  A 25 ? 0.1170 0.1071 0.0794 0.0052  -0.0071 0.0225  25  DG  A "C1'" 
519 N N9    . DG  A 25 ? 0.1142 0.0899 0.0696 0.0119  -0.0165 0.0229  25  DG  A N9    
520 C C8    . DG  A 25 ? 0.1433 0.0790 0.0711 0.0056  0.0138  0.0196  25  DG  A C8    
521 N N7    . DG  A 25 ? 0.1273 0.0818 0.0769 -0.0019 0.0012  0.0211  25  DG  A N7    
522 C C5    . DG  A 25 ? 0.1105 0.0879 0.0711 0.0128  0.0034  0.0277  25  DG  A C5    
523 C C6    . DG  A 25 ? 0.0861 0.0668 0.0843 0.0181  -0.0145 0.0272  25  DG  A C6    
524 O O6    . DG  A 25 ? 0.1068 0.0629 0.0868 0.0154  -0.0126 0.0234  25  DG  A O6    
525 N N1    . DG  A 25 ? 0.0995 0.0570 0.0695 0.0211  -0.0070 0.0111  25  DG  A N1    
526 C C2    . DG  A 25 ? 0.0953 0.0693 0.0786 0.0151  -0.0020 0.0147  25  DG  A C2    
527 N N2    . DG  A 25 ? 0.1361 0.0768 0.0928 0.0011  0.0032  0.0201  25  DG  A N2    
528 N N3    . DG  A 25 ? 0.0858 0.0824 0.0806 0.0302  -0.0076 0.0239  25  DG  A N3    
529 C C4    . DG  A 25 ? 0.1071 0.0879 0.0685 0.0202  0.0078  0.0268  25  DG  A C4    
530 P P     . DT  A 26 ? 0.1449 0.1480 0.1055 0.0091  0.0118  -0.0045 26  DT  A P     
531 O OP1   . DT  A 26 ? 0.1294 0.1690 0.1927 -0.0121 -0.0064 -0.0269 26  DT  A OP1   
532 O OP2   . DT  A 26 ? 0.2257 0.1606 0.0989 0.0449  -0.0045 0.0245  26  DT  A OP2   
533 O "O5'" . DT  A 26 ? 0.1490 0.1960 0.0976 -0.0081 0.0155  -0.0367 26  DT  A "O5'" 
534 C "C5'" . DT  A 26 ? 0.1627 0.1545 0.1057 0.0229  0.0171  0.0062  26  DT  A "C5'" 
535 C "C4'" . DT  A 26 ? 0.1402 0.1521 0.1321 0.0082  0.0089  -0.0373 26  DT  A "C4'" 
536 O "O4'" . DT  A 26 ? 0.1479 0.1516 0.1208 0.0061  0.0053  -0.0108 26  DT  A "O4'" 
537 C "C3'" . DT  A 26 ? 0.1353 0.1384 0.1188 -0.0039 -0.0057 -0.0076 26  DT  A "C3'" 
538 O "O3'" . DT  A 26 ? 0.1324 0.1809 0.1308 -0.0085 -0.0101 0.0111  26  DT  A "O3'" 
539 C "C2'" . DT  A 26 ? 0.1648 0.1139 0.1515 0.0029  -0.0029 0.0030  26  DT  A "C2'" 
540 C "C1'" . DT  A 26 ? 0.1217 0.1186 0.1442 -0.0167 0.0051  -0.0170 26  DT  A "C1'" 
541 N N1    . DT  A 26 ? 0.1338 0.1189 0.1609 -0.0070 -0.0223 0.0097  26  DT  A N1    
542 C C2    . DT  A 26 ? 0.2015 0.1578 0.2998 -0.0111 -0.1367 0.0230  26  DT  A C2    
543 O O2    . DT  A 26 ? 0.2408 0.3031 0.3604 -0.0898 -0.1755 0.1677  26  DT  A O2    
544 N N3    . DT  A 26 ? 0.2329 0.1794 0.3426 -0.0553 -0.0915 0.0449  26  DT  A N3    
545 C C4    . DT  A 26 ? 0.2187 0.1525 0.2045 -0.0262 -0.0513 0.0035  26  DT  A C4    
546 O O4    . DT  A 26 ? 0.2223 0.1576 0.1915 0.0065  -0.0271 0.0129  26  DT  A O4    
547 C C5    . DT  A 26 ? 0.1645 0.1286 0.1487 0.0136  0.0350  -0.0231 26  DT  A C5    
548 C C7    . DT  A 26 ? 0.1424 0.1688 0.1540 0.0123  0.0264  0.0010  26  DT  A C7    
549 C C6    . DT  A 26 ? 0.1128 0.1454 0.1262 0.0032  0.0119  -0.0226 26  DT  A C6    
550 P P     . DT  A 27 ? 0.1559 0.1899 0.1522 -0.0135 -0.0243 0.0289  27  DT  A P     
551 O OP1   . DT  A 27 ? 0.1974 0.1975 0.1421 -0.0026 -0.0033 -0.0156 27  DT  A OP1   
552 O OP2   . DT  A 27 ? 0.1208 0.2688 0.2209 -0.0351 -0.0380 0.1078  27  DT  A OP2   
553 O "O5'" . DT  A 27 ? 0.1761 0.1703 0.1265 0.0119  -0.0078 0.0265  27  DT  A "O5'" 
554 C "C5'" . DT  A 27 ? 0.1838 0.1788 0.1192 -0.0020 0.0203  0.0142  27  DT  A "C5'" 
555 C "C4'" . DT  A 27 ? 0.2304 0.2345 0.1618 0.0122  -0.0223 0.0257  27  DT  A "C4'" 
556 O "O4'" . DT  A 27 ? 0.2275 0.1766 0.1744 0.0161  0.0074  0.0542  27  DT  A "O4'" 
557 C "C3'" . DT  A 27 ? 0.2172 0.1724 0.1466 0.0278  -0.0254 0.0179  27  DT  A "C3'" 
558 O "O3'" . DT  A 27 ? 0.2270 0.2670 0.1837 0.0683  0.0099  0.0577  27  DT  A "O3'" 
559 C "C2'" . DT  A 27 ? 0.1830 0.2175 0.1426 -0.0055 -0.0061 0.0221  27  DT  A "C2'" 
560 C "C1'" . DT  A 27 ? 0.1850 0.1593 0.1628 0.0246  0.0115  0.0379  27  DT  A "C1'" 
561 N N1    . DT  A 27 ? 0.1795 0.1639 0.1565 0.0127  0.0142  0.0181  27  DT  A N1    
562 C C2    . DT  A 27 ? 0.2642 0.1695 0.2094 0.0055  -0.0329 0.0074  27  DT  A C2    
563 O O2    . DT  A 27 ? 0.4077 0.1691 0.2385 0.0458  -0.0254 0.0609  27  DT  A O2    
564 N N3    . DT  A 27 ? 0.2515 0.2234 0.2157 -0.0716 0.0059  -0.0016 27  DT  A N3    
565 C C4    . DT  A 27 ? 0.1934 0.2289 0.2109 -0.0378 -0.0221 -0.0386 27  DT  A C4    
566 O O4    . DT  A 27 ? 0.2916 0.3296 0.2191 -0.1111 0.0144  -0.0883 27  DT  A O4    
567 C C5    . DT  A 27 ? 0.2147 0.1887 0.1879 -0.0545 0.0042  -0.0122 27  DT  A C5    
568 C C7    . DT  A 27 ? 0.2361 0.3221 0.1704 -0.0200 -0.0084 0.0120  27  DT  A C7    
569 C C6    . DT  A 27 ? 0.1962 0.2304 0.1593 0.0373  -0.0101 0.0043  27  DT  A C6    
570 N N1    A SPM B .  ? 0.2120 0.2201 0.1743 -0.0593 0.0168  0.0074  101 SPM A N1    
571 N N1    B SPM B .  ? 0.3865 0.4990 0.4335 -0.0003 0.0225  0.0034  101 SPM A N1    
572 C C2    A SPM B .  ? 0.2777 0.2474 0.0268 -0.0320 0.0178  -0.0224 101 SPM A C2    
573 C C2    B SPM B .  ? 0.3628 0.4054 0.3500 -0.0539 -0.0043 -0.0218 101 SPM A C2    
574 C C3    A SPM B .  ? 0.2003 0.2136 0.1053 -0.0236 0.0394  -0.0224 101 SPM A C3    
575 C C3    B SPM B .  ? 0.2787 0.3016 0.2359 -0.0135 0.0726  0.0272  101 SPM A C3    
576 C C4    A SPM B .  ? 0.2065 0.3117 0.1982 0.0453  0.0536  0.0027  101 SPM A C4    
577 C C4    B SPM B .  ? 0.2500 0.3619 0.2358 0.0283  0.0604  0.0170  101 SPM A C4    
578 N N5    A SPM B .  ? 0.1889 0.3344 0.1826 0.0175  0.0035  -0.0116 101 SPM A N5    
579 N N5    B SPM B .  ? 0.2233 0.3603 0.2336 0.0390  0.0044  0.0059  101 SPM A N5    
580 C C6    A SPM B .  ? 0.2109 0.2370 0.2630 0.0054  0.0234  -0.0213 101 SPM A C6    
581 C C6    B SPM B .  ? 0.2175 0.2507 0.2727 0.0003  0.0206  -0.0147 101 SPM A C6    
582 C C7    A SPM B .  ? 0.2339 0.2371 0.1744 0.0405  0.0204  -0.0458 101 SPM A C7    
583 C C7    B SPM B .  ? 0.2374 0.2384 0.1829 0.0466  0.0235  -0.0412 101 SPM A C7    
584 C C8    A SPM B .  ? 0.1491 0.2594 0.2559 0.0191  0.0148  -0.0314 101 SPM A C8    
585 C C8    B SPM B .  ? 0.1503 0.2660 0.2666 0.0195  0.0200  -0.0286 101 SPM A C8    
586 C C9    A SPM B .  ? 0.1738 0.2115 0.2620 0.0037  0.0063  -0.0492 101 SPM A C9    
587 C C9    B SPM B .  ? 0.1838 0.2189 0.2670 0.0048  0.0086  -0.0500 101 SPM A C9    
588 N N10   A SPM B .  ? 0.1801 0.1839 0.1897 0.0464  -0.0220 -0.0597 101 SPM A N10   
589 N N10   B SPM B .  ? 0.1906 0.2117 0.3050 0.0566  -0.0112 -0.0089 101 SPM A N10   
590 C C11   A SPM B .  ? 0.1739 0.2442 0.2819 0.0347  -0.0421 -0.0195 101 SPM A C11   
591 C C11   B SPM B .  ? 0.2104 0.2780 0.3369 0.0302  -0.0342 -0.0040 101 SPM A C11   
592 C C12   A SPM B .  ? 0.2543 0.1229 0.2213 0.0403  -0.0504 -0.0624 101 SPM A C12   
593 C C12   B SPM B .  ? 0.3185 0.2327 0.3441 -0.0015 -0.0140 -0.0186 101 SPM A C12   
594 C C13   A SPM B .  ? 0.2792 0.3214 0.2235 -0.0250 -0.0550 -0.0406 101 SPM A C13   
595 C C13   B SPM B .  ? 0.2903 0.2683 0.3516 0.0165  -0.0341 -0.0294 101 SPM A C13   
596 N N14   A SPM B .  ? 0.4540 0.2808 0.1073 -0.0419 -0.0649 0.0641  101 SPM A N14   
597 N N14   B SPM B .  ? 0.2544 0.1534 0.3554 0.0453  -0.0254 0.1222  101 SPM A N14   
598 N N1    A SPM C .  ? 0.5414 0.4731 0.7602 0.0627  0.0103  0.0186  102 SPM A N1    
599 N N1    B SPM C .  ? 0.5448 0.4731 0.7589 0.0615  0.0079  0.0194  102 SPM A N1    
600 C C2    A SPM C .  ? 0.5487 0.4905 0.7530 -0.0038 -0.0189 0.0716  102 SPM A C2    
601 C C2    B SPM C .  ? 0.5511 0.4914 0.7524 -0.0032 -0.0196 0.0707  102 SPM A C2    
602 C C3    A SPM C .  ? 0.5510 0.4394 0.6560 -0.0082 0.0066  0.0179  102 SPM A C3    
603 C C3    B SPM C .  ? 0.5544 0.4385 0.6541 -0.0073 0.0063  0.0162  102 SPM A C3    
604 C C4    A SPM C .  ? 0.3434 0.4226 0.4994 -0.0712 0.0707  0.0355  102 SPM A C4    
605 C C4    B SPM C .  ? 0.3447 0.4216 0.4980 -0.0709 0.0712  0.0342  102 SPM A C4    
606 N N5    A SPM C .  ? 0.3519 0.2007 0.4088 0.0237  0.0926  0.0702  102 SPM A N5    
607 N N5    B SPM C .  ? 0.3498 0.2006 0.4120 0.0237  0.0907  0.0673  102 SPM A N5    
608 C C6    A SPM C .  ? 0.2671 0.2169 0.3315 0.0203  0.0418  0.0757  102 SPM A C6    
609 C C6    B SPM C .  ? 0.2668 0.2173 0.3331 0.0209  0.0412  0.0744  102 SPM A C6    
610 C C7    A SPM C .  ? 0.1967 0.2204 0.2150 0.0757  -0.0029 0.0254  102 SPM A C7    
611 C C7    B SPM C .  ? 0.1978 0.2210 0.2148 0.0751  -0.0027 0.0243  102 SPM A C7    
612 C C8    A SPM C .  ? 0.1839 0.1890 0.1632 0.0229  0.0040  0.0291  102 SPM A C8    
613 C C8    B SPM C .  ? 0.1819 0.1896 0.1635 0.0217  0.0041  0.0289  102 SPM A C8    
614 C C9    A SPM C .  ? 0.1789 0.1835 0.2164 0.0422  -0.0125 -0.0270 102 SPM A C9    
615 C C9    B SPM C .  ? 0.1764 0.1855 0.2183 0.0411  -0.0135 -0.0287 102 SPM A C9    
616 N N10   A SPM C .  ? 0.1364 0.1898 0.2619 0.0537  -0.0574 -0.0559 102 SPM A N10   
617 N N10   B SPM C .  ? 0.1256 0.1915 0.2709 0.0498  -0.0612 -0.0591 102 SPM A N10   
618 C C11   A SPM C .  ? 0.1618 0.2464 0.2803 0.0161  -0.0272 -0.0302 102 SPM A C11   
619 C C11   B SPM C .  ? 0.1224 0.2555 0.2927 0.0268  -0.0420 -0.0419 102 SPM A C11   
620 C C12   A SPM C .  ? 0.2173 0.2428 0.3309 0.0083  0.0032  -0.0488 102 SPM A C12   
621 C C12   B SPM C .  ? 0.1948 0.2486 0.2747 0.0304  -0.0570 -0.1327 102 SPM A C12   
622 C C13   A SPM C .  ? 0.1793 0.2458 0.2848 0.0170  -0.0355 -0.0229 102 SPM A C13   
623 C C13   B SPM C .  ? 0.3318 0.2861 0.4324 -0.0415 -0.0361 -0.0344 102 SPM A C13   
624 N N14   A SPM C .  ? 0.1230 0.1261 0.1969 0.0319  0.0359  -0.0046 102 SPM A N14   
625 N N14   B SPM C .  ? 0.2733 0.2510 0.5245 0.0453  -0.0888 -0.0209 102 SPM A N14   
626 K K     . K   D .  ? 0.0911 0.0723 0.0729 0.0097  -0.0045 0.0297  103 K   A K     
627 K K     . K   E .  ? 0.0913 0.0702 0.0688 0.0082  -0.0010 0.0250  104 K   A K     
628 K K     . K   F .  ? 0.0880 0.0731 0.0654 0.0168  -0.0006 0.0277  105 K   A K     
629 O O     . HOH G .  ? 0.5475 0.4924 0.4624 -0.0421 -0.0625 0.0934  201 HOH A O     
630 O O     . HOH G .  ? 0.6840 0.2458 0.5074 0.0034  0.2976  -0.0611 202 HOH A O     
631 O O     . HOH G .  ? 0.4822 0.8735 0.5814 0.1000  -0.2957 -0.0214 203 HOH A O     
632 O O     . HOH G .  ? 1.0851 0.3725 0.2368 0.2029  -0.1305 0.0521  204 HOH A O     
633 O O     . HOH G .  ? 0.1912 0.8360 0.4617 0.1489  -0.1278 -0.4870 205 HOH A O     
634 O O     . HOH G .  ? 0.1589 0.3559 0.1620 -0.0031 0.0116  0.0549  206 HOH A O     
635 O O     . HOH G .  ? 0.5397 0.5079 0.4485 0.0922  0.0463  0.0597  207 HOH A O     
636 O O     . HOH G .  ? 0.4416 0.4844 0.3539 0.1012  0.1259  -0.0154 208 HOH A O     
637 O O     . HOH G .  ? 0.4006 0.2158 0.2684 -0.0415 -0.0075 0.0217  209 HOH A O     
638 O O     . HOH G .  ? 0.2289 0.7598 0.3854 0.1538  0.0521  -0.0529 210 HOH A O     
639 O O     . HOH G .  ? 0.2893 0.2199 0.1349 -0.0722 -0.0260 0.0016  211 HOH A O     
640 O O     . HOH G .  ? 0.1804 0.2830 0.2970 -0.0442 0.0136  -0.0740 212 HOH A O     
641 O O     . HOH G .  ? 0.7065 0.3323 0.6228 0.0881  0.1332  -0.0368 213 HOH A O     
642 O O     . HOH G .  ? 0.3996 0.2397 0.1720 0.0353  0.0094  0.0726  214 HOH A O     
643 O O     . HOH G .  ? 0.2439 0.1563 0.1283 0.0602  -0.0477 0.0170  215 HOH A O     
644 O O     . HOH G .  ? 0.2721 0.2611 0.2230 0.0252  0.0086  0.0869  216 HOH A O     
645 O O     . HOH G .  ? 0.4885 0.5585 0.3293 0.1646  0.0275  0.0774  217 HOH A O     
646 O O     . HOH G .  ? 0.3746 0.1256 0.4166 -0.0396 0.1420  0.0327  218 HOH A O     
647 O O     . HOH G .  ? 0.2270 0.2009 0.1402 -0.0040 0.0171  0.0493  219 HOH A O     
648 O O     . HOH G .  ? 0.2865 0.4935 0.3510 0.0857  0.0375  0.1446  220 HOH A O     
649 O O     . HOH G .  ? 0.8898 0.3800 0.4064 0.0915  0.2929  0.1747  221 HOH A O     
650 O O     . HOH G .  ? 0.3036 0.1602 0.8513 0.0475  0.1815  -0.0293 222 HOH A O     
651 O O     . HOH G .  ? 0.3683 0.7090 0.7677 -0.0423 0.2450  0.2113  223 HOH A O     
652 O O     . HOH G .  ? 0.2587 0.3713 0.6727 0.0960  -0.1501 -0.0778 224 HOH A O     
653 O O     . HOH G .  ? 0.3217 0.1759 0.1307 -0.0197 0.0100  0.0382  225 HOH A O     
654 O O     . HOH G .  ? 0.2580 0.2729 0.2548 -0.0584 -0.0229 -0.0158 226 HOH A O     
655 O O     . HOH G .  ? 0.6111 0.2079 0.2664 -0.1115 -0.0185 0.0421  227 HOH A O     
656 O O     . HOH G .  ? 0.6969 0.3231 0.8112 -0.1092 -0.1010 0.2926  228 HOH A O     
657 O O     . HOH G .  ? 0.4241 0.4116 0.4063 0.2192  0.0251  -0.0973 229 HOH A O     
658 O O     . HOH G .  ? 0.3300 0.1849 0.2399 0.0531  -0.0070 0.0743  230 HOH A O     
659 O O     . HOH G .  ? 0.2097 1.4221 0.3234 -0.1849 -0.1052 -0.0179 231 HOH A O     
660 O O     . HOH G .  ? 0.7294 0.6715 0.2578 0.4607  0.1235  0.0040  232 HOH A O     
661 O O     . HOH G .  ? 2.2288 0.2058 0.6928 0.6192  -0.6324 -0.2654 233 HOH A O     
662 O O     . HOH G .  ? 0.1942 0.2271 0.2314 0.0186  0.0219  0.0513  234 HOH A O     
663 O O     . HOH G .  ? 0.2126 0.1532 0.6832 0.0062  0.1228  0.1758  235 HOH A O     
664 O O     . HOH G .  ? 0.1486 0.2423 0.1428 0.0097  -0.0172 0.0513  236 HOH A O     
665 O O     . HOH G .  ? 0.2791 0.5586 0.2441 0.1692  -0.0453 0.0377  237 HOH A O     
666 O O     . HOH G .  ? 0.5354 0.1972 0.8867 0.0287  0.2809  -0.1404 238 HOH A O     
667 O O     . HOH G .  ? 0.8329 0.4824 0.2605 0.2853  -0.0882 -0.0573 239 HOH A O     
668 O O     . HOH G .  ? 0.5162 0.3806 0.2407 0.0090  0.0107  0.0509  240 HOH A O     
669 O O     . HOH G .  ? 0.3971 0.3840 0.2735 0.1189  -0.0941 0.0000  241 HOH A O     
670 O O     . HOH G .  ? 0.5730 0.2252 0.3850 0.0348  -0.0407 -0.0743 242 HOH A O     
671 O O     . HOH G .  ? 0.1497 0.1662 0.0939 0.0312  -0.0179 -0.0024 243 HOH A O     
672 O O     . HOH G .  ? 0.2108 0.3857 0.5217 0.1243  0.0799  0.1986  244 HOH A O     
673 O O     . HOH G .  ? 0.5272 0.6096 0.2278 -0.2616 0.0483  0.0061  245 HOH A O     
674 O O     . HOH G .  ? 0.2808 0.2709 0.2812 0.0412  -0.0393 0.0733  246 HOH A O     
675 O O     . HOH G .  ? 0.1703 0.3524 0.3927 0.0232  -0.0442 0.1687  247 HOH A O     
676 O O     . HOH G .  ? 0.4310 0.2106 0.8226 -0.0224 -0.2715 -0.1602 248 HOH A O     
677 O O     . HOH G .  ? 0.4542 0.4229 0.2349 0.0712  -0.0218 0.1701  249 HOH A O     
678 O O     . HOH G .  ? 0.1544 0.2330 0.1197 -0.0256 -0.0010 -0.0145 250 HOH A O     
679 O O     . HOH G .  ? 0.5164 0.3554 0.4784 -0.1551 0.0941  -0.0130 251 HOH A O     
680 O O     . HOH G .  ? 0.4074 1.1298 0.2194 -0.4417 0.0328  -0.1067 252 HOH A O     
681 O O     . HOH G .  ? 0.2479 0.2233 0.2055 0.0033  -0.0588 0.0192  253 HOH A O     
682 O O     . HOH G .  ? 0.2345 0.2157 0.1805 0.0078  0.0300  0.0406  254 HOH A O     
683 O O     . HOH G .  ? 0.1636 0.8224 0.7629 -0.0604 -0.0138 -0.2568 255 HOH A O     
684 O O     . HOH G .  ? 0.5181 0.6017 0.1066 0.4109  0.0895  0.0523  256 HOH A O     
685 O O     . HOH G .  ? 0.2839 0.2833 0.2640 0.0793  -0.0212 -0.0336 257 HOH A O     
686 O O     . HOH G .  ? 0.4534 0.6340 0.3039 -0.0808 -0.0425 -0.1765 258 HOH A O     
687 O O     . HOH G .  ? 0.2037 0.3299 0.2092 0.0840  0.0116  0.0362  259 HOH A O     
688 O O     . HOH G .  ? 0.1225 0.1684 0.1331 -0.0188 -0.0171 0.0040  260 HOH A O     
689 O O     . HOH G .  ? 0.4299 0.2553 0.3407 -0.0159 -0.0446 0.0864  261 HOH A O     
690 O O     . HOH G .  ? 0.2748 0.3139 0.2054 0.0049  -0.0071 0.1219  262 HOH A O     
691 O O     . HOH G .  ? 0.3072 0.3745 0.8159 -0.1185 -0.2725 0.0020  263 HOH A O     
692 O O     . HOH G .  ? 0.2707 0.6350 0.4579 -0.0910 -0.0113 0.3251  264 HOH A O     
693 O O     . HOH G .  ? 0.2096 0.2339 0.1737 -0.0188 0.0032  0.0282  265 HOH A O     
694 O O     . HOH G .  ? 0.2549 0.2532 0.1346 -0.0041 -0.0168 0.0770  266 HOH A O     
695 O O     . HOH G .  ? 0.1950 0.1778 0.1516 0.0528  -0.0031 -0.0333 267 HOH A O     
696 O O     . HOH G .  ? 0.1850 0.3477 0.4368 -0.0294 0.0362  -0.0886 268 HOH A O     
697 O O     . HOH G .  ? 0.4206 0.6695 0.3786 0.1341  -0.0111 -0.0924 269 HOH A O     
698 O O     . HOH G .  ? 0.2548 0.1531 0.3212 -0.0101 -0.0126 -0.0044 270 HOH A O     
699 O O     . HOH G .  ? 1.0733 0.2843 0.5877 -0.1525 0.3051  0.1694  271 HOH A O     
700 O O     . HOH G .  ? 0.1378 0.1870 0.1059 0.0221  -0.0247 0.0458  272 HOH A O     
701 O O     . HOH G .  ? 0.3826 0.1765 0.2817 0.0470  -0.0054 0.0935  273 HOH A O     
702 O O     . HOH G .  ? 0.7890 0.4468 0.7975 0.2484  -0.6462 -0.1613 274 HOH A O     
703 O O     . HOH G .  ? 0.4706 0.3994 0.3896 0.2724  -0.1121 0.0167  275 HOH A O     
704 O O     . HOH G .  ? 0.6019 0.2309 0.2352 0.1711  -0.1812 -0.1072 276 HOH A O     
705 O O     . HOH G .  ? 0.3015 0.2398 0.3892 -0.0610 -0.0967 0.1165  277 HOH A O     
706 O O     . HOH G .  ? 0.2756 0.2401 0.3735 -0.0622 -0.1576 0.1220  278 HOH A O     
707 O O     . HOH G .  ? 0.3052 0.6887 0.4757 -0.1965 -0.1688 0.1542  279 HOH A O     
708 O O     . HOH G .  ? 0.5359 0.8188 0.1835 -0.1590 0.0563  -0.1649 280 HOH A O     
709 O O     . HOH G .  ? 0.6560 0.2588 0.6290 -0.0319 0.0015  -0.1214 281 HOH A O     
710 O O     . HOH G .  ? 0.2237 0.5397 0.4688 -0.0143 0.0728  -0.2583 282 HOH A O     
711 O O     . HOH G .  ? 0.3119 0.3811 0.4192 -0.0149 -0.1056 -0.0331 283 HOH A O     
712 O O     . HOH G .  ? 0.8294 0.5426 0.2683 0.1864  0.0777  0.1382  284 HOH A O     
713 O O     . HOH G .  ? 0.1839 0.2236 0.2202 0.0159  0.0005  -0.0404 285 HOH A O     
714 O O     . HOH G .  ? 0.7386 0.2076 0.2074 -0.1094 -0.1555 0.1265  286 HOH A O     
715 O O     . HOH G .  ? 0.3781 0.4985 0.8613 -0.0307 0.3123  -0.0839 287 HOH A O     
716 O O     . HOH G .  ? 0.4010 0.3714 0.2001 0.0647  0.0241  -0.0023 288 HOH A O     
717 O O     . HOH G .  ? 0.3356 0.8018 0.3545 0.0157  -0.0989 -0.2849 289 HOH A O     
718 O O     . HOH G .  ? 0.3816 0.2694 0.3046 0.0040  -0.0455 0.1050  290 HOH A O     
719 O O     . HOH G .  ? 0.7164 0.4022 0.4199 0.3152  -0.4453 -0.1908 291 HOH A O     
720 O O     . HOH G .  ? 0.1064 0.1609 0.1276 0.0147  -0.0004 -0.0201 292 HOH A O     
721 O O     . HOH G .  ? 0.9546 0.2954 0.1316 -0.2028 -0.0217 0.0432  293 HOH A O     
722 O O     . HOH G .  ? 0.1725 0.1675 0.2199 0.0153  -0.0131 -0.0669 294 HOH A O     
723 O O     . HOH G .  ? 0.2855 0.7502 0.3395 -0.0774 0.1509  0.0026  295 HOH A O     
724 O O     . HOH G .  ? 0.3428 0.1340 0.1828 0.0178  0.0305  0.0279  296 HOH A O     
725 O O     . HOH G .  ? 0.5333 0.4206 0.5635 -0.1245 -0.1592 0.0873  297 HOH A O     
726 O O     . HOH G .  ? 0.7533 0.3095 0.3254 0.1948  -0.1471 -0.1080 298 HOH A O     
727 O O     . HOH G .  ? 0.2372 0.6540 0.3688 -0.0183 -0.0298 0.0137  299 HOH A O     
728 O O     . HOH G .  ? 0.1540 0.1339 0.1233 0.0251  -0.0237 0.0495  300 HOH A O     
729 O O     . HOH G .  ? 1.1120 0.4015 0.4732 0.4330  0.3885  0.2013  301 HOH A O     
730 O O     . HOH G .  ? 0.3227 0.7372 0.1668 -0.0672 0.0831  0.0929  302 HOH A O     
731 O O     . HOH G .  ? 0.1366 0.1439 0.1136 -0.0041 -0.0207 0.0303  303 HOH A O     
732 O O     . HOH G .  ? 0.5900 0.3586 0.8989 -0.3038 -0.1938 0.1649  304 HOH A O     
733 O O     . HOH G .  ? 0.2638 0.1516 0.1092 0.0800  -0.0394 0.0031  305 HOH A O     
734 O O     . HOH G .  ? 0.1435 0.1506 0.1680 -0.0007 -0.0295 0.0140  306 HOH A O     
735 O O     . HOH G .  ? 0.8394 0.2564 0.2108 0.2426  -0.1327 0.0368  307 HOH A O     
736 O O     . HOH G .  ? 0.2271 0.4385 0.4176 0.0512  -0.0431 -0.0956 308 HOH A O     
737 O O     . HOH G .  ? 0.7437 0.4753 0.3181 -0.0116 0.1168  -0.1587 309 HOH A O     
738 O O     . HOH G .  ? 0.1912 0.2832 0.3251 0.0410  -0.0897 -0.0863 310 HOH A O     
739 O O     . HOH G .  ? 0.8862 0.6014 0.7940 0.1136  0.1362  0.5563  311 HOH A O     
740 O O     . HOH G .  ? 0.3545 0.4368 0.6776 0.1916  0.1560  0.0141  312 HOH A O     
741 O O     . HOH G .  ? 0.4573 0.4977 0.2899 -0.1518 0.0403  0.0583  313 HOH A O     
742 O O     . HOH G .  ? 0.4215 0.3643 0.4610 0.0745  0.0690  0.2539  314 HOH A O     
743 O O     . HOH G .  ? 0.5215 0.3134 0.5242 0.1298  0.0552  0.0935  315 HOH A O     
744 O O     . HOH G .  ? 0.3510 0.2582 0.2888 0.1111  -0.0650 -0.0395 316 HOH A O     
745 O O     . HOH G .  ? 0.8117 0.4344 0.3528 -0.1779 0.1942  -0.0197 317 HOH A O     
746 O O     . HOH G .  ? 0.3749 0.2434 0.2023 0.0691  0.0288  -0.0317 318 HOH A O     
747 O O     . HOH G .  ? 0.2636 0.6786 0.5580 0.2104  0.1242  0.0404  319 HOH A O     
748 O O     . HOH G .  ? 0.4150 0.3718 0.5161 0.2281  -0.0506 -0.0424 320 HOH A O     
749 O O     . HOH G .  ? 0.2988 0.2991 0.5887 0.0739  0.1965  0.1995  321 HOH A O     
750 O O     . HOH G .  ? 0.7022 0.2719 1.1384 0.1120  -0.2369 0.2335  322 HOH A O     
751 O O     . HOH G .  ? 0.4817 0.7164 0.4484 0.2461  0.1844  0.2940  323 HOH A O     
752 O O     . HOH G .  ? 1.0646 0.3560 0.9112 -0.0242 0.4418  0.2684  324 HOH A O     
753 O O     . HOH G .  ? 0.7799 0.4357 0.3276 0.2936  -0.2860 -0.0927 325 HOH A O     
754 O O     . HOH G .  ? 0.2844 0.2701 0.4141 0.0145  -0.0357 -0.0581 326 HOH A O     
755 O O     . HOH G .  ? 0.3828 0.4225 0.4831 -0.1742 -0.0457 0.1677  327 HOH A O     
756 O O     . HOH G .  ? 0.4512 0.3673 0.3024 0.0298  -0.0284 -0.0246 328 HOH A O     
757 O O     . HOH G .  ? 0.3286 0.2831 0.2826 -0.0721 -0.0160 0.0239  329 HOH A O     
758 O O     . HOH G .  ? 0.3173 0.2374 0.3045 0.1327  -0.0390 0.1015  330 HOH A O     
759 O O     . HOH G .  ? 0.3215 0.1578 0.5031 -0.0181 -0.1498 0.1362  331 HOH A O     
760 O O     . HOH G .  ? 0.4195 0.8410 0.3928 -0.0166 0.1580  -0.1671 332 HOH A O     
761 O O     . HOH G .  ? 0.3334 0.5514 0.5056 0.0592  0.1250  -0.0169 333 HOH A O     
762 O O     . HOH G .  ? 0.6017 0.2126 0.9593 0.0362  -0.0325 0.1673  334 HOH A O     
763 O O     . HOH G .  ? 0.1264 0.2404 0.5519 -0.0065 -0.0541 -0.2041 335 HOH A O     
764 O O     . HOH G .  ? 0.4818 0.6423 0.4966 -0.0158 0.0433  -0.0061 336 HOH A O     
765 O O     . HOH G .  ? 0.4826 0.5587 0.6672 0.1275  0.0261  -0.1371 337 HOH A O     
766 O O     . HOH G .  ? 0.6417 0.3038 0.2730 0.1111  -0.0198 -0.0536 338 HOH A O     
767 O O     . HOH G .  ? 0.3332 0.4417 0.3733 0.0153  0.0926  -0.0558 339 HOH A O     
768 O O     . HOH G .  ? 0.5161 0.4708 0.7229 -0.2499 -0.3371 0.0762  340 HOH A O     
769 O O     . HOH G .  ? 0.5800 0.8756 0.1985 -0.2399 -0.0407 -0.0169 341 HOH A O     
770 O O     . HOH G .  ? 0.7764 0.2880 0.4229 -0.0800 -0.2065 0.1561  342 HOH A O     
771 O O     . HOH G .  ? 0.7845 0.2458 0.3483 0.1199  -0.2477 0.0822  343 HOH A O     
772 O O     . HOH G .  ? 0.4151 0.5112 0.4854 -0.1808 -0.0290 0.2556  344 HOH A O     
773 O O     . HOH G .  ? 0.3284 0.6930 0.3045 0.0720  0.0881  0.1220  345 HOH A O     
774 O O     . HOH G .  ? 0.2753 0.4135 0.8959 -0.1079 -0.2743 0.2779  346 HOH A O     
775 O O     . HOH G .  ? 1.4733 1.1438 1.2690 -0.1669 -0.4542 -0.3474 347 HOH A O     
776 O O     . HOH G .  ? 0.4859 0.2972 0.5957 -0.0515 -0.0323 0.0118  348 HOH A O     
777 O O     . HOH G .  ? 0.7933 0.2811 0.7982 0.1207  0.1606  0.3699  349 HOH A O     
778 O O     . HOH G .  ? 0.7258 0.5169 0.6058 -0.0214 0.3508  -0.0232 350 HOH A O     
779 O O     . HOH G .  ? 0.3308 0.5667 0.6337 0.1152  0.1256  0.3738  351 HOH A O     
780 O O     . HOH G .  ? 0.4607 0.2566 0.3668 0.1215  -0.1875 -0.0735 352 HOH A O     
781 O O     . HOH G .  ? 0.6987 0.2954 0.7879 0.1049  -0.1084 0.2893  353 HOH A O     
782 O O     . HOH G .  ? 0.8017 0.5675 0.5429 0.1035  -0.0804 -0.1419 354 HOH A O     
783 O O     . HOH G .  ? 0.5703 1.2642 0.2854 -0.0989 -0.1045 -0.0014 355 HOH A O     
784 O O     . HOH G .  ? 0.7619 0.3457 0.9395 -0.2281 0.1323  0.0634  356 HOH A O     
785 O O     . HOH G .  ? 1.0030 0.3075 0.2132 0.2834  -0.0566 0.0337  357 HOH A O     
786 O O     . HOH G .  ? 0.6748 0.3861 0.3535 0.0923  0.1139  0.1796  358 HOH A O     
# 
loop_
_pdbx_poly_seq_scheme.asym_id 
_pdbx_poly_seq_scheme.entity_id 
_pdbx_poly_seq_scheme.seq_id 
_pdbx_poly_seq_scheme.mon_id 
_pdbx_poly_seq_scheme.ndb_seq_num 
_pdbx_poly_seq_scheme.pdb_seq_num 
_pdbx_poly_seq_scheme.auth_seq_num 
_pdbx_poly_seq_scheme.pdb_mon_id 
_pdbx_poly_seq_scheme.auth_mon_id 
_pdbx_poly_seq_scheme.pdb_strand_id 
_pdbx_poly_seq_scheme.pdb_ins_code 
_pdbx_poly_seq_scheme.hetero 
A 1 1  DG 1  1  1  DG DG A . n 
A 1 2  DG 2  2  2  DG DG A . n 
A 1 3  DT 3  3  3  DT DT A . n 
A 1 4  DG 4  4  4  DG DG A . n 
A 1 5  DT 5  5  5  DT DT A . n 
A 1 6  DG 6  6  6  DG DG A . n 
A 1 7  DT 7  7  7  DT DT A . n 
A 1 8  DG 8  8  8  DG DG A . n 
A 1 9  DG 9  9  9  DG DG A . n 
A 1 10 DT 10 10 10 DT DT A . n 
A 1 11 DG 11 11 11 DG DG A . n 
A 1 12 DG 12 12 12 DG DG A . n 
A 1 13 DT 13 13 13 DT DT A . n 
A 1 14 DG 14 14 14 DG DG A . n 
A 1 15 DT 15 15 15 DT DT A . n 
A 1 16 DG 16 16 16 DG DG A . n 
A 1 17 DG 17 17 17 DG DG A . n 
A 1 18 DT 18 18 18 DT DT A . n 
A 1 19 DG 19 19 19 DG DG A . n 
A 1 20 DG 20 20 20 DG DG A . n 
A 1 21 DT 21 21 21 DT DT A . n 
A 1 22 DG 22 22 22 DG DG A . n 
A 1 23 DG 23 23 23 DG DG A . n 
A 1 24 DT 24 24 24 DT DT A . n 
A 1 25 DG 25 25 25 DG DG A . n 
A 1 26 DT 26 26 26 DT DT A . n 
A 1 27 DT 27 27 27 DT DT A . n 
# 
loop_
_pdbx_nonpoly_scheme.asym_id 
_pdbx_nonpoly_scheme.entity_id 
_pdbx_nonpoly_scheme.mon_id 
_pdbx_nonpoly_scheme.ndb_seq_num 
_pdbx_nonpoly_scheme.pdb_seq_num 
_pdbx_nonpoly_scheme.auth_seq_num 
_pdbx_nonpoly_scheme.pdb_mon_id 
_pdbx_nonpoly_scheme.auth_mon_id 
_pdbx_nonpoly_scheme.pdb_strand_id 
_pdbx_nonpoly_scheme.pdb_ins_code 
B 2 SPM 1   101 1   SPM SPM A . 
C 2 SPM 1   102 2   SPM SPM A . 
D 3 K   1   103 1   K   K   A . 
E 3 K   1   104 2   K   K   A . 
F 3 K   1   105 3   K   K   A . 
G 4 HOH 1   201 174 HOH HOH A . 
G 4 HOH 2   202 162 HOH HOH A . 
G 4 HOH 3   203 231 HOH HOH A . 
G 4 HOH 4   204 84  HOH HOH A . 
G 4 HOH 5   205 122 HOH HOH A . 
G 4 HOH 6   206 23  HOH HOH A . 
G 4 HOH 7   207 188 HOH HOH A . 
G 4 HOH 8   208 138 HOH HOH A . 
G 4 HOH 9   209 63  HOH HOH A . 
G 4 HOH 10  210 144 HOH HOH A . 
G 4 HOH 11  211 136 HOH HOH A . 
G 4 HOH 12  212 28  HOH HOH A . 
G 4 HOH 13  213 154 HOH HOH A . 
G 4 HOH 14  214 38  HOH HOH A . 
G 4 HOH 15  215 9   HOH HOH A . 
G 4 HOH 16  216 24  HOH HOH A . 
G 4 HOH 17  217 236 HOH HOH A . 
G 4 HOH 18  218 147 HOH HOH A . 
G 4 HOH 19  219 11  HOH HOH A . 
G 4 HOH 20  220 19  HOH HOH A . 
G 4 HOH 21  221 211 HOH HOH A . 
G 4 HOH 22  222 80  HOH HOH A . 
G 4 HOH 23  223 106 HOH HOH A . 
G 4 HOH 24  224 170 HOH HOH A . 
G 4 HOH 25  225 130 HOH HOH A . 
G 4 HOH 26  226 143 HOH HOH A . 
G 4 HOH 27  227 163 HOH HOH A . 
G 4 HOH 28  228 184 HOH HOH A . 
G 4 HOH 29  229 192 HOH HOH A . 
G 4 HOH 30  230 127 HOH HOH A . 
G 4 HOH 31  231 107 HOH HOH A . 
G 4 HOH 32  232 104 HOH HOH A . 
G 4 HOH 33  233 62  HOH HOH A . 
G 4 HOH 34  234 16  HOH HOH A . 
G 4 HOH 35  235 171 HOH HOH A . 
G 4 HOH 36  236 14  HOH HOH A . 
G 4 HOH 37  237 139 HOH HOH A . 
G 4 HOH 38  238 94  HOH HOH A . 
G 4 HOH 39  239 146 HOH HOH A . 
G 4 HOH 40  240 193 HOH HOH A . 
G 4 HOH 41  241 35  HOH HOH A . 
G 4 HOH 42  242 156 HOH HOH A . 
G 4 HOH 43  243 198 HOH HOH A . 
G 4 HOH 44  244 114 HOH HOH A . 
G 4 HOH 45  245 133 HOH HOH A . 
G 4 HOH 46  246 155 HOH HOH A . 
G 4 HOH 47  247 50  HOH HOH A . 
G 4 HOH 48  248 169 HOH HOH A . 
G 4 HOH 49  249 44  HOH HOH A . 
G 4 HOH 50  250 5   HOH HOH A . 
G 4 HOH 51  251 161 HOH HOH A . 
G 4 HOH 52  252 151 HOH HOH A . 
G 4 HOH 53  253 34  HOH HOH A . 
G 4 HOH 54  254 26  HOH HOH A . 
G 4 HOH 55  255 67  HOH HOH A . 
G 4 HOH 56  256 30  HOH HOH A . 
G 4 HOH 57  257 42  HOH HOH A . 
G 4 HOH 58  258 166 HOH HOH A . 
G 4 HOH 59  259 17  HOH HOH A . 
G 4 HOH 60  260 1   HOH HOH A . 
G 4 HOH 61  261 73  HOH HOH A . 
G 4 HOH 62  262 140 HOH HOH A . 
G 4 HOH 63  263 74  HOH HOH A . 
G 4 HOH 64  264 92  HOH HOH A . 
G 4 HOH 65  265 32  HOH HOH A . 
G 4 HOH 66  266 145 HOH HOH A . 
G 4 HOH 67  267 12  HOH HOH A . 
G 4 HOH 68  268 52  HOH HOH A . 
G 4 HOH 69  269 232 HOH HOH A . 
G 4 HOH 70  270 189 HOH HOH A . 
G 4 HOH 71  271 176 HOH HOH A . 
G 4 HOH 72  272 7   HOH HOH A . 
G 4 HOH 73  273 152 HOH HOH A . 
G 4 HOH 74  274 58  HOH HOH A . 
G 4 HOH 75  275 110 HOH HOH A . 
G 4 HOH 76  276 81  HOH HOH A . 
G 4 HOH 77  277 137 HOH HOH A . 
G 4 HOH 78  278 51  HOH HOH A . 
G 4 HOH 79  279 85  HOH HOH A . 
G 4 HOH 80  280 178 HOH HOH A . 
G 4 HOH 81  281 238 HOH HOH A . 
G 4 HOH 82  282 69  HOH HOH A . 
G 4 HOH 83  283 49  HOH HOH A . 
G 4 HOH 84  284 36  HOH HOH A . 
G 4 HOH 85  285 29  HOH HOH A . 
G 4 HOH 86  286 66  HOH HOH A . 
G 4 HOH 87  287 218 HOH HOH A . 
G 4 HOH 88  288 88  HOH HOH A . 
G 4 HOH 89  289 132 HOH HOH A . 
G 4 HOH 90  290 57  HOH HOH A . 
G 4 HOH 91  291 186 HOH HOH A . 
G 4 HOH 92  292 6   HOH HOH A . 
G 4 HOH 93  293 55  HOH HOH A . 
G 4 HOH 94  294 196 HOH HOH A . 
G 4 HOH 95  295 221 HOH HOH A . 
G 4 HOH 96  296 22  HOH HOH A . 
G 4 HOH 97  297 123 HOH HOH A . 
G 4 HOH 98  298 149 HOH HOH A . 
G 4 HOH 99  299 45  HOH HOH A . 
G 4 HOH 100 300 8   HOH HOH A . 
G 4 HOH 101 301 148 HOH HOH A . 
G 4 HOH 102 302 70  HOH HOH A . 
G 4 HOH 103 303 4   HOH HOH A . 
G 4 HOH 104 304 93  HOH HOH A . 
G 4 HOH 105 305 197 HOH HOH A . 
G 4 HOH 106 306 157 HOH HOH A . 
G 4 HOH 107 307 27  HOH HOH A . 
G 4 HOH 108 308 59  HOH HOH A . 
G 4 HOH 109 309 91  HOH HOH A . 
G 4 HOH 110 310 142 HOH HOH A . 
G 4 HOH 111 311 97  HOH HOH A . 
G 4 HOH 112 312 112 HOH HOH A . 
G 4 HOH 113 313 75  HOH HOH A . 
G 4 HOH 114 314 190 HOH HOH A . 
G 4 HOH 115 315 222 HOH HOH A . 
G 4 HOH 116 316 33  HOH HOH A . 
G 4 HOH 117 317 167 HOH HOH A . 
G 4 HOH 118 318 31  HOH HOH A . 
G 4 HOH 119 319 150 HOH HOH A . 
G 4 HOH 120 320 120 HOH HOH A . 
G 4 HOH 121 321 90  HOH HOH A . 
G 4 HOH 122 322 95  HOH HOH A . 
G 4 HOH 123 323 134 HOH HOH A . 
G 4 HOH 124 324 177 HOH HOH A . 
G 4 HOH 125 325 125 HOH HOH A . 
G 4 HOH 126 326 43  HOH HOH A . 
G 4 HOH 127 327 129 HOH HOH A . 
G 4 HOH 128 328 115 HOH HOH A . 
G 4 HOH 129 329 77  HOH HOH A . 
G 4 HOH 130 330 40  HOH HOH A . 
G 4 HOH 131 331 181 HOH HOH A . 
G 4 HOH 132 332 54  HOH HOH A . 
G 4 HOH 133 333 99  HOH HOH A . 
G 4 HOH 134 334 102 HOH HOH A . 
G 4 HOH 135 335 20  HOH HOH A . 
G 4 HOH 136 336 98  HOH HOH A . 
G 4 HOH 137 337 234 HOH HOH A . 
G 4 HOH 138 338 187 HOH HOH A . 
G 4 HOH 139 339 65  HOH HOH A . 
G 4 HOH 140 340 119 HOH HOH A . 
G 4 HOH 141 341 82  HOH HOH A . 
G 4 HOH 142 342 105 HOH HOH A . 
G 4 HOH 143 343 101 HOH HOH A . 
G 4 HOH 144 344 219 HOH HOH A . 
G 4 HOH 145 345 158 HOH HOH A . 
G 4 HOH 146 346 15  HOH HOH A . 
G 4 HOH 147 347 214 HOH HOH A . 
G 4 HOH 148 348 237 HOH HOH A . 
G 4 HOH 149 349 201 HOH HOH A . 
G 4 HOH 150 350 216 HOH HOH A . 
G 4 HOH 151 351 153 HOH HOH A . 
G 4 HOH 152 352 71  HOH HOH A . 
G 4 HOH 153 353 233 HOH HOH A . 
G 4 HOH 154 354 228 HOH HOH A . 
G 4 HOH 155 355 128 HOH HOH A . 
G 4 HOH 156 356 185 HOH HOH A . 
G 4 HOH 157 357 25  HOH HOH A . 
G 4 HOH 158 358 78  HOH HOH A . 
# 
_pdbx_struct_assembly.id                   1 
_pdbx_struct_assembly.details              author_defined_assembly 
_pdbx_struct_assembly.method_details       ? 
_pdbx_struct_assembly.oligomeric_details   monomeric 
_pdbx_struct_assembly.oligomeric_count     1 
# 
_pdbx_struct_assembly_gen.assembly_id       1 
_pdbx_struct_assembly_gen.oper_expression   1 
_pdbx_struct_assembly_gen.asym_id_list      A,B,C,D,E,F,G 
# 
loop_
_pdbx_struct_assembly_prop.biol_id 
_pdbx_struct_assembly_prop.type 
_pdbx_struct_assembly_prop.value 
_pdbx_struct_assembly_prop.details 
1 'ABSA (A^2)' 1320 ? 
1 MORE         1    ? 
1 'SSA (A^2)'  4250 ? 
# 
_pdbx_struct_oper_list.id                   1 
_pdbx_struct_oper_list.type                 'identity operation' 
_pdbx_struct_oper_list.name                 1_555 
_pdbx_struct_oper_list.symmetry_operation   x,y,z 
_pdbx_struct_oper_list.matrix[1][1]         1.0000000000 
_pdbx_struct_oper_list.matrix[1][2]         0.0000000000 
_pdbx_struct_oper_list.matrix[1][3]         0.0000000000 
_pdbx_struct_oper_list.vector[1]            0.0000000000 
_pdbx_struct_oper_list.matrix[2][1]         0.0000000000 
_pdbx_struct_oper_list.matrix[2][2]         1.0000000000 
_pdbx_struct_oper_list.matrix[2][3]         0.0000000000 
_pdbx_struct_oper_list.vector[2]            0.0000000000 
_pdbx_struct_oper_list.matrix[3][1]         0.0000000000 
_pdbx_struct_oper_list.matrix[3][2]         0.0000000000 
_pdbx_struct_oper_list.matrix[3][3]         1.0000000000 
_pdbx_struct_oper_list.vector[3]            0.0000000000 
# 
loop_
_pdbx_struct_conn_angle.id 
_pdbx_struct_conn_angle.ptnr1_label_atom_id 
_pdbx_struct_conn_angle.ptnr1_label_alt_id 
_pdbx_struct_conn_angle.ptnr1_label_asym_id 
_pdbx_struct_conn_angle.ptnr1_label_comp_id 
_pdbx_struct_conn_angle.ptnr1_label_seq_id 
_pdbx_struct_conn_angle.ptnr1_auth_atom_id 
_pdbx_struct_conn_angle.ptnr1_auth_asym_id 
_pdbx_struct_conn_angle.ptnr1_auth_comp_id 
_pdbx_struct_conn_angle.ptnr1_auth_seq_id 
_pdbx_struct_conn_angle.ptnr1_PDB_ins_code 
_pdbx_struct_conn_angle.ptnr1_symmetry 
_pdbx_struct_conn_angle.ptnr2_label_atom_id 
_pdbx_struct_conn_angle.ptnr2_label_alt_id 
_pdbx_struct_conn_angle.ptnr2_label_asym_id 
_pdbx_struct_conn_angle.ptnr2_label_comp_id 
_pdbx_struct_conn_angle.ptnr2_label_seq_id 
_pdbx_struct_conn_angle.ptnr2_auth_atom_id 
_pdbx_struct_conn_angle.ptnr2_auth_asym_id 
_pdbx_struct_conn_angle.ptnr2_auth_comp_id 
_pdbx_struct_conn_angle.ptnr2_auth_seq_id 
_pdbx_struct_conn_angle.ptnr2_PDB_ins_code 
_pdbx_struct_conn_angle.ptnr2_symmetry 
_pdbx_struct_conn_angle.ptnr3_label_atom_id 
_pdbx_struct_conn_angle.ptnr3_label_alt_id 
_pdbx_struct_conn_angle.ptnr3_label_asym_id 
_pdbx_struct_conn_angle.ptnr3_label_comp_id 
_pdbx_struct_conn_angle.ptnr3_label_seq_id 
_pdbx_struct_conn_angle.ptnr3_auth_atom_id 
_pdbx_struct_conn_angle.ptnr3_auth_asym_id 
_pdbx_struct_conn_angle.ptnr3_auth_comp_id 
_pdbx_struct_conn_angle.ptnr3_auth_seq_id 
_pdbx_struct_conn_angle.ptnr3_PDB_ins_code 
_pdbx_struct_conn_angle.ptnr3_symmetry 
_pdbx_struct_conn_angle.value 
_pdbx_struct_conn_angle.value_esd 
1  O6 ? A DG 1  ? A DG 1  ? 1_555 K ? F K . ? A K 105 ? 1_555 O6 ? A DG 2  ? A DG 2  ? 1_555 80.4  ? 
2  O6 ? A DG 1  ? A DG 1  ? 1_555 K ? F K . ? A K 105 ? 1_555 O6 ? A DG 4  ? A DG 4  ? 1_555 74.3  ? 
3  O6 ? A DG 2  ? A DG 2  ? 1_555 K ? F K . ? A K 105 ? 1_555 O6 ? A DG 4  ? A DG 4  ? 1_555 87.0  ? 
4  O6 ? A DG 1  ? A DG 1  ? 1_555 K ? F K . ? A K 105 ? 1_555 O6 ? A DG 6  ? A DG 6  ? 1_555 135.4 ? 
5  O6 ? A DG 2  ? A DG 2  ? 1_555 K ? F K . ? A K 105 ? 1_555 O6 ? A DG 6  ? A DG 6  ? 1_555 67.3  ? 
6  O6 ? A DG 4  ? A DG 4  ? 1_555 K ? F K . ? A K 105 ? 1_555 O6 ? A DG 6  ? A DG 6  ? 1_555 74.0  ? 
7  O6 ? A DG 1  ? A DG 1  ? 1_555 K ? F K . ? A K 105 ? 1_555 O6 ? A DG 8  ? A DG 8  ? 1_555 111.5 ? 
8  O6 ? A DG 2  ? A DG 2  ? 1_555 K ? F K . ? A K 105 ? 1_555 O6 ? A DG 8  ? A DG 8  ? 1_555 152.0 ? 
9  O6 ? A DG 4  ? A DG 4  ? 1_555 K ? F K . ? A K 105 ? 1_555 O6 ? A DG 8  ? A DG 8  ? 1_555 73.1  ? 
10 O6 ? A DG 6  ? A DG 6  ? 1_555 K ? F K . ? A K 105 ? 1_555 O6 ? A DG 8  ? A DG 8  ? 1_555 88.1  ? 
11 O6 ? A DG 1  ? A DG 1  ? 1_555 K ? F K . ? A K 105 ? 1_555 O6 ? A DG 9  ? A DG 9  ? 1_555 155.9 ? 
12 O6 ? A DG 2  ? A DG 2  ? 1_555 K ? F K . ? A K 105 ? 1_555 O6 ? A DG 9  ? A DG 9  ? 1_555 102.1 ? 
13 O6 ? A DG 4  ? A DG 4  ? 1_555 K ? F K . ? A K 105 ? 1_555 O6 ? A DG 9  ? A DG 9  ? 1_555 129.5 ? 
14 O6 ? A DG 6  ? A DG 6  ? 1_555 K ? F K . ? A K 105 ? 1_555 O6 ? A DG 9  ? A DG 9  ? 1_555 64.8  ? 
15 O6 ? A DG 8  ? A DG 8  ? 1_555 K ? F K . ? A K 105 ? 1_555 O6 ? A DG 9  ? A DG 9  ? 1_555 77.4  ? 
16 O6 ? A DG 1  ? A DG 1  ? 1_555 K ? F K . ? A K 105 ? 1_555 O6 ? A DG 11 ? A DG 11 ? 1_555 70.9  ? 
17 O6 ? A DG 2  ? A DG 2  ? 1_555 K ? F K . ? A K 105 ? 1_555 O6 ? A DG 11 ? A DG 11 ? 1_555 133.4 ? 
18 O6 ? A DG 4  ? A DG 4  ? 1_555 K ? F K . ? A K 105 ? 1_555 O6 ? A DG 11 ? A DG 11 ? 1_555 117.9 ? 
19 O6 ? A DG 6  ? A DG 6  ? 1_555 K ? F K . ? A K 105 ? 1_555 O6 ? A DG 11 ? A DG 11 ? 1_555 153.3 ? 
20 O6 ? A DG 8  ? A DG 8  ? 1_555 K ? F K . ? A K 105 ? 1_555 O6 ? A DG 11 ? A DG 11 ? 1_555 74.3  ? 
21 O6 ? A DG 9  ? A DG 9  ? 1_555 K ? F K . ? A K 105 ? 1_555 O6 ? A DG 11 ? A DG 11 ? 1_555 91.4  ? 
22 O6 ? A DG 1  ? A DG 1  ? 1_555 K ? F K . ? A K 105 ? 1_555 O6 ? A DG 12 ? A DG 12 ? 1_555 92.2  ? 
23 O6 ? A DG 2  ? A DG 2  ? 1_555 K ? F K . ? A K 105 ? 1_555 O6 ? A DG 12 ? A DG 12 ? 1_555 68.2  ? 
24 O6 ? A DG 4  ? A DG 4  ? 1_555 K ? F K . ? A K 105 ? 1_555 O6 ? A DG 12 ? A DG 12 ? 1_555 153.5 ? 
25 O6 ? A DG 6  ? A DG 6  ? 1_555 K ? F K . ? A K 105 ? 1_555 O6 ? A DG 12 ? A DG 12 ? 1_555 102.8 ? 
26 O6 ? A DG 8  ? A DG 8  ? 1_555 K ? F K . ? A K 105 ? 1_555 O6 ? A DG 12 ? A DG 12 ? 1_555 133.3 ? 
27 O6 ? A DG 9  ? A DG 9  ? 1_555 K ? F K . ? A K 105 ? 1_555 O6 ? A DG 12 ? A DG 12 ? 1_555 67.4  ? 
28 O6 ? A DG 11 ? A DG 11 ? 1_555 K ? F K . ? A K 105 ? 1_555 O6 ? A DG 12 ? A DG 12 ? 1_555 76.9  ? 
29 O6 ? A DG 2  ? A DG 2  ? 1_555 K ? E K . ? A K 104 ? 1_555 O6 ? A DG 6  ? A DG 6  ? 1_555 68.2  ? 
30 O6 ? A DG 2  ? A DG 2  ? 1_555 K ? E K . ? A K 104 ? 1_555 O6 ? A DG 9  ? A DG 9  ? 1_555 104.1 ? 
31 O6 ? A DG 6  ? A DG 6  ? 1_555 K ? E K . ? A K 104 ? 1_555 O6 ? A DG 9  ? A DG 9  ? 1_555 66.8  ? 
32 O6 ? A DG 2  ? A DG 2  ? 1_555 K ? E K . ? A K 104 ? 1_555 O6 ? A DG 12 ? A DG 12 ? 1_555 68.3  ? 
33 O6 ? A DG 6  ? A DG 6  ? 1_555 K ? E K . ? A K 104 ? 1_555 O6 ? A DG 12 ? A DG 12 ? 1_555 105.0 ? 
34 O6 ? A DG 9  ? A DG 9  ? 1_555 K ? E K . ? A K 104 ? 1_555 O6 ? A DG 12 ? A DG 12 ? 1_555 68.7  ? 
35 O6 ? A DG 2  ? A DG 2  ? 1_555 K ? E K . ? A K 104 ? 1_555 O6 ? A DG 14 ? A DG 14 ? 1_555 89.7  ? 
36 O6 ? A DG 6  ? A DG 6  ? 1_555 K ? E K . ? A K 104 ? 1_555 O6 ? A DG 14 ? A DG 14 ? 1_555 152.6 ? 
37 O6 ? A DG 9  ? A DG 9  ? 1_555 K ? E K . ? A K 104 ? 1_555 O6 ? A DG 14 ? A DG 14 ? 1_555 137.2 ? 
38 O6 ? A DG 12 ? A DG 12 ? 1_555 K ? E K . ? A K 104 ? 1_555 O6 ? A DG 14 ? A DG 14 ? 1_555 79.8  ? 
39 O6 ? A DG 2  ? A DG 2  ? 1_555 K ? E K . ? A K 104 ? 1_555 O6 ? A DG 17 ? A DG 17 ? 1_555 151.4 ? 
40 O6 ? A DG 6  ? A DG 6  ? 1_555 K ? E K . ? A K 104 ? 1_555 O6 ? A DG 17 ? A DG 17 ? 1_555 138.1 ? 
41 O6 ? A DG 9  ? A DG 9  ? 1_555 K ? E K . ? A K 104 ? 1_555 O6 ? A DG 17 ? A DG 17 ? 1_555 83.6  ? 
42 O6 ? A DG 12 ? A DG 12 ? 1_555 K ? E K . ? A K 104 ? 1_555 O6 ? A DG 17 ? A DG 17 ? 1_555 89.9  ? 
43 O6 ? A DG 14 ? A DG 14 ? 1_555 K ? E K . ? A K 104 ? 1_555 O6 ? A DG 17 ? A DG 17 ? 1_555 67.7  ? 
44 O6 ? A DG 2  ? A DG 2  ? 1_555 K ? E K . ? A K 104 ? 1_555 O6 ? A DG 20 ? A DG 20 ? 1_555 138.8 ? 
45 O6 ? A DG 6  ? A DG 6  ? 1_555 K ? E K . ? A K 104 ? 1_555 O6 ? A DG 20 ? A DG 20 ? 1_555 84.7  ? 
46 O6 ? A DG 9  ? A DG 9  ? 1_555 K ? E K . ? A K 104 ? 1_555 O6 ? A DG 20 ? A DG 20 ? 1_555 92.0  ? 
47 O6 ? A DG 12 ? A DG 12 ? 1_555 K ? E K . ? A K 104 ? 1_555 O6 ? A DG 20 ? A DG 20 ? 1_555 151.7 ? 
48 O6 ? A DG 14 ? A DG 14 ? 1_555 K ? E K . ? A K 104 ? 1_555 O6 ? A DG 20 ? A DG 20 ? 1_555 103.9 ? 
49 O6 ? A DG 17 ? A DG 17 ? 1_555 K ? E K . ? A K 104 ? 1_555 O6 ? A DG 20 ? A DG 20 ? 1_555 66.7  ? 
50 O6 ? A DG 2  ? A DG 2  ? 1_555 K ? E K . ? A K 104 ? 1_555 O6 ? A DG 23 ? A DG 23 ? 1_555 82.0  ? 
51 O6 ? A DG 6  ? A DG 6  ? 1_555 K ? E K . ? A K 104 ? 1_555 O6 ? A DG 23 ? A DG 23 ? 1_555 92.5  ? 
52 O6 ? A DG 9  ? A DG 9  ? 1_555 K ? E K . ? A K 104 ? 1_555 O6 ? A DG 23 ? A DG 23 ? 1_555 153.2 ? 
53 O6 ? A DG 12 ? A DG 12 ? 1_555 K ? E K . ? A K 104 ? 1_555 O6 ? A DG 23 ? A DG 23 ? 1_555 135.9 ? 
54 O6 ? A DG 14 ? A DG 14 ? 1_555 K ? E K . ? A K 104 ? 1_555 O6 ? A DG 23 ? A DG 23 ? 1_555 67.7  ? 
55 O6 ? A DG 17 ? A DG 17 ? 1_555 K ? E K . ? A K 104 ? 1_555 O6 ? A DG 23 ? A DG 23 ? 1_555 103.6 ? 
56 O6 ? A DG 20 ? A DG 20 ? 1_555 K ? E K . ? A K 104 ? 1_555 O6 ? A DG 23 ? A DG 23 ? 1_555 68.3  ? 
57 O6 ? A DG 14 ? A DG 14 ? 1_555 K ? D K . ? A K 103 ? 1_555 O6 ? A DG 16 ? A DG 16 ? 1_555 95.6  ? 
58 O6 ? A DG 14 ? A DG 14 ? 1_555 K ? D K . ? A K 103 ? 1_555 O6 ? A DG 17 ? A DG 17 ? 1_555 68.5  ? 
59 O6 ? A DG 16 ? A DG 16 ? 1_555 K ? D K . ? A K 103 ? 1_555 O6 ? A DG 17 ? A DG 17 ? 1_555 80.5  ? 
60 O6 ? A DG 14 ? A DG 14 ? 1_555 K ? D K . ? A K 103 ? 1_555 O6 ? A DG 19 ? A DG 19 ? 1_555 157.9 ? 
61 O6 ? A DG 16 ? A DG 16 ? 1_555 K ? D K . ? A K 103 ? 1_555 O6 ? A DG 19 ? A DG 19 ? 1_555 71.3  ? 
62 O6 ? A DG 17 ? A DG 17 ? 1_555 K ? D K . ? A K 103 ? 1_555 O6 ? A DG 19 ? A DG 19 ? 1_555 91.4  ? 
63 O6 ? A DG 14 ? A DG 14 ? 1_555 K ? D K . ? A K 103 ? 1_555 O6 ? A DG 20 ? A DG 20 ? 1_555 100.2 ? 
64 O6 ? A DG 16 ? A DG 16 ? 1_555 K ? D K . ? A K 103 ? 1_555 O6 ? A DG 20 ? A DG 20 ? 1_555 133.9 ? 
65 O6 ? A DG 17 ? A DG 17 ? 1_555 K ? D K . ? A K 103 ? 1_555 O6 ? A DG 20 ? A DG 20 ? 1_555 66.0  ? 
66 O6 ? A DG 19 ? A DG 19 ? 1_555 K ? D K . ? A K 103 ? 1_555 O6 ? A DG 20 ? A DG 20 ? 1_555 78.5  ? 
67 O6 ? A DG 14 ? A DG 14 ? 1_555 K ? D K . ? A K 103 ? 1_555 O6 ? A DG 22 ? A DG 22 ? 1_555 129.8 ? 
68 O6 ? A DG 16 ? A DG 16 ? 1_555 K ? D K . ? A K 103 ? 1_555 O6 ? A DG 22 ? A DG 22 ? 1_555 109.7 ? 
69 O6 ? A DG 17 ? A DG 17 ? 1_555 K ? D K . ? A K 103 ? 1_555 O6 ? A DG 22 ? A DG 22 ? 1_555 155.6 ? 
70 O6 ? A DG 19 ? A DG 19 ? 1_555 K ? D K . ? A K 103 ? 1_555 O6 ? A DG 22 ? A DG 22 ? 1_555 72.2  ? 
71 O6 ? A DG 20 ? A DG 20 ? 1_555 K ? D K . ? A K 103 ? 1_555 O6 ? A DG 22 ? A DG 22 ? 1_555 92.5  ? 
72 O6 ? A DG 14 ? A DG 14 ? 1_555 K ? D K . ? A K 103 ? 1_555 O6 ? A DG 23 ? A DG 23 ? 1_555 66.0  ? 
73 O6 ? A DG 16 ? A DG 16 ? 1_555 K ? D K . ? A K 103 ? 1_555 O6 ? A DG 23 ? A DG 23 ? 1_555 157.5 ? 
74 O6 ? A DG 17 ? A DG 17 ? 1_555 K ? D K . ? A K 103 ? 1_555 O6 ? A DG 23 ? A DG 23 ? 1_555 102.8 ? 
75 O6 ? A DG 19 ? A DG 19 ? 1_555 K ? D K . ? A K 103 ? 1_555 O6 ? A DG 23 ? A DG 23 ? 1_555 130.2 ? 
76 O6 ? A DG 20 ? A DG 20 ? 1_555 K ? D K . ? A K 103 ? 1_555 O6 ? A DG 23 ? A DG 23 ? 1_555 65.2  ? 
77 O6 ? A DG 22 ? A DG 22 ? 1_555 K ? D K . ? A K 103 ? 1_555 O6 ? A DG 23 ? A DG 23 ? 1_555 76.4  ? 
78 O6 ? A DG 14 ? A DG 14 ? 1_555 K ? D K . ? A K 103 ? 1_555 O6 ? A DG 25 ? A DG 25 ? 1_555 74.8  ? 
79 O6 ? A DG 16 ? A DG 16 ? 1_555 K ? D K . ? A K 103 ? 1_555 O6 ? A DG 25 ? A DG 25 ? 1_555 71.3  ? 
80 O6 ? A DG 17 ? A DG 17 ? 1_555 K ? D K . ? A K 103 ? 1_555 O6 ? A DG 25 ? A DG 25 ? 1_555 130.7 ? 
81 O6 ? A DG 19 ? A DG 19 ? 1_555 K ? D K . ? A K 103 ? 1_555 O6 ? A DG 25 ? A DG 25 ? 1_555 115.4 ? 
82 O6 ? A DG 20 ? A DG 20 ? 1_555 K ? D K . ? A K 103 ? 1_555 O6 ? A DG 25 ? A DG 25 ? 1_555 154.7 ? 
83 O6 ? A DG 22 ? A DG 22 ? 1_555 K ? D K . ? A K 103 ? 1_555 O6 ? A DG 25 ? A DG 25 ? 1_555 73.6  ? 
84 O6 ? A DG 23 ? A DG 23 ? 1_555 K ? D K . ? A K 103 ? 1_555 O6 ? A DG 25 ? A DG 25 ? 1_555 90.7  ? 
# 
loop_
_pdbx_audit_revision_history.ordinal 
_pdbx_audit_revision_history.data_content_type 
_pdbx_audit_revision_history.major_revision 
_pdbx_audit_revision_history.minor_revision 
_pdbx_audit_revision_history.revision_date 
1 'Structure model' 1 0 2021-02-10 
2 'Structure model' 1 1 2021-03-03 
3 'Structure model' 1 2 2023-11-29 
# 
_pdbx_audit_revision_details.ordinal             1 
_pdbx_audit_revision_details.revision_ordinal    1 
_pdbx_audit_revision_details.data_content_type   'Structure model' 
_pdbx_audit_revision_details.provider            repository 
_pdbx_audit_revision_details.type                'Initial release' 
_pdbx_audit_revision_details.description         ? 
_pdbx_audit_revision_details.details             ? 
# 
loop_
_pdbx_audit_revision_group.ordinal 
_pdbx_audit_revision_group.revision_ordinal 
_pdbx_audit_revision_group.data_content_type 
_pdbx_audit_revision_group.group 
1 2 'Structure model' 'Database references'    
2 3 'Structure model' 'Data collection'        
3 3 'Structure model' 'Database references'    
4 3 'Structure model' 'Refinement description' 
# 
loop_
_pdbx_audit_revision_category.ordinal 
_pdbx_audit_revision_category.revision_ordinal 
_pdbx_audit_revision_category.data_content_type 
_pdbx_audit_revision_category.category 
1 2 'Structure model' citation                      
2 3 'Structure model' chem_comp_atom                
3 3 'Structure model' chem_comp_bond                
4 3 'Structure model' database_2                    
5 3 'Structure model' pdbx_initial_refinement_model 
# 
loop_
_pdbx_audit_revision_item.ordinal 
_pdbx_audit_revision_item.revision_ordinal 
_pdbx_audit_revision_item.data_content_type 
_pdbx_audit_revision_item.item 
1 2 'Structure model' '_citation.journal_volume'            
2 2 'Structure model' '_citation.page_first'                
3 2 'Structure model' '_citation.page_last'                 
4 3 'Structure model' '_database_2.pdbx_DOI'                
5 3 'Structure model' '_database_2.pdbx_database_accession' 
# 
loop_
_space_group_symop.id 
_space_group_symop.operation_xyz 
1 x,y,z       
2 -x,y+1/2,-z 
# 
loop_
_software.citation_id 
_software.classification 
_software.compiler_name 
_software.compiler_version 
_software.contact_author 
_software.contact_author_email 
_software.date 
_software.description 
_software.dependencies 
_software.hardware 
_software.language 
_software.location 
_software.mods 
_software.name 
_software.os 
_software.os_version 
_software.type 
_software.version 
_software.pdbx_ordinal 
? refinement       ? ? ? ? ? ? ? ? ? ? ? REFMAC ? ? ? 5.8.0158 1 
? 'data reduction' ? ? ? ? ? ? ? ? ? ? ? XDS    ? ? ? .        2 
? 'data scaling'   ? ? ? ? ? ? ? ? ? ? ? XDS    ? ? ? .        3 
? phasing          ? ? ? ? ? ? ? ? ? ? ? PHASER ? ? ? .        4 
# 
_pdbx_entry_details.entry_id                 7D5D 
_pdbx_entry_details.nonpolymer_details       ? 
_pdbx_entry_details.sequence_details         ? 
_pdbx_entry_details.compound_details         ? 
_pdbx_entry_details.source_details           ? 
_pdbx_entry_details.has_ligand_of_interest   N 
# 
loop_
_pdbx_validate_close_contact.id 
_pdbx_validate_close_contact.PDB_model_num 
_pdbx_validate_close_contact.auth_atom_id_1 
_pdbx_validate_close_contact.auth_asym_id_1 
_pdbx_validate_close_contact.auth_comp_id_1 
_pdbx_validate_close_contact.auth_seq_id_1 
_pdbx_validate_close_contact.PDB_ins_code_1 
_pdbx_validate_close_contact.label_alt_id_1 
_pdbx_validate_close_contact.auth_atom_id_2 
_pdbx_validate_close_contact.auth_asym_id_2 
_pdbx_validate_close_contact.auth_comp_id_2 
_pdbx_validate_close_contact.auth_seq_id_2 
_pdbx_validate_close_contact.PDB_ins_code_2 
_pdbx_validate_close_contact.label_alt_id_2 
_pdbx_validate_close_contact.dist 
1 1 O A HOH 235 ? ? O A HOH 287 ? ? 1.58 
2 1 O A HOH 201 ? ? O A HOH 270 ? ? 1.78 
3 1 O A HOH 333 ? ? O A HOH 356 ? ? 2.02 
4 1 O A HOH 261 ? ? O A HOH 325 ? ? 2.03 
5 1 O A HOH 315 ? ? O A HOH 331 ? ? 2.12 
6 1 O A HOH 232 ? ? O A HOH 277 ? ? 2.19 
# 
_pdbx_validate_rmsd_bond.id                        1 
_pdbx_validate_rmsd_bond.PDB_model_num             1 
_pdbx_validate_rmsd_bond.auth_atom_id_1            P 
_pdbx_validate_rmsd_bond.auth_asym_id_1            A 
_pdbx_validate_rmsd_bond.auth_comp_id_1            DG 
_pdbx_validate_rmsd_bond.auth_seq_id_1             23 
_pdbx_validate_rmsd_bond.PDB_ins_code_1            ? 
_pdbx_validate_rmsd_bond.label_alt_id_1            ? 
_pdbx_validate_rmsd_bond.auth_atom_id_2            "O5'" 
_pdbx_validate_rmsd_bond.auth_asym_id_2            A 
_pdbx_validate_rmsd_bond.auth_comp_id_2            DG 
_pdbx_validate_rmsd_bond.auth_seq_id_2             23 
_pdbx_validate_rmsd_bond.PDB_ins_code_2            ? 
_pdbx_validate_rmsd_bond.label_alt_id_2            ? 
_pdbx_validate_rmsd_bond.bond_value                1.655 
_pdbx_validate_rmsd_bond.bond_target_value         1.593 
_pdbx_validate_rmsd_bond.bond_deviation            0.062 
_pdbx_validate_rmsd_bond.bond_standard_deviation   0.010 
_pdbx_validate_rmsd_bond.linker_flag               N 
# 
loop_
_pdbx_validate_planes.id 
_pdbx_validate_planes.PDB_model_num 
_pdbx_validate_planes.auth_comp_id 
_pdbx_validate_planes.auth_asym_id 
_pdbx_validate_planes.auth_seq_id 
_pdbx_validate_planes.PDB_ins_code 
_pdbx_validate_planes.label_alt_id 
_pdbx_validate_planes.rmsd 
_pdbx_validate_planes.type 
1 1 DG A 1  ? ? 0.106 'SIDE CHAIN' 
2 1 DG A 8  ? ? 0.051 'SIDE CHAIN' 
3 1 DG A 11 ? ? 0.069 'SIDE CHAIN' 
4 1 DT A 15 ? ? 0.070 'SIDE CHAIN' 
5 1 DG A 16 ? ? 0.061 'SIDE CHAIN' 
6 1 DG A 19 ? ? 0.057 'SIDE CHAIN' 
# 
loop_
_pdbx_distant_solvent_atoms.id 
_pdbx_distant_solvent_atoms.PDB_model_num 
_pdbx_distant_solvent_atoms.auth_atom_id 
_pdbx_distant_solvent_atoms.label_alt_id 
_pdbx_distant_solvent_atoms.auth_asym_id 
_pdbx_distant_solvent_atoms.auth_comp_id 
_pdbx_distant_solvent_atoms.auth_seq_id 
_pdbx_distant_solvent_atoms.PDB_ins_code 
_pdbx_distant_solvent_atoms.neighbor_macromolecule_distance 
_pdbx_distant_solvent_atoms.neighbor_ligand_distance 
1 1 O ? A HOH 357 ? 6.55 . 
2 1 O ? A HOH 358 ? 6.69 . 
# 
loop_
_chem_comp_atom.comp_id 
_chem_comp_atom.atom_id 
_chem_comp_atom.type_symbol 
_chem_comp_atom.pdbx_aromatic_flag 
_chem_comp_atom.pdbx_stereo_config 
_chem_comp_atom.pdbx_ordinal 
DG  OP3    O N N 1   
DG  P      P N N 2   
DG  OP1    O N N 3   
DG  OP2    O N N 4   
DG  "O5'"  O N N 5   
DG  "C5'"  C N N 6   
DG  "C4'"  C N R 7   
DG  "O4'"  O N N 8   
DG  "C3'"  C N S 9   
DG  "O3'"  O N N 10  
DG  "C2'"  C N N 11  
DG  "C1'"  C N R 12  
DG  N9     N Y N 13  
DG  C8     C Y N 14  
DG  N7     N Y N 15  
DG  C5     C Y N 16  
DG  C6     C N N 17  
DG  O6     O N N 18  
DG  N1     N N N 19  
DG  C2     C N N 20  
DG  N2     N N N 21  
DG  N3     N N N 22  
DG  C4     C Y N 23  
DG  HOP3   H N N 24  
DG  HOP2   H N N 25  
DG  "H5'"  H N N 26  
DG  "H5''" H N N 27  
DG  "H4'"  H N N 28  
DG  "H3'"  H N N 29  
DG  "HO3'" H N N 30  
DG  "H2'"  H N N 31  
DG  "H2''" H N N 32  
DG  "H1'"  H N N 33  
DG  H8     H N N 34  
DG  H1     H N N 35  
DG  H21    H N N 36  
DG  H22    H N N 37  
DT  OP3    O N N 38  
DT  P      P N N 39  
DT  OP1    O N N 40  
DT  OP2    O N N 41  
DT  "O5'"  O N N 42  
DT  "C5'"  C N N 43  
DT  "C4'"  C N R 44  
DT  "O4'"  O N N 45  
DT  "C3'"  C N S 46  
DT  "O3'"  O N N 47  
DT  "C2'"  C N N 48  
DT  "C1'"  C N R 49  
DT  N1     N N N 50  
DT  C2     C N N 51  
DT  O2     O N N 52  
DT  N3     N N N 53  
DT  C4     C N N 54  
DT  O4     O N N 55  
DT  C5     C N N 56  
DT  C7     C N N 57  
DT  C6     C N N 58  
DT  HOP3   H N N 59  
DT  HOP2   H N N 60  
DT  "H5'"  H N N 61  
DT  "H5''" H N N 62  
DT  "H4'"  H N N 63  
DT  "H3'"  H N N 64  
DT  "HO3'" H N N 65  
DT  "H2'"  H N N 66  
DT  "H2''" H N N 67  
DT  "H1'"  H N N 68  
DT  H3     H N N 69  
DT  H71    H N N 70  
DT  H72    H N N 71  
DT  H73    H N N 72  
DT  H6     H N N 73  
HOH O      O N N 74  
HOH H1     H N N 75  
HOH H2     H N N 76  
K   K      K N N 77  
SPM N1     N N N 78  
SPM C2     C N N 79  
SPM C3     C N N 80  
SPM C4     C N N 81  
SPM N5     N N N 82  
SPM C6     C N N 83  
SPM C7     C N N 84  
SPM C8     C N N 85  
SPM C9     C N N 86  
SPM N10    N N N 87  
SPM C11    C N N 88  
SPM C12    C N N 89  
SPM C13    C N N 90  
SPM N14    N N N 91  
SPM HN11   H N N 92  
SPM HN12   H N N 93  
SPM H21    H N N 94  
SPM H22    H N N 95  
SPM H31    H N N 96  
SPM H32    H N N 97  
SPM H41    H N N 98  
SPM H42    H N N 99  
SPM HN5    H N N 100 
SPM H61    H N N 101 
SPM H62    H N N 102 
SPM H71    H N N 103 
SPM H72    H N N 104 
SPM H81    H N N 105 
SPM H82    H N N 106 
SPM H91    H N N 107 
SPM H92    H N N 108 
SPM HN0    H N N 109 
SPM H111   H N N 110 
SPM H112   H N N 111 
SPM H121   H N N 112 
SPM H122   H N N 113 
SPM H131   H N N 114 
SPM H132   H N N 115 
SPM HN41   H N N 116 
SPM HN42   H N N 117 
# 
loop_
_chem_comp_bond.comp_id 
_chem_comp_bond.atom_id_1 
_chem_comp_bond.atom_id_2 
_chem_comp_bond.value_order 
_chem_comp_bond.pdbx_aromatic_flag 
_chem_comp_bond.pdbx_stereo_config 
_chem_comp_bond.pdbx_ordinal 
DG  OP3   P      sing N N 1   
DG  OP3   HOP3   sing N N 2   
DG  P     OP1    doub N N 3   
DG  P     OP2    sing N N 4   
DG  P     "O5'"  sing N N 5   
DG  OP2   HOP2   sing N N 6   
DG  "O5'" "C5'"  sing N N 7   
DG  "C5'" "C4'"  sing N N 8   
DG  "C5'" "H5'"  sing N N 9   
DG  "C5'" "H5''" sing N N 10  
DG  "C4'" "O4'"  sing N N 11  
DG  "C4'" "C3'"  sing N N 12  
DG  "C4'" "H4'"  sing N N 13  
DG  "O4'" "C1'"  sing N N 14  
DG  "C3'" "O3'"  sing N N 15  
DG  "C3'" "C2'"  sing N N 16  
DG  "C3'" "H3'"  sing N N 17  
DG  "O3'" "HO3'" sing N N 18  
DG  "C2'" "C1'"  sing N N 19  
DG  "C2'" "H2'"  sing N N 20  
DG  "C2'" "H2''" sing N N 21  
DG  "C1'" N9     sing N N 22  
DG  "C1'" "H1'"  sing N N 23  
DG  N9    C8     sing Y N 24  
DG  N9    C4     sing Y N 25  
DG  C8    N7     doub Y N 26  
DG  C8    H8     sing N N 27  
DG  N7    C5     sing Y N 28  
DG  C5    C6     sing N N 29  
DG  C5    C4     doub Y N 30  
DG  C6    O6     doub N N 31  
DG  C6    N1     sing N N 32  
DG  N1    C2     sing N N 33  
DG  N1    H1     sing N N 34  
DG  C2    N2     sing N N 35  
DG  C2    N3     doub N N 36  
DG  N2    H21    sing N N 37  
DG  N2    H22    sing N N 38  
DG  N3    C4     sing N N 39  
DT  OP3   P      sing N N 40  
DT  OP3   HOP3   sing N N 41  
DT  P     OP1    doub N N 42  
DT  P     OP2    sing N N 43  
DT  P     "O5'"  sing N N 44  
DT  OP2   HOP2   sing N N 45  
DT  "O5'" "C5'"  sing N N 46  
DT  "C5'" "C4'"  sing N N 47  
DT  "C5'" "H5'"  sing N N 48  
DT  "C5'" "H5''" sing N N 49  
DT  "C4'" "O4'"  sing N N 50  
DT  "C4'" "C3'"  sing N N 51  
DT  "C4'" "H4'"  sing N N 52  
DT  "O4'" "C1'"  sing N N 53  
DT  "C3'" "O3'"  sing N N 54  
DT  "C3'" "C2'"  sing N N 55  
DT  "C3'" "H3'"  sing N N 56  
DT  "O3'" "HO3'" sing N N 57  
DT  "C2'" "C1'"  sing N N 58  
DT  "C2'" "H2'"  sing N N 59  
DT  "C2'" "H2''" sing N N 60  
DT  "C1'" N1     sing N N 61  
DT  "C1'" "H1'"  sing N N 62  
DT  N1    C2     sing N N 63  
DT  N1    C6     sing N N 64  
DT  C2    O2     doub N N 65  
DT  C2    N3     sing N N 66  
DT  N3    C4     sing N N 67  
DT  N3    H3     sing N N 68  
DT  C4    O4     doub N N 69  
DT  C4    C5     sing N N 70  
DT  C5    C7     sing N N 71  
DT  C5    C6     doub N N 72  
DT  C7    H71    sing N N 73  
DT  C7    H72    sing N N 74  
DT  C7    H73    sing N N 75  
DT  C6    H6     sing N N 76  
HOH O     H1     sing N N 77  
HOH O     H2     sing N N 78  
SPM N1    C2     sing N N 79  
SPM N1    HN11   sing N N 80  
SPM N1    HN12   sing N N 81  
SPM C2    C3     sing N N 82  
SPM C2    H21    sing N N 83  
SPM C2    H22    sing N N 84  
SPM C3    C4     sing N N 85  
SPM C3    H31    sing N N 86  
SPM C3    H32    sing N N 87  
SPM C4    N5     sing N N 88  
SPM C4    H41    sing N N 89  
SPM C4    H42    sing N N 90  
SPM N5    C6     sing N N 91  
SPM N5    HN5    sing N N 92  
SPM C6    C7     sing N N 93  
SPM C6    H61    sing N N 94  
SPM C6    H62    sing N N 95  
SPM C7    C8     sing N N 96  
SPM C7    H71    sing N N 97  
SPM C7    H72    sing N N 98  
SPM C8    C9     sing N N 99  
SPM C8    H81    sing N N 100 
SPM C8    H82    sing N N 101 
SPM C9    N10    sing N N 102 
SPM C9    H91    sing N N 103 
SPM C9    H92    sing N N 104 
SPM N10   C11    sing N N 105 
SPM N10   HN0    sing N N 106 
SPM C11   C12    sing N N 107 
SPM C11   H111   sing N N 108 
SPM C11   H112   sing N N 109 
SPM C12   C13    sing N N 110 
SPM C12   H121   sing N N 111 
SPM C12   H122   sing N N 112 
SPM C13   N14    sing N N 113 
SPM C13   H131   sing N N 114 
SPM C13   H132   sing N N 115 
SPM N14   HN41   sing N N 116 
SPM N14   HN42   sing N N 117 
# 
loop_
_ndb_struct_conf_na.entry_id 
_ndb_struct_conf_na.feature 
7D5D 'double helix'  
7D5D 'internal loop' 
7D5D 'triple helix'  
# 
loop_
_ndb_struct_na_base_pair.model_number 
_ndb_struct_na_base_pair.i_label_asym_id 
_ndb_struct_na_base_pair.i_label_comp_id 
_ndb_struct_na_base_pair.i_label_seq_id 
_ndb_struct_na_base_pair.i_symmetry 
_ndb_struct_na_base_pair.j_label_asym_id 
_ndb_struct_na_base_pair.j_label_comp_id 
_ndb_struct_na_base_pair.j_label_seq_id 
_ndb_struct_na_base_pair.j_symmetry 
_ndb_struct_na_base_pair.shear 
_ndb_struct_na_base_pair.stretch 
_ndb_struct_na_base_pair.stagger 
_ndb_struct_na_base_pair.buckle 
_ndb_struct_na_base_pair.propeller 
_ndb_struct_na_base_pair.opening 
_ndb_struct_na_base_pair.pair_number 
_ndb_struct_na_base_pair.pair_name 
_ndb_struct_na_base_pair.i_auth_asym_id 
_ndb_struct_na_base_pair.i_auth_seq_id 
_ndb_struct_na_base_pair.i_PDB_ins_code 
_ndb_struct_na_base_pair.j_auth_asym_id 
_ndb_struct_na_base_pair.j_auth_seq_id 
_ndb_struct_na_base_pair.j_PDB_ins_code 
_ndb_struct_na_base_pair.hbond_type_28 
_ndb_struct_na_base_pair.hbond_type_12 
1 A DG 1  1_555 A DG 11 1_555 -1.579 -3.422 -0.042 3.639  -4.367 89.701  1 A_DG1:DG11_A  A 1  ? A 11 ? 6 3 
1 A DG 2  1_555 A DG 12 1_555 -1.532 -3.568 0.015  -1.357 1.839  89.125  2 A_DG2:DG12_A  A 2  ? A 12 ? 6 3 
1 A DG 23 1_555 A DG 14 1_555 1.415  3.639  0.161  -6.785 -0.146 -89.789 3 A_DG23:DG14_A A 23 ? A 14 ? 6 3 
1 A DG 25 1_555 A DG 16 1_555 1.649  3.460  -0.264 -0.083 7.384  -88.877 4 A_DG25:DG16_A A 25 ? A 16 ? 6 3 
1 A DG 19 1_555 A DG 22 1_555 1.638  3.451  -0.012 -7.662 2.805  -89.717 5 A_DG19:DG22_A A 19 ? A 22 ? 6 3 
1 A DG 20 1_555 A DG 17 1_555 -1.440 -3.590 0.002  3.698  -2.501 90.296  6 A_DG20:DG17_A A 20 ? A 17 ? 6 3 
1 A DG 6  1_555 A DG 9  1_555 1.451  3.583  -0.015 -2.291 0.951  -89.996 7 A_DG6:DG9_A   A 6  ? A 9  ? 6 3 
# 
loop_
_ndb_struct_na_base_pair_step.model_number 
_ndb_struct_na_base_pair_step.i_label_asym_id_1 
_ndb_struct_na_base_pair_step.i_label_comp_id_1 
_ndb_struct_na_base_pair_step.i_label_seq_id_1 
_ndb_struct_na_base_pair_step.i_symmetry_1 
_ndb_struct_na_base_pair_step.j_label_asym_id_1 
_ndb_struct_na_base_pair_step.j_label_comp_id_1 
_ndb_struct_na_base_pair_step.j_label_seq_id_1 
_ndb_struct_na_base_pair_step.j_symmetry_1 
_ndb_struct_na_base_pair_step.i_label_asym_id_2 
_ndb_struct_na_base_pair_step.i_label_comp_id_2 
_ndb_struct_na_base_pair_step.i_label_seq_id_2 
_ndb_struct_na_base_pair_step.i_symmetry_2 
_ndb_struct_na_base_pair_step.j_label_asym_id_2 
_ndb_struct_na_base_pair_step.j_label_comp_id_2 
_ndb_struct_na_base_pair_step.j_label_seq_id_2 
_ndb_struct_na_base_pair_step.j_symmetry_2 
_ndb_struct_na_base_pair_step.shift 
_ndb_struct_na_base_pair_step.slide 
_ndb_struct_na_base_pair_step.rise 
_ndb_struct_na_base_pair_step.tilt 
_ndb_struct_na_base_pair_step.roll 
_ndb_struct_na_base_pair_step.twist 
_ndb_struct_na_base_pair_step.x_displacement 
_ndb_struct_na_base_pair_step.y_displacement 
_ndb_struct_na_base_pair_step.helical_rise 
_ndb_struct_na_base_pair_step.inclination 
_ndb_struct_na_base_pair_step.tip 
_ndb_struct_na_base_pair_step.helical_twist 
_ndb_struct_na_base_pair_step.step_number 
_ndb_struct_na_base_pair_step.step_name 
_ndb_struct_na_base_pair_step.i_auth_asym_id_1 
_ndb_struct_na_base_pair_step.i_auth_seq_id_1 
_ndb_struct_na_base_pair_step.i_PDB_ins_code_1 
_ndb_struct_na_base_pair_step.j_auth_asym_id_1 
_ndb_struct_na_base_pair_step.j_auth_seq_id_1 
_ndb_struct_na_base_pair_step.j_PDB_ins_code_1 
_ndb_struct_na_base_pair_step.i_auth_asym_id_2 
_ndb_struct_na_base_pair_step.i_auth_seq_id_2 
_ndb_struct_na_base_pair_step.i_PDB_ins_code_2 
_ndb_struct_na_base_pair_step.j_auth_asym_id_2 
_ndb_struct_na_base_pair_step.j_auth_seq_id_2 
_ndb_struct_na_base_pair_step.j_PDB_ins_code_2 
1 A DG 1  1_555 A DG 11 1_555 A DG 2  1_555 A DG 12 1_555 -0.330 -1.019 -3.396 0.014    -0.124  28.958  -2.067 0.657  -3.392 
-0.248 -0.028 28.958  1 AA_DG1DG2:DG12DG11_AA   A 1  ? A 11 ? A 2  ? A 12 ? 
1 A DG 2  1_555 A DG 12 1_555 A DG 23 1_555 A DG 14 1_555 3.607  1.078  0.054  -121.291 129.815 168.321 0.540  -1.803 -0.117 
64.912 60.650 179.762 2 AA_DG2DG23:DG14DG12_AA  A 2  ? A 12 ? A 23 ? A 14 ? 
1 A DG 23 1_555 A DG 14 1_555 A DG 25 1_555 A DG 16 1_555 -0.929 -1.704 3.386  3.972    -0.814  66.115  -1.526 1.014  3.350  
-0.746 -3.638 66.225  3 AA_DG23DG25:DG16DG14_AA A 23 ? A 14 ? A 25 ? A 16 ? 
1 A DG 19 1_555 A DG 22 1_555 A DG 20 1_555 A DG 17 1_555 0.468  1.886  -3.365 -2.836   2.416   -65.179 -1.645 0.555  -3.404 
-2.241 -2.631 -65.273 4 AA_DG19DG20:DG17DG22_AA A 19 ? A 22 ? A 20 ? A 17 ? 
1 A DG 20 1_555 A DG 17 1_555 A DG 6  1_555 A DG 9  1_555 3.504  1.353  0.100  -121.859 129.637 171.127 0.675  -1.753 -0.009 
64.821 60.931 179.839 5 AA_DG20DG6:DG9DG17_AA   A 20 ? A 17 ? A 6  ? A 9  ? 
# 
_pdbx_audit_support.funding_organization   'National Research Foundation (NRF, Singapore)' 
_pdbx_audit_support.country                Singapore 
_pdbx_audit_support.grant_number           NRF-NRFI2017-09 
_pdbx_audit_support.ordinal                1 
# 
loop_
_pdbx_entity_nonpoly.entity_id 
_pdbx_entity_nonpoly.name 
_pdbx_entity_nonpoly.comp_id 
2 SPERMINE        SPM 
3 'POTASSIUM ION' K   
4 water           HOH 
# 
_pdbx_initial_refinement_model.id               1 
_pdbx_initial_refinement_model.entity_id_list   ? 
_pdbx_initial_refinement_model.type             'experimental model' 
_pdbx_initial_refinement_model.source_name      PDB 
_pdbx_initial_refinement_model.accession_code   4U5M 
_pdbx_initial_refinement_model.details          ? 
# 
_pdbx_struct_assembly_auth_evidence.id                     1 
_pdbx_struct_assembly_auth_evidence.assembly_id            1 
_pdbx_struct_assembly_auth_evidence.experimental_support   none 
_pdbx_struct_assembly_auth_evidence.details                ? 
# 
_space_group.crystal_system   monoclinic 
_space_group.name_H-M_alt     'P 1 21 1' 
_space_group.IT_number        4 
_space_group.name_Hall        'P 2yb' 
_space_group.id               1 
# 
